data_4C10
#
_entry.id   4C10
#
_cell.length_a   1.000
_cell.length_b   1.000
_cell.length_c   1.000
_cell.angle_alpha   90.00
_cell.angle_beta   90.00
_cell.angle_gamma   90.00
#
_symmetry.space_group_name_H-M   'P 1'
#
loop_
_entity.id
_entity.type
_entity.pdbx_description
1 polymer 'EV19 5 C1-6 F1 C11'
2 polymer 'EV19 5 C1-6 F1 C11'
3 polymer VP1
4 polymer VP3
5 polymer VP2
6 polymer VP4
7 non-polymer SPHINGOSINE
8 non-polymer 'SODIUM ION'
9 non-polymer 'CHLORIDE ION'
#
loop_
_entity_poly.entity_id
_entity_poly.type
_entity_poly.pdbx_seq_one_letter_code
_entity_poly.pdbx_strand_id
1 'polypeptide(L)'
;(UNK)(UNK)(UNK)(UNK)(UNK)(UNK)(UNK)(UNK)(UNK)(UNK)(UNK)(UNK)(UNK)(UNK)(UNK)(UNK)
(UNK)(UNK)(UNK)(UNK)(UNK)(UNK)(UNK)(UNK)(UNK)(UNK)(UNK)(UNK)(UNK)(UNK)(UNK)(UNK)
(UNK)(UNK)(UNK)(UNK)(UNK)(UNK)(UNK)(UNK)(UNK)(UNK)(UNK)(UNK)(UNK)(UNK)(UNK)(UNK)
(UNK)(UNK)(UNK)(UNK)(UNK)(UNK)(UNK)(UNK)(UNK)(UNK)(UNK)(UNK)(UNK)(UNK)(UNK)(UNK)
(UNK)(UNK)(UNK)(UNK)(UNK)(UNK)(UNK)(UNK)(UNK)(UNK)(UNK)(UNK)(UNK)(UNK)(UNK)(UNK)
(UNK)(UNK)(UNK)(UNK)(UNK)(UNK)(UNK)(UNK)(UNK)(UNK)(UNK)(UNK)(UNK)(UNK)(UNK)(UNK)
(UNK)(UNK)(UNK)(UNK)(UNK)(UNK)(UNK)(UNK)(UNK)(UNK)(UNK)(UNK)(UNK)(UNK)(UNK)(UNK)
(UNK)(UNK)(UNK)(UNK)(UNK)(UNK)(UNK)(UNK)(UNK)(UNK)(UNK)(UNK)(UNK)(UNK)(UNK)(UNK)
(UNK)(UNK)(UNK)(UNK)(UNK)(UNK)(UNK)(UNK)(UNK)(UNK)(UNK)(UNK)(UNK)(UNK)(UNK)(UNK)
(UNK)(UNK)(UNK)(UNK)(UNK)(UNK)(UNK)(UNK)(UNK)(UNK)(UNK)(UNK)(UNK)(UNK)(UNK)(UNK)
(UNK)(UNK)(UNK)(UNK)(UNK)(UNK)(UNK)(UNK)(UNK)(UNK)(UNK)(UNK)(UNK)(UNK)(UNK)(UNK)
(UNK)(UNK)(UNK)(UNK)(UNK)(UNK)(UNK)(UNK)(UNK)(UNK)(UNK)(UNK)(UNK)(UNK)(UNK)(UNK)
(UNK)(UNK)(UNK)(UNK)(UNK)(UNK)(UNK)(UNK)(UNK)(UNK)(UNK)(UNK)(UNK)(UNK)(UNK)(UNK)
(UNK)(UNK)(UNK)(UNK)(UNK)(UNK)(UNK)(UNK)(UNK)
;
4
2 'polypeptide(L)'
;(UNK)(UNK)(UNK)(UNK)(UNK)(UNK)(UNK)(UNK)(UNK)(UNK)(UNK)(UNK)(UNK)(UNK)(UNK)(UNK)
(UNK)(UNK)(UNK)(UNK)(UNK)(UNK)(UNK)(UNK)(UNK)(UNK)(UNK)(UNK)(UNK)(UNK)(UNK)(UNK)
(UNK)(UNK)(UNK)(UNK)(UNK)(UNK)(UNK)(UNK)(UNK)(UNK)(UNK)(UNK)(UNK)(UNK)(UNK)(UNK)
(UNK)(UNK)(UNK)(UNK)(UNK)(UNK)(UNK)(UNK)(UNK)(UNK)(UNK)(UNK)(UNK)(UNK)(UNK)(UNK)
(UNK)(UNK)(UNK)(UNK)(UNK)(UNK)(UNK)(UNK)(UNK)(UNK)(UNK)(UNK)(UNK)(UNK)(UNK)(UNK)
(UNK)(UNK)(UNK)(UNK)(UNK)(UNK)(UNK)(UNK)(UNK)(UNK)(UNK)(UNK)(UNK)(UNK)(UNK)(UNK)
(UNK)(UNK)(UNK)(UNK)(UNK)(UNK)(UNK)(UNK)(UNK)(UNK)(UNK)(UNK)(UNK)(UNK)(UNK)(UNK)
(UNK)(UNK)(UNK)(UNK)(UNK)(UNK)(UNK)(UNK)(UNK)(UNK)(UNK)(UNK)(UNK)(UNK)(UNK)(UNK)
(UNK)(UNK)(UNK)(UNK)(UNK)(UNK)(UNK)(UNK)(UNK)(UNK)(UNK)(UNK)(UNK)(UNK)(UNK)(UNK)
(UNK)(UNK)(UNK)(UNK)(UNK)(UNK)(UNK)(UNK)(UNK)(UNK)(UNK)(UNK)(UNK)(UNK)(UNK)(UNK)
(UNK)(UNK)(UNK)(UNK)(UNK)(UNK)(UNK)(UNK)(UNK)(UNK)(UNK)(UNK)(UNK)(UNK)(UNK)(UNK)
(UNK)(UNK)(UNK)(UNK)(UNK)(UNK)(UNK)(UNK)(UNK)(UNK)(UNK)(UNK)(UNK)(UNK)(UNK)(UNK)
(UNK)(UNK)(UNK)(UNK)(UNK)(UNK)(UNK)(UNK)(UNK)(UNK)(UNK)(UNK)(UNK)(UNK)(UNK)(UNK)
(UNK)(UNK)(UNK)(UNK)(UNK)(UNK)(UNK)(UNK)(UNK)(UNK)(UNK)(UNK)
;
5
3 'polypeptide(L)'
;GDRVADVIESSIGDSVSRALTQALPAPTGQNTQVSSHRLDTGEVPALQAAEIGASSNTSDESMIETRCVLNSHSTAETTL
DSFFSRAGLVGEIDLPLEGTTNPNGYANWDIDITGYAQMRRKVELFTYMRFDAEFTFVACTPTGQVVPQLLQYMFVPPGA
PKPESRESLAWQTATNPSVFVKLTDPPAQVSVPFMSPASAYQWFYDGYPTFGEHKQEKDLEYGACPNNMMGTFSVRNVGS
SKSKYPLVVRIYMRMKHVRAWIPRPMRNQNYLFKANPNYAGNSIKPTGTSRTAITTLG
;
A
4 'polypeptide(L)'
;SPSAEACGYSDRVAQLTIGNSTITTQEAANIIVGYGEWPSYCSDDDATAVDKPTRPDVSVNRFYTLDTKLWEKSSKGWYW
KFPDVLTETGVFGQNAQFHYLYRSGFCIHVQCNASKFHQGALLVAILPEYVIGTVAGGTGTEDSHPPYKQTQPGADGFEL
QHPYVLDAGIPISQLTVCPHQWINLRTNNCATIIVPYMNTLPFDSALNHCNFGLLVVPISPLDFDQGATPVIPITITLAP
MCSEFAGLRQAVTQ
;
B
5 'polypeptide(L)'
;GFPTEPKPGTNQFLTTDDGVSAPILPNFHPTPCIHIPGEVRNLLELCQVETILEVNNVPTNATSLMERLRFPVSAQAGKG
ELCAVFRADPGRDGPWQSTMLGQLCGYYTQWSGSLEVTFMFTGSFMATGKMLIAYTPPGGPLPKDRATAMLGTHVIWDFG
LQSSVTLVIPWISNTHYRAHARDGVFDYYTTGLVSIWYQTNYVVPIGAPNTAYIIALAAAQKNFTMKLCKDTSHILQTAS
IQ
;
C
6 'polypeptide(L)' MGSQVSTQRSGSHENSNSATEGSTINYTTINYYKDSYAATAGKQSLKQDPDKFANPVKDIFTEMAAPLK D
#
loop_
_chem_comp.id
_chem_comp.type
_chem_comp.name
_chem_comp.formula
CL non-polymer 'CHLORIDE ION' 'Cl -1'
NA non-polymer 'SODIUM ION' 'Na 1'
SPH non-polymer SPHINGOSINE 'C18 H37 N O2'
#
# COMPACT_ATOMS: atom_id res chain seq x y z
N UNK A 1 9.79 6.86 -27.81
CA UNK A 1 9.11 7.76 -26.87
C UNK A 1 7.66 7.44 -27.07
N UNK A 2 6.79 7.43 -26.03
CA UNK A 2 5.36 7.20 -26.33
C UNK A 2 4.80 8.61 -26.57
N UNK A 3 3.94 8.81 -27.54
CA UNK A 3 3.39 10.13 -27.77
C UNK A 3 1.87 10.19 -27.40
N UNK A 4 1.37 11.18 -26.66
CA UNK A 4 -0.04 11.23 -26.30
C UNK A 4 -0.61 12.35 -27.14
N UNK A 5 -1.84 12.10 -27.59
CA UNK A 5 -2.58 12.96 -28.46
C UNK A 5 -3.97 13.26 -27.91
N UNK A 6 -4.17 14.42 -27.27
CA UNK A 6 -5.49 14.73 -26.72
C UNK A 6 -6.47 15.28 -27.73
N UNK A 7 -7.76 14.96 -27.70
CA UNK A 7 -8.81 15.48 -28.58
C UNK A 7 -9.93 15.91 -27.67
N UNK A 8 -10.78 16.96 -27.89
CA UNK A 8 -10.52 18.14 -28.68
C UNK A 8 -9.35 18.96 -28.11
N UNK A 9 -8.87 20.07 -28.69
CA UNK A 9 -7.91 20.92 -27.94
C UNK A 9 -8.53 22.12 -27.23
N UNK A 10 -9.78 22.41 -27.42
CA UNK A 10 -10.52 23.42 -26.74
C UNK A 10 -11.96 23.01 -27.02
N UNK A 11 -12.78 23.04 -26.00
CA UNK A 11 -14.19 22.69 -26.17
C UNK A 11 -14.88 23.71 -25.31
N UNK A 12 -16.09 24.04 -25.74
CA UNK A 12 -16.91 25.04 -25.08
C UNK A 12 -18.02 24.17 -24.63
N UNK A 13 -18.51 24.35 -23.43
CA UNK A 13 -19.55 23.50 -22.92
C UNK A 13 -20.41 24.27 -21.94
N UNK A 14 -21.69 23.99 -22.09
CA UNK A 14 -22.68 24.63 -21.25
C UNK A 14 -22.66 23.99 -19.84
N UNK A 15 -22.95 24.77 -18.77
CA UNK A 15 -23.01 24.33 -17.38
C UNK A 15 -24.03 23.25 -17.14
N UNK A 16 -23.66 22.40 -16.20
CA UNK A 16 -24.40 21.15 -16.02
C UNK A 16 -24.29 20.10 -17.17
N UNK A 17 -23.56 20.31 -18.26
CA UNK A 17 -23.47 19.37 -19.38
C UNK A 17 -22.39 18.35 -19.16
N UNK A 18 -22.08 17.53 -20.16
CA UNK A 18 -21.02 16.55 -20.00
C UNK A 18 -19.82 16.83 -20.91
N UNK A 19 -18.65 17.08 -20.36
CA UNK A 19 -17.48 17.17 -21.19
C UNK A 19 -16.62 15.90 -21.08
N UNK A 20 -16.34 15.24 -22.19
CA UNK A 20 -15.44 14.12 -22.33
C UNK A 20 -14.11 14.54 -23.04
N UNK A 21 -12.94 13.95 -22.71
CA UNK A 21 -11.62 14.37 -23.22
C UNK A 21 -10.82 13.11 -23.50
N UNK A 22 -10.55 12.68 -24.73
CA UNK A 22 -9.81 11.45 -25.04
C UNK A 22 -8.30 11.70 -25.04
N UNK A 23 -7.40 10.76 -24.78
CA UNK A 23 -5.98 10.98 -24.76
C UNK A 23 -5.38 9.69 -25.32
N UNK A 24 -4.86 9.67 -26.55
CA UNK A 24 -4.31 8.48 -27.15
C UNK A 24 -2.78 8.40 -27.06
N UNK A 25 -2.22 7.27 -26.57
CA UNK A 25 -0.79 7.05 -26.42
C UNK A 25 -0.46 6.29 -27.69
N UNK A 26 0.69 6.58 -28.29
CA UNK A 26 1.13 5.98 -29.53
C UNK A 26 1.56 4.51 -29.41
N UNK A 27 1.58 3.90 -28.26
CA UNK A 27 2.10 2.58 -28.00
C UNK A 27 1.58 2.34 -26.59
N UNK A 28 1.31 1.09 -26.15
CA UNK A 28 0.71 0.83 -24.81
C UNK A 28 1.37 1.59 -23.67
N UNK A 29 0.50 2.05 -22.80
CA UNK A 29 0.94 2.68 -21.59
C UNK A 29 0.71 1.68 -20.42
N UNK A 30 0.15 0.46 -20.59
CA UNK A 30 0.03 -0.45 -19.44
C UNK A 30 1.29 -1.25 -19.24
N UNK A 31 1.65 -1.37 -17.97
CA UNK A 31 2.74 -2.20 -17.58
C UNK A 31 2.07 -2.87 -16.45
N UNK A 32 2.56 -4.10 -16.37
CA UNK A 32 2.14 -5.04 -15.35
C UNK A 32 0.61 -5.08 -15.42
N UNK A 33 -0.17 -5.02 -14.34
CA UNK A 33 -1.62 -4.94 -14.55
C UNK A 33 -2.02 -3.54 -14.22
N UNK A 34 -1.34 -2.56 -14.80
CA UNK A 34 -1.57 -1.16 -14.46
C UNK A 34 -1.41 -0.26 -15.67
N UNK A 35 -2.39 0.61 -15.91
CA UNK A 35 -2.28 1.62 -16.91
C UNK A 35 -1.49 2.70 -16.20
N UNK A 36 -0.40 3.29 -16.67
CA UNK A 36 0.27 4.38 -15.99
C UNK A 36 0.11 5.69 -16.79
N UNK A 37 -1.18 6.10 -16.75
CA UNK A 37 -1.88 7.27 -17.31
C UNK A 37 -2.45 8.13 -16.11
N UNK A 38 -2.26 9.44 -16.20
CA UNK A 38 -2.54 10.40 -15.14
C UNK A 38 -3.22 11.60 -15.81
N UNK A 39 -4.14 12.23 -15.09
CA UNK A 39 -4.89 13.33 -15.64
C UNK A 39 -4.73 14.48 -14.68
N UNK A 40 -4.52 15.71 -15.15
CA UNK A 40 -4.28 16.91 -14.37
C UNK A 40 -5.21 18.06 -14.80
N UNK A 41 -5.36 19.00 -13.91
CA UNK A 41 -6.16 20.15 -14.17
C UNK A 41 -5.27 21.39 -14.03
N UNK A 42 -5.13 22.27 -15.02
CA UNK A 42 -4.34 23.46 -14.75
C UNK A 42 -5.14 24.74 -14.84
N UNK A 43 -5.39 25.32 -13.66
CA UNK A 43 -6.06 26.61 -13.65
C UNK A 43 -4.99 27.65 -13.87
N UNK A 44 -5.15 28.72 -14.63
CA UNK A 44 -4.19 29.80 -14.73
C UNK A 44 -3.53 30.16 -13.43
N UNK A 45 -2.19 30.04 -13.50
CA UNK A 45 -1.40 30.43 -12.34
C UNK A 45 -1.34 29.38 -11.22
N UNK A 46 -2.04 28.29 -11.36
CA UNK A 46 -1.85 27.22 -10.42
C UNK A 46 -0.84 26.36 -11.10
N UNK A 47 0.06 25.78 -10.29
CA UNK A 47 0.63 24.48 -10.55
C UNK A 47 -0.45 23.53 -11.06
N UNK A 48 -0.20 22.55 -11.88
CA UNK A 48 -1.15 21.53 -12.17
C UNK A 48 -1.66 20.81 -10.93
N UNK A 49 -2.80 20.17 -11.06
CA UNK A 49 -3.42 19.54 -9.92
C UNK A 49 -3.64 18.16 -10.38
N UNK A 50 -3.10 17.17 -9.62
CA UNK A 50 -3.43 15.81 -9.96
C UNK A 50 -4.94 15.64 -9.70
N UNK A 51 -5.60 14.95 -10.63
CA UNK A 51 -7.01 14.64 -10.56
C UNK A 51 -7.14 13.12 -10.55
N UNK A 52 -6.90 12.45 -11.70
CA UNK A 52 -7.02 11.02 -11.76
C UNK A 52 -5.63 10.40 -11.83
N UNK A 53 -5.39 9.22 -11.27
CA UNK A 53 -4.09 8.68 -11.30
C UNK A 53 -3.78 7.27 -11.69
N UNK A 54 -4.62 6.35 -12.16
CA UNK A 54 -3.99 5.27 -12.95
C UNK A 54 -5.18 5.10 -13.80
N UNK A 55 -5.46 6.03 -14.64
CA UNK A 55 -6.58 5.98 -15.55
C UNK A 55 -7.93 6.02 -14.94
N UNK A 56 -8.24 5.41 -13.81
CA UNK A 56 -9.55 5.51 -13.20
C UNK A 56 -9.74 6.08 -11.76
N UNK A 57 -8.72 5.89 -10.93
CA UNK A 57 -8.85 6.27 -9.53
C UNK A 57 -8.47 7.71 -9.18
N UNK A 58 -9.36 8.40 -8.46
CA UNK A 58 -9.32 9.83 -8.09
C UNK A 58 -8.42 10.04 -6.93
N UNK A 59 -7.95 11.24 -6.95
CA UNK A 59 -7.07 11.66 -5.92
C UNK A 59 -7.83 12.30 -4.82
N UNK A 60 -7.25 12.17 -3.66
CA UNK A 60 -7.59 12.80 -2.37
C UNK A 60 -9.02 13.01 -1.97
N UNK A 61 -9.61 13.91 -2.73
CA UNK A 61 -10.92 14.46 -2.58
C UNK A 61 -10.78 15.60 -3.56
N UNK A 62 -11.17 15.19 -4.77
CA UNK A 62 -11.50 16.08 -5.89
C UNK A 62 -12.85 15.42 -6.21
N UNK A 63 -13.83 16.17 -6.75
CA UNK A 63 -15.26 15.85 -6.74
C UNK A 63 -15.52 14.61 -7.46
N UNK A 64 -16.46 13.74 -7.10
CA UNK A 64 -16.71 12.53 -7.93
C UNK A 64 -17.38 12.80 -9.29
N UNK A 65 -17.53 14.08 -9.70
CA UNK A 65 -18.12 14.43 -10.99
C UNK A 65 -17.19 14.02 -12.12
N UNK A 66 -15.94 13.88 -11.60
CA UNK A 66 -14.76 13.45 -12.26
C UNK A 66 -14.47 11.96 -12.30
N UNK A 67 -14.35 11.38 -13.50
CA UNK A 67 -13.98 10.02 -13.65
C UNK A 67 -13.09 9.80 -14.90
N UNK A 68 -12.35 8.64 -14.91
CA UNK A 68 -11.53 8.18 -16.00
C UNK A 68 -11.61 6.66 -16.24
N UNK A 69 -11.39 6.27 -17.47
CA UNK A 69 -11.36 4.89 -17.90
C UNK A 69 -10.36 4.81 -19.06
N UNK A 70 -9.90 3.61 -19.31
CA UNK A 70 -9.08 3.41 -20.45
C UNK A 70 -8.02 2.42 -20.13
N UNK A 71 -7.74 1.61 -21.15
CA UNK A 71 -6.72 0.57 -21.13
C UNK A 71 -5.81 0.81 -22.35
N UNK A 72 -4.57 0.36 -22.21
CA UNK A 72 -3.61 0.48 -23.27
C UNK A 72 -3.29 1.90 -23.73
N UNK A 73 -4.11 2.36 -24.71
CA UNK A 73 -3.91 3.51 -25.59
C UNK A 73 -5.06 4.47 -25.54
N UNK A 74 -6.26 3.97 -25.33
CA UNK A 74 -7.41 4.85 -25.39
C UNK A 74 -7.96 5.18 -24.01
N UNK A 75 -7.86 6.44 -23.55
CA UNK A 75 -8.19 6.94 -22.23
C UNK A 75 -9.10 8.10 -22.40
N UNK A 76 -9.96 8.51 -21.46
CA UNK A 76 -10.98 9.60 -21.54
C UNK A 76 -11.18 10.27 -20.18
N UNK A 77 -11.24 11.58 -20.02
CA UNK A 77 -11.75 12.15 -18.78
C UNK A 77 -13.23 12.41 -19.13
N UNK A 78 -14.10 12.32 -18.11
CA UNK A 78 -15.52 12.60 -18.24
C UNK A 78 -15.77 13.56 -17.12
N UNK A 79 -16.37 14.74 -17.28
CA UNK A 79 -16.73 15.67 -16.20
C UNK A 79 -18.22 15.64 -16.51
N UNK A 80 -19.08 15.25 -15.55
CA UNK A 80 -20.53 15.20 -15.80
C UNK A 80 -21.35 15.41 -14.54
N UNK A 81 -21.68 16.60 -14.05
CA UNK A 81 -21.94 17.77 -14.86
C UNK A 81 -20.89 18.84 -14.74
N UNK A 82 -20.60 19.56 -15.81
CA UNK A 82 -19.65 20.68 -15.81
C UNK A 82 -20.16 21.84 -14.92
N UNK A 83 -19.42 22.31 -13.96
CA UNK A 83 -19.75 23.51 -13.21
C UNK A 83 -18.78 24.60 -13.65
N UNK A 84 -19.00 25.84 -13.28
CA UNK A 84 -18.09 26.87 -13.73
C UNK A 84 -16.70 26.79 -13.06
N UNK A 85 -16.58 26.00 -11.98
CA UNK A 85 -15.32 25.81 -11.23
C UNK A 85 -14.35 24.79 -11.88
N UNK A 86 -14.58 24.58 -13.19
CA UNK A 86 -13.89 23.63 -13.99
C UNK A 86 -13.24 24.18 -15.25
N UNK A 87 -13.34 25.46 -15.46
CA UNK A 87 -12.76 26.03 -16.66
C UNK A 87 -11.29 25.88 -16.39
N UNK A 88 -10.54 25.37 -17.39
CA UNK A 88 -9.12 25.11 -17.23
C UNK A 88 -8.56 24.35 -18.42
N UNK A 89 -7.28 24.12 -18.48
CA UNK A 89 -6.66 23.24 -19.46
C UNK A 89 -6.30 21.88 -18.74
N UNK A 90 -6.77 20.80 -19.38
CA UNK A 90 -6.66 19.49 -18.81
C UNK A 90 -5.56 18.75 -19.52
N UNK A 91 -4.75 17.93 -18.84
CA UNK A 91 -3.64 17.21 -19.43
C UNK A 91 -3.66 15.75 -19.07
N UNK A 92 -3.27 14.82 -19.97
CA UNK A 92 -3.03 13.46 -19.53
C UNK A 92 -1.49 13.28 -19.61
N UNK A 93 -0.89 12.34 -18.92
CA UNK A 93 0.54 12.19 -18.84
C UNK A 93 0.85 10.74 -18.51
N UNK A 94 1.90 10.16 -19.07
CA UNK A 94 2.20 8.77 -18.73
C UNK A 94 3.52 8.60 -17.98
N UNK A 95 3.49 7.56 -17.14
CA UNK A 95 4.59 7.26 -16.26
C UNK A 95 5.12 5.86 -16.40
N UNK A 96 4.61 5.16 -17.37
CA UNK A 96 5.05 3.85 -17.82
C UNK A 96 6.16 4.25 -18.72
N UNK A 97 7.41 3.86 -18.63
CA UNK A 97 8.48 4.31 -19.58
C UNK A 97 9.07 5.72 -19.64
N UNK A 98 10.39 5.81 -19.35
CA UNK A 98 11.05 7.11 -19.46
C UNK A 98 11.18 7.45 -20.96
N UNK A 99 10.65 8.55 -21.49
CA UNK A 99 10.78 9.85 -20.93
C UNK A 99 9.57 10.50 -20.30
N UNK A 100 8.50 9.87 -19.82
CA UNK A 100 7.39 10.55 -19.11
C UNK A 100 6.80 11.68 -19.93
N UNK A 101 6.14 11.23 -20.95
CA UNK A 101 5.52 12.13 -21.87
C UNK A 101 4.26 12.73 -21.31
N UNK A 102 3.77 13.79 -21.95
CA UNK A 102 2.65 14.61 -21.49
C UNK A 102 1.84 14.97 -22.73
N UNK A 103 0.51 14.94 -22.60
CA UNK A 103 -0.37 15.27 -23.70
C UNK A 103 -0.40 16.76 -23.89
N UNK A 104 -1.08 17.22 -24.93
CA UNK A 104 -1.09 18.63 -25.25
C UNK A 104 -1.90 19.61 -24.43
N UNK A 105 -2.81 19.04 -23.60
CA UNK A 105 -3.77 19.78 -22.83
C UNK A 105 -5.07 19.91 -23.59
N UNK A 106 -6.23 20.25 -23.02
CA UNK A 106 -7.39 20.70 -23.80
C UNK A 106 -7.95 21.89 -22.99
N UNK A 107 -8.07 23.12 -23.51
CA UNK A 107 -8.58 24.26 -22.76
C UNK A 107 -10.10 24.17 -22.82
N UNK A 108 -10.78 23.97 -21.69
CA UNK A 108 -12.21 23.82 -21.63
C UNK A 108 -12.63 25.22 -21.32
N UNK A 109 -13.69 25.70 -21.98
CA UNK A 109 -14.21 27.02 -21.81
C UNK A 109 -15.71 26.89 -21.85
N UNK A 110 -16.38 27.93 -21.37
CA UNK A 110 -17.81 27.91 -21.19
C UNK A 110 -18.71 28.60 -22.19
N UNK A 111 -19.54 27.77 -22.75
CA UNK A 111 -20.44 28.17 -23.77
C UNK A 111 -21.38 28.93 -22.91
N UNK A 112 -21.47 30.20 -23.28
CA UNK A 112 -22.39 31.16 -22.71
C UNK A 112 -23.18 31.78 -23.85
N UNK A 113 -23.73 31.49 -23.16
CA UNK A 113 -24.44 32.04 -24.30
C UNK A 113 -23.60 33.05 -25.12
N UNK A 114 -23.86 33.30 -26.42
CA UNK A 114 -23.07 34.22 -27.29
C UNK A 114 -23.17 35.64 -26.74
N UNK A 115 -22.06 36.36 -26.82
CA UNK A 115 -21.94 37.74 -26.32
C UNK A 115 -21.00 38.40 -27.32
N UNK A 116 -21.39 39.54 -27.89
CA UNK A 116 -20.57 40.23 -28.86
C UNK A 116 -19.60 41.24 -28.25
N UNK A 117 -18.46 41.55 -28.88
CA UNK A 117 -17.40 42.32 -28.25
C UNK A 117 -17.65 43.83 -28.05
N UNK A 118 -17.25 44.41 -26.95
CA UNK A 118 -17.23 45.84 -26.81
C UNK A 118 -15.90 46.29 -27.47
N UNK A 119 -15.84 47.30 -28.34
CA UNK A 119 -14.69 47.62 -29.18
C UNK A 119 -14.12 48.98 -28.82
N UNK A 120 -12.89 49.22 -28.34
CA UNK A 120 -12.38 50.57 -27.99
C UNK A 120 -11.20 50.83 -28.90
N UNK A 121 -10.95 52.00 -29.54
CA UNK A 121 -9.68 52.18 -30.21
C UNK A 121 -9.02 53.34 -29.48
N UNK A 122 -7.71 53.25 -29.31
CA UNK A 122 -6.89 54.23 -28.64
C UNK A 122 -5.86 54.69 -29.62
N UNK A 123 -5.60 56.01 -29.75
CA UNK A 123 -4.44 56.57 -30.41
C UNK A 123 -3.12 56.15 -29.73
N UNK A 124 -1.95 56.55 -30.25
CA UNK A 124 -0.73 56.54 -29.45
C UNK A 124 -0.76 57.72 -28.48
N UNK A 125 -0.12 57.61 -27.32
CA UNK A 125 -0.01 58.75 -26.41
C UNK A 125 0.99 59.71 -27.03
N UNK A 126 0.84 60.97 -26.70
CA UNK A 126 1.73 61.98 -27.23
C UNK A 126 3.19 61.67 -26.89
N UNK A 127 3.41 61.11 -25.71
CA UNK A 127 4.75 60.74 -25.37
C UNK A 127 5.30 59.50 -26.08
N UNK A 128 4.51 58.45 -26.46
CA UNK A 128 5.05 57.31 -27.22
C UNK A 128 5.60 57.91 -28.54
N UNK A 129 4.83 58.84 -29.14
CA UNK A 129 5.22 59.57 -30.33
C UNK A 129 6.50 60.32 -30.09
N UNK A 130 6.55 61.09 -29.03
CA UNK A 130 7.77 61.82 -28.69
C UNK A 130 8.98 60.88 -28.74
N UNK A 131 8.88 59.68 -28.22
CA UNK A 131 10.03 58.74 -28.27
C UNK A 131 10.20 58.17 -29.70
N UNK A 132 9.59 58.74 -30.76
CA UNK A 132 9.72 58.22 -32.11
C UNK A 132 8.73 57.11 -32.51
N UNK A 133 7.77 56.62 -31.69
CA UNK A 133 6.84 55.55 -32.12
C UNK A 133 5.32 55.79 -31.94
N UNK A 134 4.49 54.84 -32.33
CA UNK A 134 3.08 55.01 -32.20
C UNK A 134 2.50 53.61 -32.16
N UNK A 135 1.68 53.31 -31.17
CA UNK A 135 0.93 52.08 -31.22
C UNK A 135 -0.49 52.60 -31.23
N UNK A 136 -1.32 51.95 -32.02
CA UNK A 136 -2.71 52.29 -32.08
C UNK A 136 -3.19 51.02 -31.46
N UNK A 137 -3.90 50.96 -30.30
CA UNK A 137 -4.36 49.70 -29.66
C UNK A 137 -5.84 49.65 -29.74
N UNK A 138 -6.39 48.53 -30.09
CA UNK A 138 -7.81 48.38 -30.07
C UNK A 138 -8.13 47.42 -28.89
N UNK A 139 -9.34 47.41 -28.27
CA UNK A 139 -9.72 46.47 -27.20
C UNK A 139 -10.97 45.93 -27.76
N UNK A 140 -11.13 44.62 -27.60
CA UNK A 140 -12.32 43.91 -28.06
C UNK A 140 -12.60 43.11 -26.81
N UNK A 141 -13.56 43.49 -26.01
CA UNK A 141 -13.74 42.91 -24.68
C UNK A 141 -15.01 42.10 -24.56
N UNK A 142 -14.95 41.10 -23.66
CA UNK A 142 -16.07 40.31 -23.21
C UNK A 142 -16.95 39.72 -24.23
N UNK A 143 -16.57 38.66 -24.93
CA UNK A 143 -17.35 38.10 -26.03
C UNK A 143 -17.34 36.56 -25.96
N UNK A 144 -18.13 35.86 -26.74
CA UNK A 144 -18.17 34.43 -26.70
C UNK A 144 -18.83 34.06 -28.01
N UNK A 145 -18.43 33.16 -28.95
CA UNK A 145 -17.28 32.26 -28.90
C UNK A 145 -15.97 33.02 -29.19
N UNK A 146 -14.88 32.40 -28.71
CA UNK A 146 -13.61 33.05 -28.75
C UNK A 146 -13.21 33.24 -30.19
N UNK A 147 -13.76 32.61 -31.23
CA UNK A 147 -13.27 32.92 -32.57
C UNK A 147 -13.89 34.24 -33.03
N UNK A 148 -12.97 35.21 -33.03
CA UNK A 148 -13.21 36.52 -33.57
C UNK A 148 -12.10 36.78 -34.63
N UNK A 149 -12.24 37.78 -35.56
CA UNK A 149 -11.24 38.21 -36.55
C UNK A 149 -11.16 39.75 -36.59
N UNK A 150 -10.08 40.37 -36.08
CA UNK A 150 -9.93 41.83 -36.17
C UNK A 150 -9.04 42.24 -37.38
N UNK A 151 -9.15 43.46 -37.90
CA UNK A 151 -8.50 43.91 -39.13
C UNK A 151 -8.04 45.28 -38.93
N UNK A 152 -6.94 45.58 -39.62
CA UNK A 152 -6.52 46.96 -39.63
C UNK A 152 -6.58 47.55 -41.02
N UNK A 153 -6.95 48.80 -40.91
CA UNK A 153 -7.16 49.76 -41.98
C UNK A 153 -6.44 50.97 -41.47
N UNK A 154 -5.99 51.71 -42.50
CA UNK A 154 -5.30 53.00 -42.39
C UNK A 154 -5.50 53.63 -43.78
N UNK A 155 -6.38 54.61 -43.70
CA UNK A 155 -6.86 55.37 -44.84
C UNK A 155 -7.60 54.49 -45.84
N UNK A 156 -8.24 53.43 -45.30
CA UNK A 156 -9.01 52.53 -46.12
C UNK A 156 -8.15 51.38 -46.50
N UNK A 157 -6.85 51.60 -46.70
CA UNK A 157 -5.93 50.56 -47.09
C UNK A 157 -5.80 49.66 -45.89
N UNK A 158 -5.93 48.37 -46.21
CA UNK A 158 -5.73 47.33 -45.23
C UNK A 158 -4.29 47.29 -44.64
N UNK A 159 -4.12 46.61 -43.49
CA UNK A 159 -2.82 46.53 -42.84
C UNK A 159 -2.63 45.21 -42.11
N UNK A 160 -1.46 44.63 -42.38
CA UNK A 160 -1.11 43.29 -41.92
C UNK A 160 0.10 43.30 -41.04
N UNK A 161 1.07 44.10 -41.36
CA UNK A 161 2.31 44.04 -40.61
C UNK A 161 2.26 44.95 -39.39
N UNK A 162 2.61 44.26 -38.33
CA UNK A 162 2.89 44.85 -37.02
C UNK A 162 1.75 44.82 -36.02
N UNK A 163 0.92 43.81 -36.21
CA UNK A 163 -0.28 43.62 -35.45
C UNK A 163 0.05 42.42 -34.54
N UNK A 164 0.03 42.83 -33.29
CA UNK A 164 0.26 41.96 -32.14
C UNK A 164 -1.05 41.85 -31.35
N UNK A 165 -1.50 40.62 -31.17
CA UNK A 165 -2.78 40.26 -30.61
C UNK A 165 -2.56 39.43 -29.43
N UNK A 166 -3.48 39.44 -28.46
CA UNK A 166 -3.40 38.63 -27.22
C UNK A 166 -4.80 38.59 -26.66
N UNK A 167 -5.15 37.43 -26.07
CA UNK A 167 -6.50 37.08 -25.63
C UNK A 167 -6.43 36.73 -24.18
N UNK A 168 -7.43 37.18 -23.43
CA UNK A 168 -7.58 36.74 -22.06
C UNK A 168 -8.26 35.38 -22.12
N UNK A 169 -7.82 34.48 -21.26
CA UNK A 169 -8.40 33.17 -21.12
C UNK A 169 -9.86 33.31 -20.69
N UNK A 170 -10.68 32.27 -20.61
CA UNK A 170 -12.04 32.44 -20.18
C UNK A 170 -12.07 33.00 -18.78
N UNK A 171 -13.01 33.94 -18.63
CA UNK A 171 -13.18 34.69 -17.40
C UNK A 171 -14.11 33.93 -16.48
N UNK A 172 -13.61 33.79 -15.28
CA UNK A 172 -14.46 33.23 -14.28
C UNK A 172 -15.24 34.32 -13.57
N UNK A 173 -16.45 34.32 -14.13
CA UNK A 173 -17.57 35.13 -13.69
C UNK A 173 -18.48 35.02 -14.86
N UNK A 174 -18.00 35.46 -16.01
CA UNK A 174 -18.98 35.54 -17.04
C UNK A 174 -18.63 34.92 -18.33
N UNK A 175 -17.78 33.92 -18.18
CA UNK A 175 -17.27 33.11 -19.26
C UNK A 175 -17.07 33.68 -20.67
N UNK A 176 -16.61 34.94 -20.63
CA UNK A 176 -16.34 35.64 -21.84
C UNK A 176 -14.81 35.67 -21.94
N UNK A 177 -14.39 35.98 -23.16
CA UNK A 177 -13.00 36.21 -23.49
C UNK A 177 -12.87 37.69 -23.84
N UNK A 178 -11.68 38.24 -23.91
CA UNK A 178 -11.45 39.60 -24.32
C UNK A 178 -10.17 39.50 -25.14
N UNK A 179 -9.59 40.58 -25.66
CA UNK A 179 -8.29 40.55 -26.34
C UNK A 179 -7.83 41.96 -26.75
N UNK A 180 -6.54 42.22 -26.94
CA UNK A 180 -6.12 43.47 -27.58
C UNK A 180 -5.46 43.24 -28.94
N UNK A 181 -5.49 44.29 -29.70
CA UNK A 181 -5.01 44.35 -31.03
C UNK A 181 -4.13 45.60 -31.07
N UNK A 182 -2.87 45.49 -31.48
CA UNK A 182 -2.00 46.65 -31.53
C UNK A 182 -1.27 46.72 -32.87
N UNK A 183 -1.45 47.83 -33.57
CA UNK A 183 -0.73 48.16 -34.78
C UNK A 183 0.39 49.03 -34.23
N UNK A 184 1.68 48.78 -34.51
CA UNK A 184 2.75 49.68 -34.03
C UNK A 184 3.32 50.17 -35.32
N UNK A 185 3.52 51.48 -35.38
CA UNK A 185 4.05 52.17 -36.55
C UNK A 185 5.15 53.00 -36.00
N UNK A 186 5.86 53.59 -36.91
CA UNK A 186 6.90 54.50 -36.49
C UNK A 186 6.22 55.85 -36.37
N UNK A 187 6.75 56.83 -35.65
CA UNK A 187 6.08 58.12 -35.61
C UNK A 187 5.97 58.72 -37.01
N UNK A 188 6.97 58.61 -37.88
CA UNK A 188 6.85 59.30 -39.16
C UNK A 188 5.80 58.77 -40.15
N UNK A 189 5.65 57.44 -40.29
CA UNK A 189 4.64 56.94 -41.21
C UNK A 189 3.23 56.95 -40.60
N UNK A 190 3.18 56.96 -39.27
CA UNK A 190 1.94 57.16 -38.53
C UNK A 190 1.46 58.56 -38.89
N UNK A 191 2.25 59.63 -38.86
CA UNK A 191 1.75 60.94 -39.22
C UNK A 191 1.48 61.08 -40.73
N UNK A 192 1.95 60.10 -41.48
CA UNK A 192 1.71 60.08 -42.90
C UNK A 192 0.29 59.69 -43.21
N UNK A 193 -0.71 59.64 -42.32
CA UNK A 193 -2.05 59.10 -42.63
C UNK A 193 -3.12 59.63 -41.73
N UNK A 194 -4.39 59.53 -42.13
CA UNK A 194 -5.51 60.09 -41.33
C UNK A 194 -6.53 59.26 -40.52
N UNK A 195 -7.16 58.23 -41.08
CA UNK A 195 -8.05 57.44 -40.27
C UNK A 195 -7.58 56.05 -40.05
N UNK A 196 -7.67 55.62 -38.78
CA UNK A 196 -7.29 54.29 -38.38
C UNK A 196 -8.50 53.55 -37.78
N UNK A 197 -8.58 52.29 -38.17
CA UNK A 197 -9.75 51.45 -38.01
C UNK A 197 -9.35 50.03 -37.67
N UNK A 198 -9.98 49.67 -36.55
CA UNK A 198 -9.97 48.36 -35.91
C UNK A 198 -11.29 47.88 -36.43
N UNK A 199 -11.27 46.83 -37.24
CA UNK A 199 -12.50 46.31 -37.82
C UNK A 199 -12.60 44.88 -37.35
N UNK A 200 -13.54 44.54 -36.49
CA UNK A 200 -13.55 43.20 -35.91
C UNK A 200 -14.81 42.52 -36.34
N UNK A 201 -14.73 41.25 -36.63
CA UNK A 201 -15.84 40.51 -37.17
C UNK A 201 -15.90 39.25 -36.24
N UNK A 202 -17.08 38.84 -35.79
CA UNK A 202 -17.22 37.79 -34.80
C UNK A 202 -18.60 37.24 -35.14
N UNK A 203 -18.86 35.97 -34.85
CA UNK A 203 -20.18 35.46 -35.17
C UNK A 203 -21.46 36.11 -34.68
N UNK A 204 -21.50 37.09 -33.78
CA UNK A 204 -22.81 37.65 -33.42
C UNK A 204 -23.29 38.71 -34.40
N UNK A 205 -22.68 38.91 -35.59
CA UNK A 205 -23.07 40.00 -36.50
C UNK A 205 -22.87 39.72 -37.98
N UNK A 206 -23.67 40.54 -38.69
CA UNK A 206 -23.70 40.61 -40.14
C UNK A 206 -22.78 41.72 -40.61
N UNK A 207 -22.66 42.70 -39.74
CA UNK A 207 -21.77 43.81 -39.92
C UNK A 207 -20.43 43.41 -39.29
N UNK A 208 -19.28 43.85 -39.78
CA UNK A 208 -18.10 43.95 -38.96
C UNK A 208 -18.33 44.96 -37.86
N UNK A 209 -17.96 44.78 -36.59
CA UNK A 209 -18.08 45.90 -35.67
C UNK A 209 -16.85 46.79 -35.93
N UNK A 210 -17.01 48.03 -36.42
CA UNK A 210 -15.84 48.86 -36.70
C UNK A 210 -15.78 50.08 -35.75
N UNK A 211 -14.55 50.43 -35.47
CA UNK A 211 -14.25 51.52 -34.56
C UNK A 211 -13.13 52.23 -35.29
N UNK A 212 -13.06 53.57 -35.20
CA UNK A 212 -12.09 54.39 -35.89
C UNK A 212 -11.89 55.78 -35.33
N UNK A 213 -10.69 56.30 -35.32
CA UNK A 213 -10.50 57.66 -34.94
C UNK A 213 -10.06 58.31 -36.22
N UNK A 214 -9.66 59.58 -36.19
CA UNK A 214 -9.33 60.34 -37.41
C UNK A 214 -8.41 61.40 -36.84
N UNK A 215 -7.09 61.36 -37.08
CA UNK A 215 -6.17 62.33 -36.51
C UNK A 215 -6.54 63.83 -36.70
N UNK A 216 -7.40 64.25 -37.67
CA UNK A 216 -7.92 65.63 -37.81
C UNK A 216 -8.91 65.97 -36.66
N UNK A 217 -9.45 64.97 -35.97
CA UNK A 217 -10.43 65.15 -34.93
C UNK A 217 -9.91 64.73 -33.54
N UNK B 1 2.29 21.88 4.91
CA UNK B 1 2.13 20.54 5.45
C UNK B 1 3.18 19.88 4.57
N UNK B 2 2.93 19.01 3.57
CA UNK B 2 3.95 18.73 2.57
C UNK B 2 4.32 20.10 1.96
N UNK B 3 5.59 20.44 1.65
CA UNK B 3 5.89 21.78 1.13
C UNK B 3 7.12 21.99 0.25
N UNK B 4 6.91 22.34 -1.00
CA UNK B 4 8.01 22.41 -1.93
C UNK B 4 8.27 23.81 -2.46
N UNK B 5 8.98 24.70 -1.77
CA UNK B 5 9.22 26.02 -2.36
C UNK B 5 10.56 26.17 -3.10
N UNK B 6 10.48 26.33 -4.42
CA UNK B 6 11.69 26.45 -5.22
C UNK B 6 12.14 27.88 -5.33
N UNK B 7 13.42 28.07 -5.58
CA UNK B 7 14.09 29.37 -5.51
C UNK B 7 15.26 29.38 -6.51
N UNK B 8 15.71 30.52 -7.04
CA UNK B 8 16.84 30.47 -7.97
C UNK B 8 16.57 30.95 -9.39
N UNK B 9 15.32 31.27 -9.75
CA UNK B 9 14.97 31.74 -11.11
C UNK B 9 15.78 32.95 -11.51
N UNK B 10 15.61 33.46 -12.73
CA UNK B 10 16.38 34.64 -13.14
C UNK B 10 16.38 34.91 -14.64
N UNK B 11 17.07 36.01 -15.06
CA UNK B 11 17.29 36.31 -16.48
C UNK B 11 18.71 35.84 -16.73
N UNK B 12 18.98 35.08 -17.76
CA UNK B 12 20.30 34.57 -18.06
C UNK B 12 20.54 34.65 -19.57
N UNK B 13 21.82 34.93 -19.89
CA UNK B 13 22.23 35.07 -21.29
C UNK B 13 22.48 33.68 -21.82
N UNK B 14 22.44 33.52 -23.12
CA UNK B 14 22.59 32.21 -23.68
C UNK B 14 23.95 31.64 -23.39
N UNK B 15 23.90 30.34 -23.07
CA UNK B 15 25.10 29.55 -22.81
C UNK B 15 25.42 29.53 -21.35
N UNK B 16 24.76 30.47 -20.65
CA UNK B 16 24.91 30.67 -19.24
C UNK B 16 24.38 29.57 -18.33
N UNK B 17 24.40 29.88 -17.02
CA UNK B 17 24.12 28.97 -15.94
C UNK B 17 23.49 29.64 -14.72
N UNK B 18 22.65 28.81 -14.08
CA UNK B 18 21.84 29.00 -12.87
C UNK B 18 21.78 27.61 -12.19
N UNK B 19 21.47 27.63 -10.90
CA UNK B 19 21.23 26.45 -10.11
C UNK B 19 19.92 26.75 -9.31
N UNK B 20 18.87 25.97 -9.48
CA UNK B 20 17.66 26.15 -8.69
C UNK B 20 17.71 25.31 -7.40
N UNK B 21 16.91 25.62 -6.38
CA UNK B 21 16.74 24.76 -5.19
C UNK B 21 15.24 24.56 -4.96
N UNK B 22 14.87 23.37 -4.53
CA UNK B 22 13.55 23.02 -4.08
C UNK B 22 13.76 22.78 -2.59
N UNK B 23 13.38 23.71 -1.74
CA UNK B 23 13.48 23.56 -0.31
C UNK B 23 12.20 22.91 0.20
N UNK B 24 12.35 21.86 0.99
CA UNK B 24 11.24 21.02 1.36
C UNK B 24 10.84 21.09 2.83
N UNK B 25 9.56 20.84 3.09
CA UNK B 25 9.04 20.83 4.45
C UNK B 25 7.86 19.82 4.53
N UNK B 26 7.44 19.38 5.73
CA UNK B 26 6.23 18.61 5.98
C UNK B 26 6.03 17.22 5.41
N UNK B 27 7.13 16.46 5.36
CA UNK B 27 7.12 15.04 4.98
C UNK B 27 8.56 14.52 5.21
N UNK B 28 8.81 13.18 5.20
CA UNK B 28 10.18 12.73 5.29
C UNK B 28 10.75 12.78 3.90
N UNK B 29 11.49 13.86 3.55
CA UNK B 29 12.13 14.05 2.23
C UNK B 29 13.12 12.92 1.93
N UNK B 30 14.08 12.65 2.85
CA UNK B 30 15.15 11.68 2.65
C UNK B 30 14.61 10.35 2.28
N UNK B 31 13.32 10.04 2.53
CA UNK B 31 12.89 8.77 1.98
C UNK B 31 11.81 8.87 0.85
N UNK B 32 11.89 9.88 -0.06
CA UNK B 32 11.02 9.95 -1.24
C UNK B 32 11.75 10.30 -2.54
N UNK B 33 11.39 9.75 -3.72
CA UNK B 33 11.99 10.13 -4.98
C UNK B 33 11.53 11.50 -5.45
N UNK B 34 12.34 12.36 -6.06
CA UNK B 34 11.94 13.72 -6.46
C UNK B 34 11.94 14.19 -7.95
N UNK B 35 11.04 15.03 -8.55
CA UNK B 35 11.17 15.45 -9.97
C UNK B 35 11.09 16.95 -10.21
N UNK B 36 11.60 17.37 -11.38
CA UNK B 36 11.50 18.76 -11.85
C UNK B 36 10.81 18.56 -13.16
N UNK B 37 9.80 19.36 -13.41
CA UNK B 37 8.98 19.37 -14.60
C UNK B 37 9.06 20.85 -14.91
N UNK B 38 9.01 21.32 -16.18
CA UNK B 38 8.98 22.75 -16.51
C UNK B 38 7.73 23.08 -17.22
N UNK B 39 7.30 24.30 -17.24
CA UNK B 39 6.17 24.64 -18.08
C UNK B 39 6.50 25.69 -19.14
N UNK B 40 6.47 25.38 -20.44
CA UNK B 40 6.97 26.35 -21.40
C UNK B 40 5.98 27.50 -21.62
N UNK B 41 6.40 28.72 -22.06
CA UNK B 41 5.57 29.83 -22.50
C UNK B 41 4.24 29.42 -23.16
N UNK B 42 4.34 28.50 -24.14
CA UNK B 42 3.15 28.17 -24.88
C UNK B 42 2.43 27.09 -24.15
N UNK B 43 2.48 27.19 -22.81
CA UNK B 43 1.82 26.37 -21.79
C UNK B 43 1.92 24.85 -21.94
N UNK B 44 3.03 24.31 -22.44
CA UNK B 44 3.16 22.85 -22.47
C UNK B 44 4.31 22.37 -21.60
N UNK B 45 4.10 21.18 -21.03
CA UNK B 45 4.80 20.70 -19.86
C UNK B 45 5.78 19.60 -20.19
N UNK B 46 7.01 19.78 -19.81
CA UNK B 46 8.00 18.82 -20.19
C UNK B 46 8.53 18.38 -18.87
N UNK B 47 8.82 17.10 -18.75
CA UNK B 47 9.47 16.59 -17.54
C UNK B 47 10.94 16.95 -17.64
N UNK B 48 11.65 17.16 -16.57
CA UNK B 48 13.04 17.56 -16.64
C UNK B 48 13.98 16.51 -16.12
N UNK B 49 13.86 16.03 -14.91
CA UNK B 49 14.70 14.97 -14.37
C UNK B 49 14.05 14.36 -13.09
N UNK B 50 14.49 13.15 -12.70
CA UNK B 50 14.05 12.48 -11.49
C UNK B 50 15.24 11.95 -10.75
N UNK B 51 15.33 12.24 -9.45
CA UNK B 51 16.39 11.67 -8.65
C UNK B 51 15.79 10.60 -7.76
N UNK B 52 16.47 9.49 -7.62
CA UNK B 52 16.04 8.44 -6.73
C UNK B 52 16.24 8.69 -5.26
N UNK B 53 15.15 8.23 -4.68
CA UNK B 53 14.95 7.92 -3.28
C UNK B 53 15.98 8.32 -2.25
N UNK B 54 16.37 9.60 -2.22
CA UNK B 54 17.26 10.05 -1.21
C UNK B 54 18.64 9.44 -1.37
N UNK B 55 19.12 9.20 -2.60
CA UNK B 55 20.42 8.58 -2.86
C UNK B 55 20.67 8.83 -4.33
N UNK B 56 21.11 7.97 -5.25
CA UNK B 56 21.04 8.31 -6.67
C UNK B 56 21.05 7.14 -7.66
N UNK B 57 20.15 7.39 -8.58
CA UNK B 57 19.74 6.71 -9.80
C UNK B 57 18.98 7.95 -10.30
N UNK B 58 19.53 8.54 -11.34
CA UNK B 58 19.08 9.82 -11.84
C UNK B 58 18.56 9.44 -13.23
N UNK B 59 17.56 10.14 -13.78
CA UNK B 59 16.91 9.81 -15.05
C UNK B 59 16.67 11.09 -15.81
N UNK B 60 16.83 11.13 -17.13
CA UNK B 60 16.62 12.37 -17.89
C UNK B 60 16.07 12.07 -19.25
N UNK B 61 15.31 13.00 -19.82
CA UNK B 61 14.93 12.96 -21.22
C UNK B 61 16.14 13.37 -22.05
N UNK B 62 16.19 13.02 -23.36
CA UNK B 62 17.27 13.54 -24.27
C UNK B 62 17.63 15.08 -24.36
N UNK B 63 16.72 16.04 -24.47
CA UNK B 63 17.04 17.45 -24.56
C UNK B 63 17.97 18.03 -23.46
N UNK B 64 18.10 17.33 -22.35
CA UNK B 64 18.67 17.89 -21.15
C UNK B 64 19.81 17.03 -20.77
N UNK B 65 20.00 15.83 -21.34
CA UNK B 65 21.10 15.00 -20.90
C UNK B 65 22.37 15.67 -21.35
N UNK B 66 23.33 15.81 -20.44
CA UNK B 66 24.60 16.43 -20.76
C UNK B 66 24.61 17.82 -20.19
N UNK B 67 23.49 18.56 -20.28
CA UNK B 67 23.43 19.96 -19.84
C UNK B 67 22.91 20.23 -18.43
N UNK B 68 21.81 19.52 -17.99
CA UNK B 68 21.17 19.58 -16.65
C UNK B 68 21.46 18.45 -15.62
N UNK B 69 21.61 18.73 -14.30
CA UNK B 69 21.91 17.74 -13.27
C UNK B 69 20.97 17.88 -12.08
N UNK B 70 20.36 16.75 -11.68
CA UNK B 70 19.43 16.75 -10.56
C UNK B 70 20.22 16.13 -9.42
N UNK B 71 20.16 16.77 -8.27
CA UNK B 71 20.96 16.36 -7.11
C UNK B 71 20.15 16.72 -5.91
N UNK B 72 20.36 16.04 -4.79
CA UNK B 72 19.52 16.27 -3.63
C UNK B 72 20.42 16.26 -2.44
N UNK B 73 19.98 16.98 -1.42
CA UNK B 73 20.71 17.04 -0.20
C UNK B 73 19.71 16.79 0.93
N UNK B 74 19.61 15.48 1.21
CA UNK B 74 18.91 14.90 2.33
C UNK B 74 19.34 15.48 3.68
N UNK B 75 20.51 16.09 3.75
CA UNK B 75 20.95 16.57 5.05
C UNK B 75 20.20 17.85 5.32
N UNK B 76 19.89 18.60 4.29
CA UNK B 76 19.21 19.82 4.61
C UNK B 76 18.09 20.17 3.67
N UNK B 77 17.46 19.02 3.35
CA UNK B 77 16.21 18.87 2.63
C UNK B 77 16.03 19.77 1.41
N UNK B 78 17.08 19.87 0.61
CA UNK B 78 17.02 20.72 -0.59
C UNK B 78 17.46 20.01 -1.88
N UNK B 79 16.58 20.09 -2.89
CA UNK B 79 16.73 19.44 -4.23
C UNK B 79 17.27 20.52 -5.12
N UNK B 80 18.05 20.15 -6.13
CA UNK B 80 18.71 21.13 -6.97
C UNK B 80 18.61 20.66 -8.37
N UNK B 81 18.65 21.60 -9.28
CA UNK B 81 18.68 21.36 -10.70
C UNK B 81 19.72 22.40 -11.07
N UNK B 82 20.96 21.96 -11.33
CA UNK B 82 22.01 22.82 -11.85
C UNK B 82 21.84 22.70 -13.35
N UNK B 83 21.98 23.80 -14.04
CA UNK B 83 21.68 23.87 -15.44
C UNK B 83 22.82 24.57 -16.17
N UNK B 84 23.47 23.88 -17.08
CA UNK B 84 24.50 24.53 -17.85
C UNK B 84 24.09 24.47 -19.30
N UNK B 85 24.59 25.46 -20.03
CA UNK B 85 24.35 25.71 -21.45
C UNK B 85 22.89 25.89 -21.77
N UNK B 86 22.42 26.97 -21.18
CA UNK B 86 21.07 27.38 -21.38
C UNK B 86 20.88 27.80 -22.83
N UNK B 87 20.11 26.93 -23.45
CA UNK B 87 19.57 27.12 -24.78
C UNK B 87 18.34 28.00 -24.58
N UNK B 88 18.00 29.01 -25.41
CA UNK B 88 16.78 29.82 -25.29
C UNK B 88 15.51 28.97 -25.23
N UNK B 89 15.49 27.73 -25.68
CA UNK B 89 14.36 26.87 -25.61
C UNK B 89 13.98 26.57 -24.17
N UNK B 90 14.99 26.72 -23.29
CA UNK B 90 14.96 26.54 -21.84
C UNK B 90 14.27 27.59 -20.97
N UNK B 91 13.84 28.70 -21.56
CA UNK B 91 12.96 29.71 -20.97
C UNK B 91 11.64 29.04 -20.62
N UNK B 92 11.59 28.54 -19.41
CA UNK B 92 10.38 27.99 -18.86
C UNK B 92 10.23 28.29 -17.37
N UNK B 93 9.13 27.87 -16.75
CA UNK B 93 8.74 28.13 -15.34
C UNK B 93 8.99 26.75 -14.76
N UNK B 94 9.87 26.61 -13.77
CA UNK B 94 10.30 25.31 -13.27
C UNK B 94 9.65 24.89 -11.97
N UNK B 95 9.09 23.65 -11.91
CA UNK B 95 8.38 23.13 -10.70
C UNK B 95 8.97 21.87 -10.07
N UNK B 96 9.04 21.88 -8.75
CA UNK B 96 9.59 20.80 -7.94
C UNK B 96 8.43 19.96 -7.48
N UNK B 97 8.44 18.71 -7.91
CA UNK B 97 7.30 17.82 -7.75
C UNK B 97 7.69 16.67 -6.84
N UNK B 98 6.87 16.22 -5.89
CA UNK B 98 7.29 15.08 -5.07
C UNK B 98 6.84 13.93 -5.97
N UNK B 99 7.77 13.04 -6.36
CA UNK B 99 7.45 12.08 -7.41
C UNK B 99 6.87 10.76 -7.00
N UNK B 100 7.18 10.43 -5.77
CA UNK B 100 6.87 9.10 -5.33
C UNK B 100 6.35 9.05 -3.89
N UNK B 101 5.42 8.11 -3.66
CA UNK B 101 4.92 7.81 -2.32
C UNK B 101 4.68 6.32 -2.19
N UNK B 102 3.50 5.72 -2.28
CA UNK B 102 3.44 4.26 -2.10
C UNK B 102 3.69 3.47 -3.37
N UNK B 103 3.55 4.23 -4.45
CA UNK B 103 3.55 3.62 -5.73
C UNK B 103 3.69 4.69 -6.75
N UNK B 104 3.29 4.33 -7.96
CA UNK B 104 3.32 5.31 -9.02
C UNK B 104 1.85 5.66 -9.14
N UNK B 105 1.66 6.96 -8.91
CA UNK B 105 0.38 7.55 -8.69
C UNK B 105 0.33 9.02 -9.14
N UNK B 106 1.01 9.27 -10.26
CA UNK B 106 1.00 10.64 -10.76
C UNK B 106 2.12 11.37 -10.06
N UNK B 107 2.04 12.66 -10.16
CA UNK B 107 2.92 13.64 -9.58
C UNK B 107 1.91 14.36 -8.67
N UNK B 108 1.66 14.01 -7.40
CA UNK B 108 0.72 14.78 -6.59
C UNK B 108 1.63 15.59 -5.72
N UNK B 109 1.23 16.79 -5.35
CA UNK B 109 2.05 17.74 -4.63
C UNK B 109 3.14 18.19 -5.59
N UNK B 110 2.90 19.40 -6.08
CA UNK B 110 3.73 20.10 -6.99
C UNK B 110 4.10 21.37 -6.27
N UNK B 111 5.30 21.86 -6.47
CA UNK B 111 5.73 23.11 -5.91
C UNK B 111 5.03 24.25 -6.64
N UNK B 112 5.58 25.40 -6.30
CA UNK B 112 4.99 26.57 -6.84
C UNK B 112 5.70 27.20 -8.07
N UNK B 113 6.97 26.98 -8.35
CA UNK B 113 7.67 27.59 -9.51
C UNK B 113 8.71 28.73 -9.31
N UNK B 114 9.60 28.82 -10.27
CA UNK B 114 10.55 29.93 -10.39
C UNK B 114 10.68 30.03 -11.88
N UNK B 115 10.71 31.23 -12.42
CA UNK B 115 10.83 31.34 -13.87
C UNK B 115 12.29 31.49 -14.28
N UNK B 116 12.64 30.96 -15.44
CA UNK B 116 13.96 31.20 -16.00
C UNK B 116 13.67 31.91 -17.30
N UNK B 117 14.44 32.95 -17.54
CA UNK B 117 14.27 33.69 -18.75
C UNK B 117 15.66 33.67 -19.34
N UNK B 118 15.87 32.89 -20.40
CA UNK B 118 17.17 32.85 -21.09
C UNK B 118 17.01 33.84 -22.19
N UNK B 119 17.62 35.00 -22.01
CA UNK B 119 17.60 35.95 -23.06
C UNK B 119 18.79 36.84 -22.92
N UNK B 120 19.30 37.13 -24.11
CA UNK B 120 20.43 38.01 -24.25
C UNK B 120 20.01 39.45 -24.09
N UNK B 121 19.12 38.56 -23.61
CA UNK B 121 18.71 39.96 -23.46
C UNK B 121 18.73 40.21 -21.97
N UNK B 122 19.04 41.41 -21.47
CA UNK B 122 19.02 41.59 -20.04
C UNK B 122 18.15 42.76 -19.76
N UNK B 123 17.66 42.60 -18.55
CA UNK B 123 16.72 43.44 -17.86
C UNK B 123 16.49 44.81 -18.43
N UNK B 124 15.38 44.92 -19.13
CA UNK B 124 15.01 46.24 -19.52
C UNK B 124 13.76 46.68 -18.76
N UNK B 125 13.71 47.92 -18.33
CA UNK B 125 12.56 48.46 -17.64
C UNK B 125 11.34 48.71 -18.56
N UNK B 126 10.10 48.96 -18.09
CA UNK B 126 8.89 49.09 -18.92
C UNK B 126 8.42 50.48 -19.31
N UNK B 127 7.98 50.80 -20.51
CA UNK B 127 7.52 52.15 -20.79
C UNK B 127 6.03 52.04 -20.69
N UNK B 128 5.47 52.90 -19.87
CA UNK B 128 4.04 52.91 -19.65
C UNK B 128 3.45 54.23 -20.21
N UNK B 129 2.55 54.00 -21.13
CA UNK B 129 1.90 55.04 -21.82
C UNK B 129 0.43 54.91 -21.39
N UNK B 130 -0.20 55.92 -20.84
CA UNK B 130 -1.64 56.03 -20.70
C UNK B 130 -2.38 55.93 -22.02
N UNK B 131 -3.40 55.09 -22.03
CA UNK B 131 -4.26 54.90 -23.18
C UNK B 131 -5.52 55.60 -22.71
N UNK B 132 -5.65 56.87 -23.00
CA UNK B 132 -6.88 57.58 -22.71
C UNK B 132 -7.62 57.58 -24.05
N UNK B 133 -8.93 57.75 -24.20
CA UNK B 133 -9.56 57.76 -25.51
C UNK B 133 -9.39 59.10 -26.23
N UNK B 134 -9.55 59.04 -27.57
CA UNK B 134 -9.70 60.23 -28.36
C UNK B 134 -10.91 61.03 -27.84
N UNK B 135 -11.12 62.24 -28.34
CA UNK B 135 -12.29 63.06 -28.04
C UNK B 135 -13.63 62.32 -28.34
N UNK B 136 -13.73 61.65 -29.49
CA UNK B 136 -14.97 60.98 -29.91
C UNK B 136 -15.41 59.71 -29.19
N UNK B 137 -14.82 59.37 -28.03
CA UNK B 137 -15.20 58.13 -27.37
C UNK B 137 -15.86 58.27 -26.00
N UNK B 138 -15.96 59.47 -25.43
CA UNK B 138 -16.58 59.63 -24.13
C UNK B 138 -18.09 59.66 -24.35
N UNK B 139 -18.78 58.56 -24.08
CA UNK B 139 -20.22 58.47 -24.32
C UNK B 139 -20.87 57.35 -23.50
N UNK B 140 -22.17 57.13 -23.73
CA UNK B 140 -22.96 56.08 -23.10
C UNK B 140 -23.00 56.11 -21.57
N UNK B 141 -22.35 55.24 -20.79
CA UNK B 141 -22.37 55.29 -19.34
C UNK B 141 -21.06 54.70 -18.77
N UNK B 142 -20.61 53.53 -19.24
CA UNK B 142 -19.30 53.04 -18.83
C UNK B 142 -18.35 53.50 -19.93
N UNK B 143 -17.08 53.66 -19.63
CA UNK B 143 -16.08 54.35 -20.44
C UNK B 143 -14.84 53.54 -20.17
N UNK B 144 -14.26 52.85 -21.17
CA UNK B 144 -13.05 52.01 -20.98
C UNK B 144 -11.77 52.81 -21.10
N UNK B 145 -10.78 52.60 -20.26
CA UNK B 145 -9.54 53.34 -20.23
C UNK B 145 -8.43 52.30 -20.23
N UNK B 146 -7.16 52.63 -20.55
CA UNK B 146 -6.17 51.56 -20.69
C UNK B 146 -4.79 51.96 -20.30
N UNK B 147 -3.86 51.01 -20.28
CA UNK B 147 -2.45 51.17 -19.89
C UNK B 147 -1.58 50.34 -20.84
N UNK B 148 -0.63 51.00 -21.55
CA UNK B 148 0.28 50.39 -22.50
C UNK B 148 1.65 50.27 -21.88
N UNK B 149 2.11 49.06 -21.54
CA UNK B 149 3.41 48.85 -20.92
C UNK B 149 4.25 48.40 -22.09
N UNK B 150 5.45 48.87 -22.37
CA UNK B 150 6.14 48.39 -23.53
C UNK B 150 7.49 47.89 -23.11
N UNK B 151 8.04 47.10 -24.03
CA UNK B 151 9.38 46.54 -24.08
C UNK B 151 10.16 46.64 -22.85
N UNK B 152 10.02 45.53 -22.15
CA UNK B 152 10.62 45.27 -20.84
C UNK B 152 11.08 43.83 -20.98
N UNK B 153 11.93 43.40 -20.05
CA UNK B 153 12.50 42.08 -19.95
C UNK B 153 13.15 42.02 -18.56
N UNK B 154 13.21 40.87 -17.81
CA UNK B 154 12.35 39.67 -17.99
C UNK B 154 10.89 39.88 -17.63
N UNK B 155 10.09 38.82 -17.81
CA UNK B 155 8.70 38.86 -17.38
C UNK B 155 8.81 38.64 -15.87
N UNK B 156 8.15 39.43 -14.97
CA UNK B 156 6.81 40.04 -15.11
C UNK B 156 6.67 41.49 -14.87
N UNK B 157 5.54 42.04 -15.24
CA UNK B 157 5.10 43.32 -14.70
C UNK B 157 3.75 43.06 -13.99
N UNK B 158 3.44 43.66 -12.83
CA UNK B 158 2.11 43.55 -12.24
C UNK B 158 1.36 44.85 -12.43
N UNK B 159 0.31 44.90 -13.28
CA UNK B 159 -0.46 46.14 -13.47
C UNK B 159 -1.60 46.06 -12.44
N UNK B 160 -1.81 47.20 -11.77
CA UNK B 160 -2.79 47.38 -10.74
C UNK B 160 -3.46 48.69 -11.17
N UNK B 161 -4.77 48.87 -10.97
CA UNK B 161 -5.35 50.19 -11.17
C UNK B 161 -5.82 50.71 -9.81
N UNK B 162 -5.37 51.96 -9.56
CA UNK B 162 -5.65 52.76 -8.38
C UNK B 162 -5.23 52.08 -7.09
N UNK B 163 -3.99 51.64 -7.07
CA UNK B 163 -3.36 50.96 -5.95
C UNK B 163 -4.19 49.82 -5.37
N UNK B 164 -5.14 49.26 -6.12
CA UNK B 164 -6.01 48.23 -5.59
C UNK B 164 -7.46 48.53 -5.99
N UNK B 165 -7.99 49.72 -5.67
CA UNK B 165 -9.40 50.07 -5.87
C UNK B 165 -10.12 49.56 -7.13
N UNK B 166 -9.71 49.84 -8.37
CA UNK B 166 -10.53 49.47 -9.50
C UNK B 166 -10.09 48.10 -9.97
N UNK B 167 -10.45 47.18 -9.10
CA UNK B 167 -10.16 45.76 -9.22
C UNK B 167 -11.33 45.07 -9.86
N UNK B 168 -12.26 45.92 -10.33
CA UNK B 168 -13.59 45.57 -10.83
C UNK B 168 -13.43 45.26 -12.30
N UNK B 169 -14.15 45.76 -13.29
CA UNK B 169 -13.98 45.36 -14.69
C UNK B 169 -12.64 45.76 -15.33
N UNK B 170 -11.52 45.16 -14.87
CA UNK B 170 -10.21 45.36 -15.40
C UNK B 170 -9.78 44.01 -15.93
N UNK B 171 -9.38 44.08 -17.22
CA UNK B 171 -8.85 43.03 -18.08
C UNK B 171 -7.39 43.29 -18.32
N UNK B 172 -6.57 42.33 -17.95
CA UNK B 172 -5.15 42.48 -18.25
C UNK B 172 -4.74 41.31 -19.12
N UNK B 173 -4.29 41.67 -20.30
CA UNK B 173 -4.00 40.72 -21.33
C UNK B 173 -2.62 40.13 -21.19
N UNK B 174 -2.44 38.86 -21.57
CA UNK B 174 -1.15 38.14 -21.74
C UNK B 174 0.02 38.85 -22.46
N UNK B 175 1.23 38.70 -21.90
CA UNK B 175 2.38 39.40 -22.45
C UNK B 175 2.77 38.83 -23.80
N UNK B 176 3.38 39.56 -24.72
CA UNK B 176 3.79 38.99 -26.00
C UNK B 176 5.20 39.54 -26.36
N UNK B 177 6.08 38.77 -27.06
CA UNK B 177 7.41 39.25 -27.49
C UNK B 177 7.44 40.01 -28.79
N UNK B 178 7.26 41.30 -28.72
CA UNK B 178 7.47 42.16 -29.86
C UNK B 178 9.00 42.03 -29.78
N UNK B 179 9.70 41.45 -30.75
CA UNK B 179 11.15 41.52 -30.76
C UNK B 179 11.88 41.01 -29.54
N UNK B 180 11.93 39.79 -29.00
CA UNK B 180 12.60 39.57 -27.67
C UNK B 180 12.50 40.62 -26.46
N UNK B 181 11.47 41.48 -26.36
CA UNK B 181 11.29 42.36 -25.23
C UNK B 181 9.80 42.55 -25.26
N UNK B 182 9.17 42.23 -24.11
CA UNK B 182 7.68 42.21 -24.03
C UNK B 182 6.75 43.44 -24.21
N UNK B 183 5.55 43.26 -24.78
CA UNK B 183 4.47 44.26 -24.53
C UNK B 183 3.37 43.66 -23.65
N UNK B 184 2.58 44.47 -22.94
CA UNK B 184 1.53 44.04 -22.02
C UNK B 184 0.51 45.16 -21.92
N UNK B 185 -0.79 44.97 -22.20
CA UNK B 185 -1.77 46.03 -21.97
C UNK B 185 -2.80 45.64 -20.89
N UNK B 186 -3.48 46.62 -20.26
CA UNK B 186 -4.46 46.39 -19.23
C UNK B 186 -5.54 47.39 -19.49
N UNK B 187 -6.83 47.08 -19.61
CA UNK B 187 -7.93 48.08 -19.70
C UNK B 187 -8.87 48.17 -18.46
N UNK B 188 -9.44 49.28 -17.89
CA UNK B 188 -10.45 49.30 -16.80
C UNK B 188 -11.68 49.93 -17.38
N UNK B 189 -12.88 49.42 -17.18
CA UNK B 189 -14.10 50.16 -17.57
C UNK B 189 -14.53 51.07 -16.39
N UNK B 190 -14.94 52.29 -16.67
CA UNK B 190 -15.22 53.24 -15.62
C UNK B 190 -16.54 53.92 -15.87
N UNK B 191 -17.39 54.36 -14.94
CA UNK B 191 -18.54 55.16 -15.28
C UNK B 191 -18.02 56.50 -15.73
N UNK B 192 -18.58 57.11 -16.77
CA UNK B 192 -18.12 58.44 -17.13
C UNK B 192 -18.84 59.34 -16.20
N UNK B 193 -17.98 59.96 -15.39
CA UNK B 193 -18.31 60.96 -14.34
C UNK B 193 -17.08 60.74 -13.49
N UNK B 194 -16.99 59.51 -12.95
CA UNK B 194 -15.90 58.95 -12.18
C UNK B 194 -14.68 59.52 -12.89
N UNK B 195 -14.48 59.26 -14.17
CA UNK B 195 -13.44 59.96 -14.90
C UNK B 195 -14.22 60.91 -15.79
N UNK B 196 -13.72 62.09 -16.16
CA UNK B 196 -12.45 62.70 -15.69
C UNK B 196 -12.34 63.24 -14.30
N UNK B 197 -13.46 63.43 -13.61
CA UNK B 197 -13.46 64.07 -12.32
C UNK B 197 -12.63 63.38 -11.25
N UNK B 198 -12.37 62.08 -11.36
CA UNK B 198 -11.70 61.28 -10.36
C UNK B 198 -10.55 60.65 -11.12
N UNK B 199 -9.39 60.67 -10.50
CA UNK B 199 -8.14 60.29 -11.11
C UNK B 199 -7.93 58.80 -11.32
N UNK B 200 -8.04 58.25 -12.53
CA UNK B 200 -7.68 56.84 -12.69
C UNK B 200 -6.17 56.75 -12.89
N UNK B 201 -5.51 55.98 -12.05
CA UNK B 201 -4.06 55.84 -12.10
C UNK B 201 -3.65 54.38 -12.30
N UNK B 202 -2.55 54.16 -13.06
CA UNK B 202 -2.04 52.85 -13.45
C UNK B 202 -0.77 52.56 -12.68
N UNK B 203 -0.81 51.44 -12.01
CA UNK B 203 0.29 51.06 -11.11
C UNK B 203 1.03 49.95 -11.80
N UNK B 204 2.26 50.22 -12.22
CA UNK B 204 3.02 49.27 -13.04
C UNK B 204 4.24 48.87 -12.28
N UNK B 205 4.38 47.59 -11.94
CA UNK B 205 5.54 47.18 -11.18
C UNK B 205 6.31 46.16 -11.93
N UNK B 206 7.59 46.42 -12.10
CA UNK B 206 8.47 45.45 -12.77
C UNK B 206 9.50 45.06 -11.74
N UNK B 207 9.24 43.94 -11.02
CA UNK B 207 10.08 43.34 -10.01
C UNK B 207 11.54 43.38 -10.42
N UNK B 208 11.85 42.66 -11.49
CA UNK B 208 13.20 42.58 -12.02
C UNK B 208 14.06 43.85 -12.13
N UNK B 209 13.59 44.99 -12.65
CA UNK B 209 14.44 46.15 -12.72
C UNK B 209 14.23 47.15 -11.57
N UNK B 210 13.49 46.80 -10.51
CA UNK B 210 13.26 47.66 -9.37
C UNK B 210 12.61 48.98 -9.83
N UNK B 211 11.52 48.78 -10.59
CA UNK B 211 10.73 49.85 -11.19
C UNK B 211 9.30 49.70 -10.67
N UNK B 212 8.68 50.84 -10.28
CA UNK B 212 7.21 50.97 -10.12
C UNK B 212 6.98 52.25 -10.92
N UNK B 213 5.93 52.38 -11.74
CA UNK B 213 5.78 53.55 -12.58
C UNK B 213 4.31 53.78 -12.50
N UNK B 214 3.92 55.01 -12.20
CA UNK B 214 2.50 55.31 -12.13
C UNK B 214 2.17 56.43 -13.08
N UNK B 215 1.27 56.08 -13.96
CA UNK B 215 0.83 57.04 -14.93
C UNK B 215 -0.62 57.35 -14.67
N UNK B 216 -0.93 58.62 -14.68
CA UNK B 216 -2.30 59.08 -14.56
C UNK B 216 -2.92 59.04 -15.95
N UNK B 217 -4.21 58.79 -16.05
CA UNK B 217 -4.95 59.00 -17.30
C UNK B 217 -5.71 60.37 -17.19
N UNK B 218 -5.21 61.26 -18.06
CA UNK B 218 -5.56 62.68 -18.26
C UNK B 218 -6.07 62.76 -19.71
N UNK B 219 -7.22 63.33 -20.00
CA UNK B 219 -7.92 63.23 -21.28
C UNK B 219 -7.58 64.04 -22.53
N UNK B 220 -8.20 63.56 -23.67
CA UNK B 220 -8.45 64.21 -24.99
C UNK B 220 -8.16 63.37 -26.22
N ASP C 2 -41.08 -37.39 31.88
CA ASP C 2 -40.37 -36.94 33.11
C ASP C 2 -39.51 -35.71 32.84
N ARG C 3 -38.92 -35.66 31.65
CA ARG C 3 -38.10 -34.54 31.25
C ARG C 3 -38.40 -34.15 29.80
N VAL C 4 -38.43 -32.84 29.55
CA VAL C 4 -38.71 -32.30 28.23
C VAL C 4 -37.74 -32.87 27.20
N ALA C 5 -38.28 -33.30 26.05
CA ALA C 5 -37.50 -33.89 24.99
C ALA C 5 -36.36 -33.05 24.42
N ASP C 6 -36.57 -31.77 24.17
CA ASP C 6 -35.50 -30.96 23.61
C ASP C 6 -34.29 -30.85 24.54
N VAL C 7 -34.47 -31.25 25.80
CA VAL C 7 -33.39 -31.22 26.77
C VAL C 7 -32.63 -32.54 26.75
N ILE C 8 -33.36 -33.63 26.53
CA ILE C 8 -32.76 -34.95 26.45
C ILE C 8 -31.90 -35.05 25.19
N GLU C 9 -32.51 -34.71 24.06
CA GLU C 9 -31.83 -34.75 22.76
C GLU C 9 -30.91 -33.56 22.55
N SER C 10 -30.87 -32.66 23.54
CA SER C 10 -30.03 -31.47 23.44
C SER C 10 -28.57 -31.87 23.35
N SER C 11 -27.78 -31.02 22.71
CA SER C 11 -26.35 -31.28 22.56
C SER C 11 -25.53 -30.19 23.24
N ILE C 12 -26.19 -29.30 23.97
CA ILE C 12 -25.46 -28.24 24.65
C ILE C 12 -24.70 -28.92 25.78
N GLY C 13 -23.38 -28.74 25.78
CA GLY C 13 -22.56 -29.36 26.79
C GLY C 13 -21.43 -30.21 26.21
N ASP C 14 -21.51 -30.52 24.92
CA ASP C 14 -20.48 -31.33 24.26
C ASP C 14 -19.14 -30.60 24.32
N SER C 15 -18.23 -31.12 25.14
CA SER C 15 -16.91 -30.53 25.35
C SER C 15 -15.82 -31.04 24.39
N VAL C 16 -16.12 -32.10 23.65
CA VAL C 16 -15.15 -32.65 22.72
C VAL C 16 -15.24 -31.92 21.37
N SER C 17 -14.09 -31.43 20.91
CA SER C 17 -14.02 -30.71 19.64
C SER C 17 -14.02 -31.64 18.44
N ARG C 18 -15.07 -31.56 17.62
CA ARG C 18 -15.19 -32.39 16.44
C ARG C 18 -14.13 -31.97 15.42
N ALA C 19 -13.12 -32.82 15.19
CA ALA C 19 -12.06 -32.50 14.25
C ALA C 19 -12.28 -33.20 12.91
N LEU C 20 -12.23 -32.42 11.83
CA LEU C 20 -12.43 -32.95 10.48
C LEU C 20 -11.15 -33.52 9.89
N THR C 21 -10.01 -33.24 10.53
CA THR C 21 -8.72 -33.71 10.04
C THR C 21 -7.93 -34.49 11.08
N GLN C 22 -6.99 -35.32 10.60
CA GLN C 22 -6.15 -36.12 11.47
C GLN C 22 -4.67 -35.99 11.08
N ALA C 23 -3.80 -35.99 12.08
CA ALA C 23 -2.36 -35.90 11.86
C ALA C 23 -1.80 -37.27 11.52
N LEU C 24 -1.20 -37.40 10.34
CA LEU C 24 -0.64 -38.68 9.89
C LEU C 24 0.88 -38.65 9.88
N PRO C 25 1.53 -39.83 9.97
CA PRO C 25 2.99 -39.89 9.96
C PRO C 25 3.54 -39.43 8.62
N ALA C 26 4.57 -38.60 8.65
CA ALA C 26 5.19 -38.09 7.44
C ALA C 26 6.65 -37.80 7.72
N PRO C 27 7.45 -38.84 7.92
CA PRO C 27 8.88 -38.73 8.20
C PRO C 27 9.69 -38.35 6.98
N THR C 28 9.11 -38.51 5.80
CA THR C 28 9.78 -38.18 4.54
C THR C 28 8.81 -37.56 3.53
N GLY C 29 9.37 -36.99 2.46
CA GLY C 29 8.54 -36.39 1.44
C GLY C 29 7.78 -37.49 0.72
N GLN C 30 6.56 -37.19 0.30
CA GLN C 30 5.74 -38.17 -0.39
C GLN C 30 6.38 -38.65 -1.67
N ASN C 31 6.16 -39.93 -2.00
CA ASN C 31 6.70 -40.54 -3.21
C ASN C 31 5.85 -40.19 -4.41
N THR C 32 6.41 -40.44 -5.60
CA THR C 32 5.70 -40.21 -6.84
C THR C 32 5.42 -41.58 -7.43
N GLN C 33 4.22 -41.78 -7.95
CA GLN C 33 3.85 -43.06 -8.54
C GLN C 33 3.78 -42.94 -10.06
N VAL C 34 3.96 -44.07 -10.74
CA VAL C 34 3.91 -44.06 -12.20
C VAL C 34 2.55 -43.55 -12.65
N SER C 35 2.56 -42.81 -13.75
CA SER C 35 1.35 -42.24 -14.31
C SER C 35 1.37 -42.43 -15.81
N SER C 36 0.21 -42.65 -16.42
CA SER C 36 0.13 -42.83 -17.86
C SER C 36 -0.81 -41.75 -18.42
N HIS C 37 -1.01 -41.73 -19.73
CA HIS C 37 -1.89 -40.74 -20.32
C HIS C 37 -3.33 -41.06 -19.91
N ARG C 38 -4.15 -40.02 -19.84
CA ARG C 38 -5.55 -40.17 -19.48
C ARG C 38 -6.36 -39.25 -20.38
N LEU C 39 -7.08 -39.85 -21.33
CA LEU C 39 -7.91 -39.09 -22.25
C LEU C 39 -9.36 -39.47 -21.95
N ASP C 40 -10.01 -38.72 -21.07
CA ASP C 40 -11.38 -39.02 -20.70
C ASP C 40 -12.15 -37.78 -20.28
N THR C 41 -13.48 -37.88 -20.30
CA THR C 41 -14.36 -36.80 -19.91
C THR C 41 -14.90 -37.10 -18.51
N GLY C 42 -15.39 -36.07 -17.82
CA GLY C 42 -15.92 -36.27 -16.49
C GLY C 42 -14.94 -36.01 -15.37
N GLU C 43 -13.70 -36.47 -15.53
CA GLU C 43 -12.65 -36.28 -14.52
C GLU C 43 -11.69 -35.16 -14.91
N VAL C 44 -11.64 -34.11 -14.10
CA VAL C 44 -10.77 -32.96 -14.35
C VAL C 44 -9.97 -32.54 -13.13
N PRO C 45 -8.83 -33.21 -12.90
CA PRO C 45 -7.95 -32.91 -11.75
C PRO C 45 -7.41 -31.48 -11.76
N ALA C 46 -7.07 -30.99 -12.95
CA ALA C 46 -6.52 -29.65 -13.11
C ALA C 46 -7.45 -28.50 -12.76
N LEU C 47 -8.75 -28.69 -12.95
CA LEU C 47 -9.73 -27.65 -12.65
C LEU C 47 -10.06 -27.57 -11.17
N GLN C 48 -9.92 -26.37 -10.61
CA GLN C 48 -10.21 -26.13 -9.21
C GLN C 48 -11.15 -24.95 -9.06
N ALA C 49 -11.44 -24.58 -7.81
CA ALA C 49 -12.30 -23.45 -7.50
C ALA C 49 -11.72 -22.85 -6.23
N ALA C 50 -10.80 -21.90 -6.41
CA ALA C 50 -10.13 -21.26 -5.30
C ALA C 50 -11.10 -20.54 -4.35
N GLU C 51 -12.28 -20.19 -4.86
CA GLU C 51 -13.28 -19.51 -4.04
C GLU C 51 -13.59 -20.32 -2.79
N ILE C 52 -13.55 -21.63 -2.91
CA ILE C 52 -13.85 -22.52 -1.79
C ILE C 52 -12.96 -22.25 -0.58
N GLY C 53 -11.76 -21.72 -0.82
CA GLY C 53 -10.87 -21.42 0.29
C GLY C 53 -9.89 -22.53 0.61
N ALA C 54 -9.85 -23.55 -0.24
CA ALA C 54 -8.94 -24.68 -0.03
C ALA C 54 -7.90 -24.72 -1.13
N SER C 55 -6.68 -25.12 -0.78
CA SER C 55 -5.61 -25.20 -1.75
C SER C 55 -5.86 -26.34 -2.73
N SER C 56 -5.32 -26.19 -3.94
CA SER C 56 -5.47 -27.18 -4.99
C SER C 56 -4.98 -28.55 -4.53
N ASN C 57 -5.78 -29.58 -4.78
CA ASN C 57 -5.41 -30.94 -4.40
C ASN C 57 -4.86 -31.72 -5.60
N THR C 58 -4.63 -31.01 -6.70
CA THR C 58 -4.09 -31.62 -7.92
C THR C 58 -2.68 -32.14 -7.64
N SER C 59 -2.38 -33.34 -8.13
CA SER C 59 -1.06 -33.94 -7.93
C SER C 59 -0.27 -34.02 -9.23
N ASP C 60 1.04 -34.19 -9.12
CA ASP C 60 1.92 -34.27 -10.30
C ASP C 60 1.41 -35.33 -11.27
N GLU C 61 1.11 -36.51 -10.75
CA GLU C 61 0.67 -37.65 -11.54
C GLU C 61 -0.49 -37.39 -12.50
N SER C 62 -1.41 -36.52 -12.11
CA SER C 62 -2.56 -36.24 -12.96
C SER C 62 -2.35 -35.11 -13.97
N MET C 63 -1.22 -34.43 -13.87
CA MET C 63 -0.92 -33.33 -14.79
C MET C 63 0.08 -33.71 -15.88
N ILE C 64 0.91 -34.70 -15.61
CA ILE C 64 1.90 -35.15 -16.58
C ILE C 64 2.20 -36.62 -16.35
N GLU C 65 2.81 -37.27 -17.33
CA GLU C 65 3.16 -38.68 -17.18
C GLU C 65 4.42 -38.74 -16.33
N THR C 66 4.28 -39.24 -15.11
CA THR C 66 5.39 -39.34 -14.17
C THR C 66 5.97 -40.74 -14.02
N ARG C 67 7.19 -40.79 -13.50
CA ARG C 67 7.87 -42.05 -13.25
C ARG C 67 7.68 -42.34 -11.78
N CYS C 68 8.32 -43.39 -11.29
CA CYS C 68 8.22 -43.73 -9.88
C CYS C 68 9.47 -43.19 -9.19
N VAL C 69 9.27 -42.45 -8.11
CA VAL C 69 10.40 -41.89 -7.37
C VAL C 69 10.20 -42.20 -5.89
N LEU C 70 11.14 -42.93 -5.30
CA LEU C 70 11.05 -43.27 -3.89
C LEU C 70 11.75 -42.16 -3.11
N ASN C 71 10.97 -41.18 -2.69
CA ASN C 71 11.47 -40.02 -1.95
C ASN C 71 11.79 -40.36 -0.51
N SER C 72 13.05 -40.22 -0.14
CA SER C 72 13.49 -40.51 1.22
C SER C 72 14.10 -39.27 1.87
N HIS C 73 13.63 -38.10 1.42
CA HIS C 73 14.09 -36.82 1.96
C HIS C 73 13.38 -36.59 3.28
N SER C 74 14.14 -36.37 4.34
CA SER C 74 13.56 -36.15 5.67
C SER C 74 12.82 -34.83 5.85
N THR C 75 11.80 -34.86 6.70
CA THR C 75 11.00 -33.67 7.00
C THR C 75 11.28 -33.24 8.43
N ALA C 76 12.34 -33.78 9.01
CA ALA C 76 12.69 -33.49 10.40
C ALA C 76 13.19 -32.07 10.66
N GLU C 77 13.89 -31.46 9.71
CA GLU C 77 14.41 -30.13 9.97
C GLU C 77 13.41 -29.00 9.90
N THR C 78 12.15 -29.32 9.63
CA THR C 78 11.13 -28.29 9.55
C THR C 78 10.12 -28.40 10.69
N THR C 79 10.47 -29.18 11.72
CA THR C 79 9.58 -29.31 12.88
C THR C 79 9.75 -28.01 13.64
N LEU C 80 8.85 -27.72 14.58
CA LEU C 80 8.97 -26.47 15.32
C LEU C 80 10.24 -26.39 16.13
N ASP C 81 10.65 -27.50 16.74
CA ASP C 81 11.87 -27.49 17.54
C ASP C 81 13.11 -27.23 16.69
N SER C 82 13.19 -27.83 15.51
CA SER C 82 14.35 -27.60 14.64
C SER C 82 14.42 -26.13 14.24
N PHE C 83 13.27 -25.56 13.94
CA PHE C 83 13.17 -24.18 13.52
C PHE C 83 13.50 -23.17 14.62
N PHE C 84 12.90 -23.35 15.79
CA PHE C 84 13.09 -22.40 16.89
C PHE C 84 14.20 -22.67 17.90
N SER C 85 14.68 -23.91 17.97
CA SER C 85 15.72 -24.23 18.93
C SER C 85 17.12 -23.83 18.45
N ARG C 86 17.30 -22.52 18.33
CA ARG C 86 18.56 -21.91 17.90
C ARG C 86 18.65 -20.60 18.65
N ALA C 87 19.67 -20.46 19.48
CA ALA C 87 19.86 -19.24 20.26
C ALA C 87 20.05 -18.01 19.40
N GLY C 88 19.35 -16.93 19.77
CA GLY C 88 19.45 -15.69 19.03
C GLY C 88 19.43 -14.53 20.00
N LEU C 89 19.98 -13.39 19.58
CA LEU C 89 20.00 -12.21 20.44
C LEU C 89 18.60 -11.65 20.69
N VAL C 90 18.27 -11.43 21.96
CA VAL C 90 16.96 -10.88 22.32
C VAL C 90 17.09 -9.72 23.29
N GLY C 91 18.28 -9.55 23.85
CA GLY C 91 18.50 -8.46 24.79
C GLY C 91 19.95 -8.01 24.79
N GLU C 92 20.17 -6.76 25.19
CA GLU C 92 21.50 -6.18 25.24
C GLU C 92 21.50 -5.13 26.34
N ILE C 93 22.35 -5.31 27.34
CA ILE C 93 22.41 -4.38 28.46
C ILE C 93 23.78 -3.71 28.59
N ASP C 94 23.76 -2.39 28.72
CA ASP C 94 24.99 -1.60 28.85
C ASP C 94 25.23 -1.15 30.28
N LEU C 95 26.46 -1.30 30.76
CA LEU C 95 26.85 -0.88 32.10
C LEU C 95 28.15 -0.07 31.97
N PRO C 96 28.06 1.13 31.38
CA PRO C 96 29.21 2.01 31.19
C PRO C 96 29.72 2.64 32.47
N LEU C 97 30.89 3.27 32.38
CA LEU C 97 31.49 3.92 33.54
C LEU C 97 30.89 5.31 33.69
N GLU C 98 30.88 6.06 32.58
CA GLU C 98 30.33 7.41 32.56
C GLU C 98 29.31 7.54 31.44
N GLY C 99 28.16 8.16 31.76
CA GLY C 99 27.12 8.32 30.77
C GLY C 99 25.78 8.59 31.42
N THR C 100 24.70 8.42 30.67
CA THR C 100 23.35 8.63 31.18
C THR C 100 22.54 7.34 31.09
N THR C 101 23.22 6.25 30.74
CA THR C 101 22.58 4.94 30.62
C THR C 101 23.16 3.94 31.62
N ASN C 102 22.49 3.77 32.74
CA ASN C 102 22.93 2.84 33.78
C ASN C 102 24.38 3.09 34.21
N PRO C 103 24.69 4.30 34.69
CA PRO C 103 26.05 4.64 35.12
C PRO C 103 26.36 4.35 36.59
N ASN C 104 25.39 3.76 37.30
CA ASN C 104 25.57 3.46 38.71
C ASN C 104 25.89 2.00 39.00
N GLY C 105 26.36 1.29 37.99
CA GLY C 105 26.74 -0.11 38.17
C GLY C 105 25.64 -1.15 38.25
N TYR C 106 24.47 -0.83 37.73
CA TYR C 106 23.36 -1.79 37.76
C TYR C 106 22.39 -1.44 36.63
N ALA C 107 21.55 -2.40 36.25
CA ALA C 107 20.59 -2.18 35.19
C ALA C 107 19.40 -3.10 35.34
N ASN C 108 18.23 -2.64 34.88
CA ASN C 108 17.02 -3.45 34.93
C ASN C 108 16.45 -3.59 33.53
N TRP C 109 16.59 -4.77 32.95
CA TRP C 109 16.09 -5.04 31.62
C TRP C 109 14.70 -5.66 31.68
N ASP C 110 13.73 -5.00 31.05
CA ASP C 110 12.37 -5.52 31.04
C ASP C 110 12.36 -6.69 30.06
N ILE C 111 12.07 -7.89 30.57
CA ILE C 111 12.06 -9.09 29.74
C ILE C 111 11.06 -9.02 28.59
N ASP C 112 11.59 -8.83 27.38
CA ASP C 112 10.80 -8.71 26.17
C ASP C 112 11.68 -9.10 24.97
N ILE C 113 11.36 -10.21 24.32
CA ILE C 113 12.16 -10.65 23.17
C ILE C 113 11.79 -9.96 21.87
N THR C 114 11.01 -8.88 21.99
CA THR C 114 10.55 -8.15 20.82
C THR C 114 11.44 -6.97 20.42
N GLY C 115 12.64 -6.90 20.97
CA GLY C 115 13.53 -5.80 20.66
C GLY C 115 14.49 -6.00 19.48
N TYR C 116 14.54 -7.21 18.94
CA TYR C 116 15.42 -7.51 17.82
C TYR C 116 14.66 -8.20 16.69
N ALA C 117 14.81 -7.66 15.49
CA ALA C 117 14.11 -8.14 14.30
C ALA C 117 14.22 -9.61 13.88
N GLN C 118 15.42 -10.17 13.87
CA GLN C 118 15.54 -11.57 13.46
C GLN C 118 14.70 -12.52 14.28
N MET C 119 14.94 -12.54 15.59
CA MET C 119 14.22 -13.41 16.50
C MET C 119 12.73 -13.09 16.50
N ARG C 120 12.41 -11.80 16.50
CA ARG C 120 11.02 -11.37 16.53
C ARG C 120 10.20 -11.81 15.33
N ARG C 121 10.74 -11.65 14.13
CA ARG C 121 10.02 -12.02 12.93
C ARG C 121 9.65 -13.49 12.88
N LYS C 122 10.57 -14.35 13.36
CA LYS C 122 10.32 -15.79 13.37
C LYS C 122 9.16 -16.16 14.27
N VAL C 123 9.23 -15.76 15.53
CA VAL C 123 8.16 -16.06 16.46
C VAL C 123 6.84 -15.44 16.05
N GLU C 124 6.86 -14.29 15.39
CA GLU C 124 5.62 -13.65 15.00
C GLU C 124 4.97 -14.32 13.79
N LEU C 125 5.45 -15.51 13.44
CA LEU C 125 4.89 -16.27 12.34
C LEU C 125 3.67 -17.00 12.89
N PHE C 126 3.64 -17.14 14.22
CA PHE C 126 2.55 -17.79 14.93
C PHE C 126 1.91 -16.83 15.90
N THR C 127 0.64 -17.04 16.22
CA THR C 127 -0.07 -16.17 17.13
C THR C 127 0.20 -16.55 18.58
N TYR C 128 0.11 -17.84 18.88
CA TYR C 128 0.35 -18.33 20.23
C TYR C 128 1.52 -19.30 20.25
N MET C 129 2.27 -19.30 21.34
CA MET C 129 3.42 -20.20 21.49
C MET C 129 3.69 -20.58 22.94
N ARG C 130 3.90 -21.87 23.17
CA ARG C 130 4.18 -22.40 24.51
C ARG C 130 5.55 -23.06 24.43
N PHE C 131 6.45 -22.72 25.34
CA PHE C 131 7.78 -23.30 25.29
C PHE C 131 8.65 -23.02 26.51
N ASP C 132 9.67 -23.85 26.69
CA ASP C 132 10.64 -23.67 27.77
C ASP C 132 11.78 -23.00 27.02
N ALA C 133 12.72 -22.41 27.72
CA ALA C 133 13.80 -21.74 27.01
C ALA C 133 15.13 -21.87 27.73
N GLU C 134 16.20 -21.60 26.99
CA GLU C 134 17.54 -21.67 27.54
C GLU C 134 18.20 -20.31 27.31
N PHE C 135 18.42 -19.58 28.39
CA PHE C 135 19.06 -18.28 28.29
C PHE C 135 20.55 -18.32 28.56
N THR C 136 21.30 -17.67 27.67
CA THR C 136 22.74 -17.60 27.78
C THR C 136 23.14 -16.13 27.85
N PHE C 137 24.01 -15.78 28.79
CA PHE C 137 24.44 -14.41 28.96
C PHE C 137 25.92 -14.25 28.65
N VAL C 138 26.21 -13.55 27.55
CA VAL C 138 27.57 -13.30 27.11
C VAL C 138 28.00 -11.90 27.55
N ALA C 139 28.97 -11.81 28.45
CA ALA C 139 29.41 -10.52 28.95
C ALA C 139 30.87 -10.20 28.63
N CYS C 140 31.13 -8.91 28.42
CA CYS C 140 32.48 -8.42 28.10
C CYS C 140 32.43 -6.91 27.99
N THR C 141 33.56 -6.28 27.68
CA THR C 141 33.60 -4.83 27.54
C THR C 141 33.16 -4.47 26.13
N PRO C 142 32.96 -3.16 25.86
CA PRO C 142 32.54 -2.74 24.52
C PRO C 142 33.52 -3.07 23.40
N THR C 143 34.73 -3.49 23.73
CA THR C 143 35.71 -3.84 22.70
C THR C 143 35.77 -5.35 22.51
N GLY C 144 35.05 -6.08 23.35
CA GLY C 144 35.05 -7.53 23.26
C GLY C 144 36.08 -8.13 24.19
N GLN C 145 36.74 -7.26 24.96
CA GLN C 145 37.77 -7.68 25.90
C GLN C 145 37.18 -8.37 27.12
N VAL C 146 37.80 -9.47 27.52
CA VAL C 146 37.37 -10.23 28.69
C VAL C 146 38.12 -9.68 29.89
N VAL C 147 37.35 -9.25 30.88
CA VAL C 147 37.90 -8.65 32.09
C VAL C 147 37.56 -9.42 33.36
N PRO C 148 38.49 -9.42 34.35
CA PRO C 148 38.28 -10.12 35.63
C PRO C 148 37.30 -9.39 36.53
N GLN C 149 36.02 -9.48 36.21
CA GLN C 149 34.97 -8.80 36.96
C GLN C 149 33.87 -9.77 37.37
N LEU C 150 33.34 -9.61 38.58
CA LEU C 150 32.27 -10.47 39.08
C LEU C 150 30.92 -9.76 38.98
N LEU C 151 29.97 -10.39 38.29
CA LEU C 151 28.62 -9.84 38.10
C LEU C 151 27.55 -10.67 38.78
N GLN C 152 26.38 -10.08 38.96
CA GLN C 152 25.26 -10.79 39.55
C GLN C 152 24.01 -10.54 38.70
N TYR C 153 23.42 -11.61 38.20
CA TYR C 153 22.21 -11.51 37.40
C TYR C 153 21.09 -11.99 38.30
N MET C 154 19.97 -11.27 38.30
CA MET C 154 18.86 -11.69 39.15
C MET C 154 17.54 -11.58 38.42
N PHE C 155 16.74 -12.65 38.50
CA PHE C 155 15.44 -12.65 37.86
C PHE C 155 14.44 -12.11 38.87
N VAL C 156 13.81 -10.99 38.53
CA VAL C 156 12.84 -10.36 39.42
C VAL C 156 11.42 -10.51 38.86
N PRO C 157 10.71 -11.56 39.27
CA PRO C 157 9.34 -11.81 38.81
C PRO C 157 8.47 -10.60 39.12
N PRO C 158 7.41 -10.37 38.34
CA PRO C 158 6.55 -9.22 38.62
C PRO C 158 5.99 -9.23 40.05
N GLY C 159 6.27 -8.16 40.78
CA GLY C 159 5.78 -8.05 42.15
C GLY C 159 6.94 -7.99 43.12
N ALA C 160 8.07 -8.56 42.73
CA ALA C 160 9.26 -8.56 43.57
C ALA C 160 9.90 -7.17 43.48
N PRO C 161 10.67 -6.78 44.51
CA PRO C 161 11.32 -5.48 44.54
C PRO C 161 12.49 -5.33 43.57
N LYS C 162 12.38 -4.39 42.64
CA LYS C 162 13.44 -4.13 41.67
C LYS C 162 14.51 -3.29 42.33
N PRO C 163 15.79 -3.71 42.19
CA PRO C 163 16.90 -2.96 42.79
C PRO C 163 17.00 -1.52 42.28
N GLU C 164 17.18 -0.59 43.23
CA GLU C 164 17.29 0.83 42.92
C GLU C 164 18.75 1.32 42.89
N SER C 165 19.68 0.45 43.26
CA SER C 165 21.10 0.80 43.27
C SER C 165 21.97 -0.45 43.29
N ARG C 166 23.28 -0.25 43.16
CA ARG C 166 24.22 -1.35 43.19
C ARG C 166 24.23 -2.03 44.55
N GLU C 167 23.95 -1.26 45.60
CA GLU C 167 23.95 -1.79 46.97
C GLU C 167 22.54 -2.02 47.51
N SER C 168 21.56 -2.11 46.62
CA SER C 168 20.18 -2.33 47.02
C SER C 168 20.07 -3.57 47.88
N LEU C 169 19.09 -3.56 48.79
CA LEU C 169 18.88 -4.71 49.67
C LEU C 169 18.30 -5.89 48.90
N ALA C 170 17.71 -5.60 47.76
CA ALA C 170 17.10 -6.63 46.92
C ALA C 170 18.10 -7.65 46.41
N TRP C 171 19.39 -7.31 46.44
CA TRP C 171 20.42 -8.20 45.96
C TRP C 171 20.70 -9.36 46.90
N GLN C 172 19.91 -9.47 47.96
CA GLN C 172 20.08 -10.55 48.92
C GLN C 172 19.52 -11.86 48.36
N THR C 173 18.71 -11.76 47.31
CA THR C 173 18.08 -12.91 46.64
C THR C 173 17.66 -14.06 47.53
N ALA C 174 17.08 -13.76 48.68
CA ALA C 174 16.64 -14.81 49.57
C ALA C 174 15.66 -15.77 48.89
N THR C 175 14.97 -15.29 47.85
CA THR C 175 14.00 -16.13 47.14
C THR C 175 14.12 -16.06 45.61
N ASN C 176 14.48 -14.90 45.06
CA ASN C 176 14.64 -14.77 43.61
C ASN C 176 15.84 -15.58 43.15
N PRO C 177 15.79 -16.12 41.93
CA PRO C 177 16.94 -16.87 41.45
C PRO C 177 18.00 -15.90 40.93
N SER C 178 19.25 -16.12 41.36
CA SER C 178 20.37 -15.27 40.95
C SER C 178 21.53 -16.09 40.45
N VAL C 179 22.36 -15.48 39.62
CA VAL C 179 23.54 -16.15 39.08
C VAL C 179 24.74 -15.25 39.29
N PHE C 180 25.79 -15.80 39.89
CA PHE C 180 27.02 -15.04 40.11
C PHE C 180 28.10 -15.59 39.19
N VAL C 181 28.61 -14.76 38.28
CA VAL C 181 29.65 -15.20 37.36
C VAL C 181 30.70 -14.14 37.14
N LYS C 182 31.89 -14.58 36.72
CA LYS C 182 32.99 -13.69 36.40
C LYS C 182 32.97 -13.62 34.87
N LEU C 183 33.43 -12.51 34.30
CA LEU C 183 33.46 -12.41 32.86
C LEU C 183 34.50 -13.35 32.28
N THR C 184 35.37 -13.86 33.14
CA THR C 184 36.42 -14.77 32.72
C THR C 184 35.89 -16.21 32.64
N ASP C 185 34.71 -16.46 33.21
CA ASP C 185 34.11 -17.78 33.16
C ASP C 185 33.30 -17.86 31.86
N PRO C 186 33.05 -19.08 31.35
CA PRO C 186 32.26 -19.16 30.12
C PRO C 186 30.86 -18.58 30.38
N PRO C 187 30.21 -18.04 29.33
CA PRO C 187 28.88 -17.45 29.51
C PRO C 187 27.92 -18.28 30.36
N ALA C 188 27.24 -17.61 31.29
CA ALA C 188 26.27 -18.29 32.14
C ALA C 188 25.13 -18.76 31.28
N GLN C 189 24.61 -19.93 31.59
CA GLN C 189 23.50 -20.52 30.83
C GLN C 189 22.53 -21.09 31.84
N VAL C 190 21.24 -20.97 31.56
CA VAL C 190 20.25 -21.43 32.51
C VAL C 190 18.95 -21.85 31.82
N SER C 191 18.19 -22.75 32.44
CA SER C 191 16.93 -23.22 31.88
C SER C 191 15.73 -22.55 32.53
N VAL C 192 14.79 -22.12 31.69
CA VAL C 192 13.58 -21.45 32.16
C VAL C 192 12.36 -22.22 31.68
N PRO C 193 11.34 -22.37 32.55
CA PRO C 193 10.12 -23.08 32.15
C PRO C 193 9.11 -22.16 31.50
N PHE C 194 7.93 -22.69 31.22
CA PHE C 194 6.86 -21.88 30.64
C PHE C 194 6.16 -21.25 31.84
N MET C 195 6.43 -19.99 32.10
CA MET C 195 5.86 -19.33 33.27
C MET C 195 4.74 -18.32 33.08
N SER C 196 3.88 -18.55 32.11
CA SER C 196 2.78 -17.65 31.89
C SER C 196 1.55 -18.17 32.59
N PRO C 197 0.67 -17.27 33.05
CA PRO C 197 -0.55 -17.75 33.72
C PRO C 197 -1.55 -18.22 32.66
N ALA C 198 -1.24 -17.93 31.39
CA ALA C 198 -2.06 -18.35 30.27
C ALA C 198 -1.51 -19.69 29.81
N SER C 199 -2.15 -20.35 28.85
CA SER C 199 -1.66 -21.63 28.39
C SER C 199 -0.57 -21.48 27.33
N ALA C 200 -0.32 -20.23 26.92
CA ALA C 200 0.69 -19.94 25.93
C ALA C 200 0.94 -18.44 25.84
N TYR C 201 2.09 -18.06 25.30
CA TYR C 201 2.40 -16.64 25.15
C TYR C 201 1.70 -16.15 23.88
N GLN C 202 1.35 -14.87 23.85
CA GLN C 202 0.70 -14.29 22.68
C GLN C 202 1.57 -13.20 22.10
N TRP C 203 1.97 -13.33 20.85
CA TRP C 203 2.78 -12.29 20.24
C TRP C 203 1.84 -11.17 19.83
N PHE C 204 0.54 -11.48 19.82
CA PHE C 204 -0.49 -10.53 19.46
C PHE C 204 -1.71 -10.63 20.35
N TYR C 205 -2.09 -9.51 20.96
CA TYR C 205 -3.26 -9.46 21.84
C TYR C 205 -4.14 -8.32 21.37
N ASP C 206 -5.21 -8.64 20.65
CA ASP C 206 -6.11 -7.62 20.15
C ASP C 206 -7.13 -7.20 21.19
N GLY C 207 -6.70 -6.39 22.15
CA GLY C 207 -7.58 -5.92 23.19
C GLY C 207 -6.87 -5.07 24.22
N TYR C 208 -7.58 -4.70 25.27
CA TYR C 208 -7.03 -3.88 26.35
C TYR C 208 -6.91 -4.71 27.62
N PRO C 209 -5.95 -4.36 28.49
CA PRO C 209 -5.75 -5.11 29.73
C PRO C 209 -6.73 -4.76 30.86
N THR C 210 -7.32 -3.58 30.81
CA THR C 210 -8.24 -3.14 31.86
C THR C 210 -9.55 -2.57 31.31
N PHE C 211 -10.58 -2.53 32.15
CA PHE C 211 -11.87 -1.99 31.73
C PHE C 211 -11.87 -0.47 31.86
N GLY C 212 -13.03 0.14 31.63
CA GLY C 212 -13.14 1.58 31.74
C GLY C 212 -13.09 2.29 30.41
N GLU C 213 -13.08 3.62 30.46
CA GLU C 213 -13.03 4.44 29.26
C GLU C 213 -11.63 4.32 28.68
N HIS C 214 -11.54 4.22 27.35
CA HIS C 214 -10.23 4.10 26.72
C HIS C 214 -9.91 5.37 25.94
N LYS C 215 -9.48 6.38 26.67
CA LYS C 215 -9.14 7.69 26.09
C LYS C 215 -7.77 7.73 25.42
N GLN C 216 -7.57 8.78 24.63
CA GLN C 216 -6.34 9.01 23.88
C GLN C 216 -5.08 8.75 24.72
N GLU C 217 -5.02 9.31 25.91
CA GLU C 217 -3.87 9.16 26.81
C GLU C 217 -3.53 7.72 27.18
N LYS C 218 -4.53 6.85 27.24
CA LYS C 218 -4.31 5.45 27.62
C LYS C 218 -4.23 4.46 26.46
N ASP C 219 -4.22 4.94 25.22
CA ASP C 219 -4.14 4.04 24.07
C ASP C 219 -2.78 3.33 24.09
N LEU C 220 -1.95 3.74 25.02
CA LEU C 220 -0.64 3.18 25.20
C LEU C 220 -0.75 1.70 25.61
N GLU C 221 -1.88 1.36 26.24
CA GLU C 221 -2.14 0.02 26.73
C GLU C 221 -2.75 -0.97 25.74
N TYR C 222 -3.19 -0.48 24.58
CA TYR C 222 -3.78 -1.38 23.59
C TYR C 222 -2.77 -2.40 23.11
N GLY C 223 -3.15 -3.67 23.16
CA GLY C 223 -2.28 -4.74 22.71
C GLY C 223 -1.28 -5.19 23.76
N ALA C 224 -1.44 -4.71 24.98
CA ALA C 224 -0.55 -5.09 26.07
C ALA C 224 -1.15 -6.21 26.90
N CYS C 225 -0.57 -7.39 26.81
CA CYS C 225 -1.07 -8.53 27.57
C CYS C 225 -0.12 -8.91 28.70
N PRO C 226 -0.59 -8.77 29.95
CA PRO C 226 0.21 -9.09 31.14
C PRO C 226 0.65 -10.55 31.21
N ASN C 227 -0.04 -11.43 30.49
CA ASN C 227 0.33 -12.83 30.50
C ASN C 227 1.66 -13.05 29.80
N ASN C 228 2.19 -12.00 29.16
CA ASN C 228 3.46 -12.07 28.46
C ASN C 228 4.54 -11.31 29.21
N MET C 229 4.12 -10.54 30.21
CA MET C 229 5.06 -9.76 31.01
C MET C 229 5.58 -10.61 32.15
N MET C 230 6.73 -11.24 31.92
CA MET C 230 7.35 -12.14 32.87
C MET C 230 8.22 -11.54 33.96
N GLY C 231 8.40 -10.22 33.93
CA GLY C 231 9.23 -9.60 34.95
C GLY C 231 10.45 -8.87 34.43
N THR C 232 11.43 -8.72 35.31
CA THR C 232 12.66 -8.00 35.00
C THR C 232 13.92 -8.84 35.20
N PHE C 233 14.97 -8.47 34.48
CA PHE C 233 16.27 -9.12 34.57
C PHE C 233 17.22 -8.02 35.05
N SER C 234 17.80 -8.20 36.24
CA SER C 234 18.71 -7.19 36.79
C SER C 234 20.16 -7.63 36.83
N VAL C 235 21.07 -6.67 36.59
CA VAL C 235 22.50 -6.94 36.60
C VAL C 235 23.23 -5.92 37.45
N ARG C 236 24.37 -6.29 38.00
CA ARG C 236 25.15 -5.36 38.82
C ARG C 236 26.58 -5.83 39.02
N ASN C 237 27.44 -4.93 39.48
CA ASN C 237 28.82 -5.25 39.78
C ASN C 237 28.71 -5.71 41.22
N VAL C 238 29.19 -6.90 41.53
CA VAL C 238 29.08 -7.32 42.92
C VAL C 238 30.08 -6.52 43.74
N GLY C 239 29.65 -5.37 44.23
CA GLY C 239 30.51 -4.52 45.02
C GLY C 239 29.79 -3.33 45.61
N SER C 240 30.56 -2.41 46.19
CA SER C 240 30.00 -1.20 46.80
C SER C 240 30.69 0.03 46.24
N SER C 241 31.55 -0.18 45.25
CA SER C 241 32.28 0.89 44.59
C SER C 241 32.15 0.76 43.08
N LYS C 242 32.46 1.83 42.35
CA LYS C 242 32.36 1.83 40.90
C LYS C 242 33.30 0.79 40.29
N SER C 243 32.84 0.12 39.23
CA SER C 243 33.65 -0.90 38.57
C SER C 243 34.79 -0.21 37.82
N LYS C 244 35.87 -0.93 37.58
CA LYS C 244 37.00 -0.36 36.89
C LYS C 244 36.85 -0.46 35.36
N TYR C 245 35.85 -1.22 34.91
CA TYR C 245 35.63 -1.39 33.47
C TYR C 245 34.18 -1.21 33.02
N PRO C 246 33.99 -0.84 31.74
CA PRO C 246 32.67 -0.65 31.15
C PRO C 246 32.20 -2.02 30.66
N LEU C 247 30.95 -2.38 30.93
CA LEU C 247 30.47 -3.70 30.54
C LEU C 247 29.27 -3.72 29.62
N VAL C 248 29.06 -4.87 28.99
CA VAL C 248 27.94 -5.09 28.09
C VAL C 248 27.53 -6.54 28.29
N VAL C 249 26.22 -6.76 28.34
CA VAL C 249 25.70 -8.11 28.51
C VAL C 249 24.73 -8.41 27.39
N ARG C 250 25.04 -9.39 26.57
CA ARG C 250 24.16 -9.78 25.50
C ARG C 250 23.40 -11.01 25.94
N ILE C 251 22.08 -11.00 25.75
CA ILE C 251 21.24 -12.10 26.16
C ILE C 251 20.73 -12.89 24.96
N TYR C 252 21.00 -14.19 24.97
CA TYR C 252 20.57 -15.07 23.89
C TYR C 252 19.50 -16.03 24.39
N MET C 253 18.54 -16.37 23.54
CA MET C 253 17.48 -17.28 23.91
C MET C 253 17.28 -18.43 22.94
N ARG C 254 17.18 -19.64 23.48
CA ARG C 254 16.97 -20.84 22.68
C ARG C 254 15.70 -21.49 23.20
N MET C 255 14.70 -21.66 22.33
CA MET C 255 13.45 -22.28 22.73
C MET C 255 13.51 -23.81 22.68
N LYS C 256 12.87 -24.46 23.64
CA LYS C 256 12.83 -25.92 23.72
C LYS C 256 11.41 -26.38 23.99
N HIS C 257 11.10 -27.61 23.59
CA HIS C 257 9.76 -28.16 23.84
C HIS C 257 8.72 -27.14 23.36
N VAL C 258 8.75 -26.85 22.07
CA VAL C 258 7.86 -25.87 21.48
C VAL C 258 6.55 -26.36 20.90
N ARG C 259 5.48 -25.64 21.24
CA ARG C 259 4.13 -25.89 20.73
C ARG C 259 3.75 -24.54 20.13
N ALA C 260 3.07 -24.54 18.99
CA ALA C 260 2.68 -23.28 18.35
C ALA C 260 1.34 -23.41 17.66
N TRP C 261 0.55 -22.34 17.70
CA TRP C 261 -0.79 -22.34 17.10
C TRP C 261 -1.06 -21.12 16.23
N ILE C 262 -1.96 -21.30 15.26
CA ILE C 262 -2.41 -20.24 14.38
C ILE C 262 -1.34 -19.40 13.66
N PRO C 263 -0.92 -19.83 12.47
CA PRO C 263 0.09 -19.09 11.71
C PRO C 263 -0.47 -17.80 11.13
N ARG C 264 0.39 -16.80 10.94
CA ARG C 264 -0.03 -15.51 10.40
C ARG C 264 0.91 -15.04 9.29
N PRO C 265 0.52 -13.98 8.56
CA PRO C 265 1.36 -13.46 7.49
C PRO C 265 2.65 -12.96 8.14
N MET C 266 3.79 -13.19 7.48
CA MET C 266 5.09 -12.79 8.01
C MET C 266 5.35 -11.29 7.88
N ARG C 267 5.95 -10.69 8.91
CA ARG C 267 6.24 -9.26 8.90
C ARG C 267 6.69 -8.79 7.52
N ASN C 268 6.01 -7.75 7.05
CA ASN C 268 6.19 -7.17 5.74
C ASN C 268 7.05 -5.90 5.71
N GLN C 269 6.87 -5.06 6.74
CA GLN C 269 7.57 -3.79 6.88
C GLN C 269 8.54 -3.77 8.04
N ASN C 270 9.41 -2.77 8.06
CA ASN C 270 10.39 -2.62 9.12
C ASN C 270 9.70 -2.44 10.46
N TYR C 271 10.34 -2.93 11.52
CA TYR C 271 9.81 -2.81 12.86
C TYR C 271 10.23 -1.44 13.38
N LEU C 272 9.39 -0.83 14.20
CA LEU C 272 9.72 0.47 14.75
C LEU C 272 9.71 0.47 16.27
N PHE C 273 8.71 -0.18 16.86
CA PHE C 273 8.59 -0.25 18.31
C PHE C 273 8.40 -1.66 18.84
N LYS C 274 8.52 -1.82 20.15
CA LYS C 274 8.38 -3.13 20.77
C LYS C 274 6.95 -3.61 21.05
N ALA C 275 6.16 -2.80 21.74
CA ALA C 275 4.80 -3.19 22.09
C ALA C 275 3.76 -3.14 21.00
N ASN C 276 4.17 -2.90 19.75
CA ASN C 276 3.19 -2.81 18.67
C ASN C 276 3.71 -3.02 17.25
N PRO C 277 2.79 -3.21 16.29
CA PRO C 277 3.11 -3.44 14.88
C PRO C 277 3.14 -2.19 14.01
N ASN C 278 3.40 -1.03 14.60
CA ASN C 278 3.45 0.21 13.82
C ASN C 278 4.45 0.11 12.69
N TYR C 279 4.15 0.79 11.59
CA TYR C 279 5.01 0.81 10.41
C TYR C 279 5.07 2.24 9.89
N ALA C 280 6.11 2.57 9.14
CA ALA C 280 6.24 3.93 8.60
C ALA C 280 5.31 4.08 7.40
N GLY C 281 4.25 4.85 7.59
CA GLY C 281 3.27 5.06 6.54
C GLY C 281 3.74 5.72 5.25
N ASN C 282 4.87 6.43 5.32
CA ASN C 282 5.41 7.11 4.14
C ASN C 282 6.44 6.25 3.42
N SER C 283 6.85 5.16 4.05
CA SER C 283 7.84 4.27 3.47
C SER C 283 7.29 2.85 3.41
N ILE C 284 6.09 2.69 2.89
CA ILE C 284 5.49 1.36 2.76
C ILE C 284 6.06 0.71 1.51
N LYS C 285 7.04 -0.17 1.71
CA LYS C 285 7.68 -0.85 0.59
C LYS C 285 6.95 -2.15 0.26
N PRO C 286 7.09 -2.62 -1.00
CA PRO C 286 6.44 -3.86 -1.44
C PRO C 286 7.05 -5.03 -0.70
N THR C 287 6.35 -6.16 -0.68
CA THR C 287 6.88 -7.32 0.03
C THR C 287 8.22 -7.71 -0.57
N GLY C 288 8.35 -7.57 -1.88
CA GLY C 288 9.60 -7.93 -2.51
C GLY C 288 10.13 -7.05 -3.64
N THR C 289 10.92 -7.66 -4.50
CA THR C 289 11.54 -7.02 -5.65
C THR C 289 10.52 -6.68 -6.73
N SER C 290 10.86 -5.68 -7.55
CA SER C 290 9.98 -5.26 -8.64
C SER C 290 10.72 -5.30 -9.97
N ARG C 291 9.98 -5.15 -11.06
CA ARG C 291 10.58 -5.15 -12.40
C ARG C 291 9.90 -4.15 -13.32
N THR C 292 10.46 -3.97 -14.51
CA THR C 292 9.95 -3.04 -15.49
C THR C 292 8.59 -3.44 -16.08
N ALA C 293 8.53 -4.61 -16.70
CA ALA C 293 7.29 -5.08 -17.30
C ALA C 293 6.93 -6.47 -16.83
N ILE C 294 5.65 -6.82 -16.91
CA ILE C 294 5.16 -8.11 -16.48
C ILE C 294 5.49 -9.20 -17.51
N THR C 295 5.84 -8.78 -18.72
CA THR C 295 6.17 -9.70 -19.80
C THR C 295 7.67 -9.86 -20.05
N THR C 296 8.47 -9.33 -19.14
CA THR C 296 9.93 -9.41 -19.27
C THR C 296 10.56 -9.73 -17.92
N LEU C 297 11.56 -10.59 -17.92
CA LEU C 297 12.24 -10.97 -16.69
C LEU C 297 13.13 -9.85 -16.14
N GLY C 298 13.93 -9.29 -16.93
N ASP D 11 -24.23 -28.88 -3.94
CA ASP D 11 -23.03 -28.23 -3.32
C ASP D 11 -22.94 -26.70 -3.52
N ARG D 12 -23.65 -26.20 -4.54
CA ARG D 12 -23.68 -24.76 -4.82
C ARG D 12 -24.79 -24.12 -4.01
N VAL D 13 -25.79 -24.93 -3.63
CA VAL D 13 -26.91 -24.46 -2.83
C VAL D 13 -26.69 -24.89 -1.38
N ALA D 14 -27.23 -24.12 -0.45
CA ALA D 14 -27.08 -24.43 0.96
C ALA D 14 -28.06 -23.68 1.83
N GLN D 15 -28.26 -24.19 3.04
CA GLN D 15 -29.15 -23.55 4.00
C GLN D 15 -28.51 -23.67 5.38
N LEU D 16 -28.47 -22.55 6.10
CA LEU D 16 -27.90 -22.55 7.43
C LEU D 16 -28.99 -22.16 8.40
N THR D 17 -29.42 -23.11 9.22
CA THR D 17 -30.45 -22.85 10.20
C THR D 17 -29.86 -22.98 11.59
N ILE D 18 -30.09 -21.97 12.41
CA ILE D 18 -29.61 -21.98 13.77
C ILE D 18 -30.48 -20.97 14.52
N GLY D 19 -30.97 -21.37 15.69
CA GLY D 19 -31.85 -20.49 16.44
C GLY D 19 -33.13 -20.37 15.65
N ASN D 20 -33.69 -19.16 15.57
CA ASN D 20 -34.91 -18.93 14.83
C ASN D 20 -34.61 -18.19 13.53
N SER D 21 -33.42 -18.42 12.99
CA SER D 21 -33.00 -17.75 11.77
C SER D 21 -32.47 -18.73 10.73
N THR D 22 -32.80 -18.48 9.47
CA THR D 22 -32.37 -19.34 8.37
C THR D 22 -31.78 -18.53 7.23
N ILE D 23 -30.65 -19.00 6.71
CA ILE D 23 -30.01 -18.34 5.59
C ILE D 23 -30.06 -19.26 4.38
N THR D 24 -30.32 -18.67 3.23
CA THR D 24 -30.42 -19.42 1.99
C THR D 24 -29.40 -18.90 0.97
N THR D 25 -28.98 -19.77 0.06
CA THR D 25 -28.03 -19.38 -0.97
C THR D 25 -28.04 -20.40 -2.09
N GLN D 26 -27.93 -19.92 -3.33
CA GLN D 26 -27.95 -20.81 -4.47
C GLN D 26 -26.67 -20.72 -5.28
N GLU D 27 -25.72 -19.94 -4.78
CA GLU D 27 -24.43 -19.77 -5.43
C GLU D 27 -23.37 -19.70 -4.35
N ALA D 28 -23.22 -20.80 -3.63
CA ALA D 28 -22.24 -20.91 -2.55
C ALA D 28 -21.02 -21.64 -3.07
N ALA D 29 -19.98 -21.70 -2.24
CA ALA D 29 -18.75 -22.38 -2.61
C ALA D 29 -18.30 -23.23 -1.42
N ASN D 30 -19.17 -24.16 -1.02
CA ASN D 30 -18.88 -25.03 0.11
C ASN D 30 -18.81 -24.21 1.40
N ILE D 31 -18.39 -24.86 2.48
CA ILE D 31 -18.28 -24.20 3.79
C ILE D 31 -16.91 -24.49 4.37
N ILE D 32 -16.29 -23.48 4.96
CA ILE D 32 -14.98 -23.65 5.56
C ILE D 32 -15.12 -23.76 7.07
N VAL D 33 -14.42 -24.72 7.66
CA VAL D 33 -14.45 -24.89 9.10
C VAL D 33 -13.06 -24.58 9.60
N GLY D 34 -12.89 -23.35 10.09
CA GLY D 34 -11.61 -22.90 10.58
C GLY D 34 -10.75 -23.89 11.34
N TYR D 35 -9.57 -24.16 10.80
CA TYR D 35 -8.61 -25.07 11.43
C TYR D 35 -9.17 -26.47 11.65
N GLY D 36 -10.14 -26.85 10.83
CA GLY D 36 -10.74 -28.17 10.91
C GLY D 36 -11.35 -28.52 12.25
N GLU D 37 -11.98 -27.56 12.92
CA GLU D 37 -12.60 -27.81 14.22
C GLU D 37 -13.92 -27.09 14.39
N TRP D 38 -14.93 -27.82 14.87
CA TRP D 38 -16.24 -27.24 15.12
C TRP D 38 -16.28 -26.62 16.50
N PRO D 39 -17.10 -25.56 16.66
CA PRO D 39 -17.18 -24.93 17.97
C PRO D 39 -17.66 -25.97 18.98
N SER D 40 -17.19 -25.88 20.21
CA SER D 40 -17.58 -26.82 21.25
C SER D 40 -17.58 -26.10 22.58
N TYR D 41 -18.18 -26.73 23.59
CA TYR D 41 -18.21 -26.14 24.92
C TYR D 41 -16.90 -26.45 25.64
N CYS D 42 -16.66 -25.75 26.74
CA CYS D 42 -15.44 -25.93 27.51
C CYS D 42 -15.41 -27.19 28.36
N SER D 43 -14.32 -27.96 28.23
CA SER D 43 -14.13 -29.21 28.98
C SER D 43 -14.13 -28.90 30.48
N ASP D 44 -14.28 -29.95 31.28
CA ASP D 44 -14.26 -29.78 32.73
C ASP D 44 -12.80 -29.71 33.20
N ASP D 45 -11.87 -30.08 32.34
CA ASP D 45 -10.45 -30.05 32.70
C ASP D 45 -9.72 -28.85 32.08
N ASP D 46 -10.39 -28.16 31.15
CA ASP D 46 -9.81 -26.98 30.52
C ASP D 46 -10.31 -25.73 31.23
N ALA D 47 -11.34 -25.89 32.05
CA ALA D 47 -11.94 -24.77 32.79
C ALA D 47 -11.27 -24.45 34.12
N THR D 48 -11.50 -23.23 34.63
CA THR D 48 -10.98 -22.80 35.92
C THR D 48 -12.08 -22.16 36.75
N ALA D 49 -12.81 -21.24 36.14
CA ALA D 49 -13.92 -20.57 36.83
C ALA D 49 -14.79 -21.68 37.40
N VAL D 50 -15.07 -21.61 38.70
CA VAL D 50 -15.85 -22.64 39.37
C VAL D 50 -17.36 -22.45 39.31
N ASP D 51 -17.83 -21.24 39.01
CA ASP D 51 -19.27 -21.03 38.96
C ASP D 51 -19.86 -21.67 37.71
N LYS D 52 -21.10 -22.14 37.84
CA LYS D 52 -21.79 -22.77 36.73
C LYS D 52 -22.14 -21.72 35.69
N PRO D 53 -21.72 -21.94 34.43
CA PRO D 53 -22.00 -21.00 33.35
C PRO D 53 -23.43 -21.04 32.83
N THR D 54 -23.78 -20.03 32.04
CA THR D 54 -25.10 -19.92 31.43
C THR D 54 -24.91 -20.29 29.99
N ARG D 55 -25.81 -21.12 29.47
CA ARG D 55 -25.75 -21.51 28.08
C ARG D 55 -27.14 -21.25 27.52
N PRO D 56 -27.45 -19.96 27.28
CA PRO D 56 -28.74 -19.47 26.76
C PRO D 56 -29.23 -20.13 25.47
N ASP D 57 -28.34 -20.79 24.74
CA ASP D 57 -28.71 -21.48 23.51
C ASP D 57 -29.44 -20.63 22.47
N VAL D 58 -30.60 -21.11 22.00
CA VAL D 58 -31.37 -20.43 20.97
C VAL D 58 -31.54 -18.91 21.01
N SER D 59 -31.50 -18.32 22.19
CA SER D 59 -31.67 -16.88 22.29
C SER D 59 -30.43 -16.09 21.88
N VAL D 60 -29.27 -16.73 21.91
CA VAL D 60 -28.03 -16.05 21.53
C VAL D 60 -27.32 -16.71 20.35
N ASN D 61 -27.55 -18.00 20.14
CA ASN D 61 -26.92 -18.70 19.03
C ASN D 61 -27.86 -18.65 17.83
N ARG D 62 -27.86 -17.51 17.15
CA ARG D 62 -28.70 -17.29 15.99
C ARG D 62 -28.03 -16.29 15.07
N PHE D 63 -28.59 -16.08 13.89
CA PHE D 63 -28.01 -15.16 12.94
C PHE D 63 -28.37 -13.69 13.14
N TYR D 64 -27.34 -12.88 13.32
CA TYR D 64 -27.49 -11.44 13.50
C TYR D 64 -26.94 -10.79 12.24
N THR D 65 -27.73 -9.93 11.60
CA THR D 65 -27.27 -9.25 10.39
C THR D 65 -26.84 -7.83 10.68
N LEU D 66 -25.54 -7.59 10.59
CA LEU D 66 -24.96 -6.27 10.84
C LEU D 66 -25.07 -5.39 9.62
N ASP D 67 -24.63 -4.14 9.75
CA ASP D 67 -24.70 -3.18 8.65
C ASP D 67 -24.21 -3.69 7.30
N THR D 68 -24.64 -2.98 6.26
CA THR D 68 -24.30 -3.28 4.88
C THR D 68 -23.28 -2.27 4.39
N LYS D 69 -22.34 -2.71 3.57
CA LYS D 69 -21.34 -1.83 3.01
C LYS D 69 -21.56 -1.75 1.51
N LEU D 70 -21.09 -0.66 0.89
CA LEU D 70 -21.24 -0.51 -0.55
C LEU D 70 -19.91 -0.73 -1.23
N TRP D 71 -19.88 -1.66 -2.17
CA TRP D 71 -18.68 -1.99 -2.91
C TRP D 71 -18.58 -1.01 -4.08
N GLU D 72 -17.52 -0.21 -4.08
CA GLU D 72 -17.28 0.77 -5.13
C GLU D 72 -16.07 0.34 -5.95
N LYS D 73 -15.92 0.88 -7.15
CA LYS D 73 -14.79 0.52 -8.00
C LYS D 73 -13.46 0.94 -7.38
N SER D 74 -13.53 1.70 -6.29
CA SER D 74 -12.33 2.20 -5.61
C SER D 74 -12.20 1.80 -4.14
N SER D 75 -13.07 0.92 -3.67
CA SER D 75 -13.05 0.49 -2.28
C SER D 75 -11.74 -0.20 -1.92
N LYS D 76 -11.29 -0.02 -0.68
CA LYS D 76 -10.05 -0.61 -0.21
C LYS D 76 -10.29 -1.87 0.62
N GLY D 77 -11.39 -1.90 1.36
CA GLY D 77 -11.70 -3.05 2.18
C GLY D 77 -12.10 -2.64 3.58
N TRP D 78 -12.72 -3.55 4.32
CA TRP D 78 -13.17 -3.26 5.68
C TRP D 78 -12.83 -4.41 6.60
N TYR D 79 -13.03 -4.21 7.90
CA TYR D 79 -12.78 -5.26 8.88
C TYR D 79 -13.71 -5.07 10.07
N TRP D 80 -13.98 -6.16 10.77
CA TRP D 80 -14.83 -6.14 11.94
C TRP D 80 -14.15 -6.98 13.01
N LYS D 81 -14.10 -6.49 14.25
CA LYS D 81 -13.50 -7.27 15.32
C LYS D 81 -14.69 -8.07 15.84
N PHE D 82 -14.51 -9.36 16.11
CA PHE D 82 -15.70 -10.12 16.45
C PHE D 82 -16.40 -10.21 17.78
N PRO D 83 -15.72 -10.60 18.86
CA PRO D 83 -16.62 -10.61 20.03
C PRO D 83 -17.41 -9.29 20.02
N ASP D 84 -16.68 -8.21 19.73
CA ASP D 84 -17.17 -6.83 19.66
C ASP D 84 -18.44 -6.49 18.84
N VAL D 85 -18.44 -6.79 17.55
CA VAL D 85 -19.59 -6.48 16.69
C VAL D 85 -20.97 -6.78 17.27
N LEU D 86 -21.03 -7.74 18.18
CA LEU D 86 -22.31 -8.15 18.77
C LEU D 86 -22.60 -7.70 20.19
N THR D 87 -21.60 -7.13 20.87
CA THR D 87 -21.77 -6.73 22.25
C THR D 87 -22.90 -5.76 22.57
N GLU D 88 -23.50 -5.12 21.56
CA GLU D 88 -24.59 -4.20 21.83
C GLU D 88 -25.86 -4.60 21.07
N THR D 89 -25.92 -5.89 20.70
CA THR D 89 -27.05 -6.41 19.95
C THR D 89 -27.71 -7.64 20.57
N GLY D 90 -29.04 -7.65 20.52
CA GLY D 90 -29.83 -8.76 21.05
C GLY D 90 -29.49 -9.27 22.44
N VAL D 91 -29.90 -10.50 22.72
CA VAL D 91 -29.66 -11.12 24.00
C VAL D 91 -28.19 -11.54 24.15
N PHE D 92 -27.49 -11.68 23.03
CA PHE D 92 -26.08 -12.03 23.12
C PHE D 92 -25.37 -10.87 23.78
N GLY D 93 -25.67 -9.66 23.31
CA GLY D 93 -25.06 -8.48 23.87
C GLY D 93 -25.33 -8.32 25.35
N GLN D 94 -26.56 -8.59 25.77
CA GLN D 94 -26.91 -8.46 27.18
C GLN D 94 -26.09 -9.39 28.05
N ASN D 95 -25.94 -10.63 27.61
CA ASN D 95 -25.17 -11.60 28.36
C ASN D 95 -23.71 -11.21 28.38
N ALA D 96 -23.22 -10.67 27.27
CA ALA D 96 -21.83 -10.26 27.16
C ALA D 96 -21.52 -9.08 28.08
N GLN D 97 -22.56 -8.29 28.38
CA GLN D 97 -22.41 -7.13 29.26
C GLN D 97 -22.57 -7.49 30.73
N PHE D 98 -23.53 -8.35 31.04
CA PHE D 98 -23.78 -8.77 32.42
C PHE D 98 -22.74 -9.73 32.97
N HIS D 99 -22.12 -10.51 32.09
CA HIS D 99 -21.12 -11.48 32.53
C HIS D 99 -19.69 -11.04 32.28
N TYR D 100 -18.80 -11.43 33.17
CA TYR D 100 -17.39 -11.09 33.03
C TYR D 100 -16.77 -11.95 31.96
N LEU D 101 -16.97 -13.27 32.08
CA LEU D 101 -16.42 -14.25 31.16
C LEU D 101 -17.38 -14.64 30.03
N TYR D 102 -16.83 -14.79 28.83
CA TYR D 102 -17.58 -15.17 27.65
C TYR D 102 -16.75 -16.16 26.83
N ARG D 103 -17.43 -17.00 26.08
CA ARG D 103 -16.79 -18.01 25.24
C ARG D 103 -17.76 -18.40 24.15
N SER D 104 -17.26 -18.58 22.93
CA SER D 104 -18.13 -18.99 21.82
C SER D 104 -17.45 -19.05 20.48
N GLY D 105 -18.06 -19.78 19.55
CA GLY D 105 -17.54 -19.89 18.21
C GLY D 105 -18.46 -19.04 17.36
N PHE D 106 -18.22 -18.96 16.06
CA PHE D 106 -19.08 -18.18 15.19
C PHE D 106 -19.27 -18.79 13.83
N CYS D 107 -20.41 -18.49 13.21
CA CYS D 107 -20.69 -18.94 11.87
C CYS D 107 -20.86 -17.63 11.12
N ILE D 108 -19.87 -17.28 10.31
CA ILE D 108 -19.91 -16.03 9.56
C ILE D 108 -20.34 -16.24 8.13
N HIS D 109 -21.34 -15.48 7.69
CA HIS D 109 -21.83 -15.59 6.34
C HIS D 109 -21.86 -14.22 5.67
N VAL D 110 -20.87 -13.96 4.82
CA VAL D 110 -20.77 -12.71 4.10
C VAL D 110 -21.50 -12.89 2.77
N GLN D 111 -22.44 -12.02 2.47
CA GLN D 111 -23.16 -12.15 1.22
C GLN D 111 -23.07 -10.91 0.34
N CYS D 112 -22.90 -11.13 -0.95
CA CYS D 112 -22.79 -10.06 -1.93
C CYS D 112 -23.09 -10.61 -3.32
N ASN D 113 -24.18 -10.16 -3.92
CA ASN D 113 -24.55 -10.62 -5.24
C ASN D 113 -24.52 -9.49 -6.26
N ALA D 114 -24.33 -9.87 -7.52
CA ALA D 114 -24.28 -8.92 -8.62
C ALA D 114 -25.05 -9.55 -9.79
N SER D 115 -24.46 -9.55 -10.97
CA SER D 115 -25.11 -10.14 -12.14
C SER D 115 -24.06 -10.86 -12.96
N LYS D 116 -24.50 -11.52 -14.03
CA LYS D 116 -23.55 -12.24 -14.88
C LYS D 116 -22.74 -11.30 -15.74
N PHE D 117 -22.96 -10.00 -15.58
CA PHE D 117 -22.22 -8.99 -16.35
C PHE D 117 -21.31 -8.12 -15.47
N HIS D 118 -21.36 -8.33 -14.16
CA HIS D 118 -20.50 -7.60 -13.23
C HIS D 118 -19.30 -8.50 -12.96
N GLN D 119 -18.24 -7.96 -12.38
CA GLN D 119 -17.07 -8.76 -12.07
C GLN D 119 -16.29 -8.19 -10.90
N GLY D 120 -15.52 -9.04 -10.23
CA GLY D 120 -14.75 -8.62 -9.08
C GLY D 120 -14.56 -9.76 -8.12
N ALA D 121 -13.60 -9.66 -7.22
CA ALA D 121 -13.34 -10.73 -6.27
C ALA D 121 -12.98 -10.18 -4.89
N LEU D 122 -13.71 -10.66 -3.89
CA LEU D 122 -13.48 -10.25 -2.51
C LEU D 122 -12.82 -11.38 -1.74
N LEU D 123 -11.84 -11.04 -0.91
CA LEU D 123 -11.18 -12.04 -0.09
C LEU D 123 -11.81 -11.90 1.28
N VAL D 124 -12.47 -12.94 1.75
CA VAL D 124 -13.11 -12.92 3.06
C VAL D 124 -12.29 -13.81 3.99
N ALA D 125 -11.58 -13.21 4.94
CA ALA D 125 -10.75 -14.00 5.82
C ALA D 125 -10.91 -13.69 7.30
N ILE D 126 -10.49 -14.64 8.13
CA ILE D 126 -10.55 -14.52 9.57
C ILE D 126 -9.13 -14.44 10.10
N LEU D 127 -8.78 -13.34 10.75
CA LEU D 127 -7.45 -13.19 11.29
C LEU D 127 -7.49 -13.11 12.81
N PRO D 128 -7.10 -14.19 13.50
CA PRO D 128 -7.10 -14.22 14.97
C PRO D 128 -6.16 -13.17 15.56
N GLU D 129 -6.54 -12.62 16.71
CA GLU D 129 -5.74 -11.60 17.36
C GLU D 129 -5.30 -10.56 16.35
N TYR D 130 -6.26 -9.92 15.69
CA TYR D 130 -5.96 -8.91 14.68
C TYR D 130 -5.63 -7.58 15.31
N VAL D 131 -4.36 -7.39 15.65
CA VAL D 131 -3.87 -6.16 16.25
C VAL D 131 -3.60 -5.11 15.18
N ILE D 132 -4.19 -3.93 15.37
CA ILE D 132 -4.06 -2.80 14.45
C ILE D 132 -2.85 -1.92 14.80
N GLY D 133 -2.13 -1.47 13.77
CA GLY D 133 -0.98 -0.60 14.01
C GLY D 133 -1.27 0.75 13.38
N THR D 134 -0.39 1.73 13.58
CA THR D 134 -0.60 3.05 12.98
C THR D 134 0.53 3.34 12.03
N VAL D 135 0.37 4.39 11.24
CA VAL D 135 1.39 4.78 10.27
C VAL D 135 2.56 5.49 10.95
N ALA D 136 2.49 5.61 12.27
CA ALA D 136 3.54 6.24 13.06
C ALA D 136 3.90 7.65 12.58
N GLY D 137 2.89 8.49 12.37
CA GLY D 137 3.13 9.85 11.92
C GLY D 137 3.77 9.98 10.55
N GLY D 138 3.68 8.91 9.75
CA GLY D 138 4.25 8.93 8.42
C GLY D 138 5.74 8.68 8.36
N THR D 139 6.50 9.44 9.13
CA THR D 139 7.95 9.30 9.16
C THR D 139 8.38 8.04 9.91
N GLY D 140 7.60 7.64 10.90
CA GLY D 140 7.93 6.46 11.67
C GLY D 140 8.69 6.77 12.93
N THR D 141 8.71 8.04 13.31
CA THR D 141 9.42 8.46 14.51
C THR D 141 8.47 8.72 15.66
N GLU D 142 7.18 8.80 15.35
CA GLU D 142 6.15 9.05 16.37
C GLU D 142 5.46 7.76 16.80
N ASP D 143 5.57 7.42 18.08
CA ASP D 143 4.94 6.22 18.61
C ASP D 143 3.46 6.47 18.90
N SER D 144 2.66 6.56 17.85
CA SER D 144 1.24 6.79 18.00
C SER D 144 0.51 5.46 18.08
N HIS D 145 -0.72 5.49 18.59
CA HIS D 145 -1.52 4.26 18.70
C HIS D 145 -2.92 4.44 18.15
N PRO D 146 -3.52 3.35 17.65
CA PRO D 146 -4.87 3.42 17.08
C PRO D 146 -5.89 3.73 18.17
N PRO D 147 -6.86 4.61 17.88
CA PRO D 147 -7.89 4.98 18.84
C PRO D 147 -8.92 3.86 19.07
N TYR D 148 -9.64 3.94 20.18
CA TYR D 148 -10.66 2.96 20.54
C TYR D 148 -11.64 2.77 19.37
N LYS D 149 -11.96 3.87 18.69
CA LYS D 149 -12.90 3.84 17.56
C LYS D 149 -12.41 2.97 16.41
N GLN D 150 -11.10 2.73 16.35
CA GLN D 150 -10.51 1.95 15.28
C GLN D 150 -10.16 0.51 15.67
N THR D 151 -9.76 0.30 16.91
CA THR D 151 -9.42 -1.05 17.36
C THR D 151 -10.66 -1.89 17.61
N GLN D 152 -11.74 -1.23 18.02
CA GLN D 152 -13.02 -1.88 18.27
C GLN D 152 -14.12 -1.02 17.67
N PRO D 153 -14.23 -1.03 16.33
CA PRO D 153 -15.19 -0.29 15.51
C PRO D 153 -16.67 -0.60 15.70
N GLY D 154 -16.97 -1.68 16.41
CA GLY D 154 -18.36 -2.04 16.61
C GLY D 154 -18.95 -2.72 15.39
N ALA D 155 -20.27 -2.60 15.26
CA ALA D 155 -20.99 -3.22 14.15
C ALA D 155 -20.82 -2.51 12.81
N ASP D 156 -20.46 -1.23 12.84
CA ASP D 156 -20.29 -0.48 11.62
C ASP D 156 -18.98 -0.85 10.90
N GLY D 157 -18.16 -1.65 11.57
CA GLY D 157 -16.89 -2.03 10.97
C GLY D 157 -16.02 -0.80 10.78
N PHE D 158 -14.86 -0.98 10.14
CA PHE D 158 -13.95 0.12 9.90
C PHE D 158 -13.29 -0.13 8.55
N GLU D 159 -12.93 0.94 7.84
CA GLU D 159 -12.30 0.79 6.54
C GLU D 159 -10.78 0.79 6.61
N LEU D 160 -10.15 -0.04 5.79
CA LEU D 160 -8.70 -0.14 5.77
C LEU D 160 -8.10 1.04 5.00
N GLN D 161 -7.05 1.62 5.57
CA GLN D 161 -6.37 2.76 4.95
C GLN D 161 -5.21 2.28 4.07
N HIS D 162 -4.60 1.16 4.46
CA HIS D 162 -3.49 0.57 3.72
C HIS D 162 -3.68 -0.94 3.69
N PRO D 163 -4.65 -1.42 2.91
CA PRO D 163 -4.94 -2.86 2.80
C PRO D 163 -3.76 -3.76 2.46
N TYR D 164 -2.81 -3.26 1.66
CA TYR D 164 -1.66 -4.06 1.28
C TYR D 164 -0.92 -4.62 2.49
N VAL D 165 -0.89 -3.86 3.57
CA VAL D 165 -0.22 -4.28 4.80
C VAL D 165 -1.20 -4.52 5.93
N LEU D 166 -2.49 -4.61 5.58
CA LEU D 166 -3.55 -4.85 6.55
C LEU D 166 -3.51 -3.90 7.73
N ASP D 167 -2.99 -2.70 7.53
CA ASP D 167 -2.90 -1.70 8.59
C ASP D 167 -2.18 -2.25 9.81
N ALA D 168 -1.35 -3.28 9.61
CA ALA D 168 -0.62 -3.89 10.71
C ALA D 168 0.78 -4.34 10.31
N GLY D 169 1.27 -3.83 9.19
CA GLY D 169 2.61 -4.19 8.73
C GLY D 169 2.82 -5.62 8.25
N ILE D 170 1.74 -6.33 7.93
CA ILE D 170 1.82 -7.70 7.44
C ILE D 170 1.16 -7.78 6.07
N PRO D 171 1.72 -8.60 5.16
CA PRO D 171 1.20 -8.76 3.80
C PRO D 171 -0.15 -9.43 3.67
N ILE D 172 -1.04 -8.83 2.89
CA ILE D 172 -2.36 -9.40 2.70
C ILE D 172 -2.27 -10.60 1.76
N SER D 173 -1.20 -10.66 0.97
CA SER D 173 -1.02 -11.75 0.04
C SER D 173 -0.88 -13.10 0.74
N GLN D 174 -0.58 -13.05 2.03
CA GLN D 174 -0.41 -14.26 2.83
C GLN D 174 -1.58 -14.48 3.77
N LEU D 175 -2.56 -13.59 3.70
CA LEU D 175 -3.73 -13.68 4.57
C LEU D 175 -4.51 -14.97 4.35
N THR D 176 -4.17 -15.71 3.30
CA THR D 176 -4.87 -16.94 3.01
C THR D 176 -4.42 -18.14 3.86
N VAL D 177 -3.49 -17.91 4.80
CA VAL D 177 -3.05 -18.99 5.68
C VAL D 177 -4.06 -19.04 6.83
N CYS D 178 -5.05 -18.16 6.74
CA CYS D 178 -6.10 -18.07 7.74
C CYS D 178 -7.39 -18.58 7.12
N PRO D 179 -8.33 -19.07 7.95
CA PRO D 179 -9.59 -19.57 7.39
C PRO D 179 -10.16 -18.48 6.50
N HIS D 180 -10.31 -18.77 5.22
CA HIS D 180 -10.83 -17.79 4.31
C HIS D 180 -11.68 -18.40 3.21
N GLN D 181 -12.21 -17.54 2.36
CA GLN D 181 -13.03 -17.94 1.24
C GLN D 181 -13.11 -16.71 0.35
N TRP D 182 -13.37 -16.90 -0.95
CA TRP D 182 -13.47 -15.77 -1.85
C TRP D 182 -14.87 -15.63 -2.39
N ILE D 183 -15.23 -14.41 -2.77
CA ILE D 183 -16.52 -14.17 -3.39
C ILE D 183 -16.17 -13.64 -4.76
N ASN D 184 -16.18 -14.53 -5.75
CA ASN D 184 -15.87 -14.18 -7.12
C ASN D 184 -17.24 -14.07 -7.78
N LEU D 185 -17.65 -12.85 -8.10
CA LEU D 185 -18.97 -12.62 -8.67
C LEU D 185 -19.41 -13.52 -9.83
N ARG D 186 -18.47 -14.04 -10.60
CA ARG D 186 -18.84 -14.91 -11.71
C ARG D 186 -19.06 -16.34 -11.24
N THR D 187 -18.76 -16.59 -9.96
CA THR D 187 -18.89 -17.92 -9.39
C THR D 187 -19.87 -18.05 -8.23
N ASN D 188 -19.63 -17.31 -7.16
CA ASN D 188 -20.50 -17.37 -5.99
C ASN D 188 -20.91 -16.00 -5.51
N ASN D 189 -21.92 -15.94 -4.65
CA ASN D 189 -22.39 -14.67 -4.13
C ASN D 189 -22.36 -14.62 -2.60
N CYS D 190 -21.55 -15.48 -1.99
CA CYS D 190 -21.45 -15.52 -0.54
C CYS D 190 -20.30 -16.41 -0.05
N ALA D 191 -19.85 -16.15 1.16
CA ALA D 191 -18.78 -16.90 1.78
C ALA D 191 -19.23 -17.33 3.18
N THR D 192 -19.02 -18.59 3.52
CA THR D 192 -19.40 -19.09 4.83
C THR D 192 -18.20 -19.68 5.54
N ILE D 193 -17.90 -19.17 6.74
CA ILE D 193 -16.77 -19.63 7.52
C ILE D 193 -17.22 -19.92 8.93
N ILE D 194 -16.89 -21.09 9.45
CA ILE D 194 -17.25 -21.45 10.80
C ILE D 194 -15.99 -21.43 11.64
N VAL D 195 -16.01 -20.61 12.69
CA VAL D 195 -14.85 -20.43 13.55
C VAL D 195 -15.05 -20.95 14.97
N PRO D 196 -14.10 -21.74 15.48
CA PRO D 196 -14.20 -22.29 16.83
C PRO D 196 -13.67 -21.23 17.78
N TYR D 197 -13.84 -21.41 19.08
CA TYR D 197 -13.33 -20.44 20.02
C TYR D 197 -11.81 -20.57 20.06
N MET D 198 -11.11 -19.50 19.75
CA MET D 198 -9.66 -19.52 19.76
C MET D 198 -9.09 -18.45 20.68
N ASN D 199 -8.33 -18.90 21.67
CA ASN D 199 -7.72 -18.01 22.65
C ASN D 199 -6.84 -18.92 23.51
N THR D 200 -5.94 -18.33 24.29
CA THR D 200 -5.05 -19.10 25.16
C THR D 200 -5.71 -19.34 26.52
N LEU D 201 -6.95 -18.91 26.65
CA LEU D 201 -7.72 -19.06 27.87
C LEU D 201 -9.05 -19.71 27.55
N PRO D 202 -9.63 -20.44 28.51
CA PRO D 202 -10.92 -21.10 28.28
C PRO D 202 -12.08 -20.11 28.14
N PHE D 203 -11.99 -18.99 28.85
CA PHE D 203 -13.00 -17.94 28.80
C PHE D 203 -12.25 -16.62 28.85
N ASP D 204 -12.89 -15.54 28.41
CA ASP D 204 -12.27 -14.22 28.44
C ASP D 204 -13.36 -13.17 28.34
N SER D 205 -12.99 -11.91 28.53
CA SER D 205 -13.94 -10.80 28.46
C SER D 205 -14.34 -10.50 27.01
N ALA D 206 -15.63 -10.33 26.78
CA ALA D 206 -16.11 -10.02 25.45
C ALA D 206 -15.95 -8.54 25.15
N LEU D 207 -15.61 -7.78 26.20
CA LEU D 207 -15.43 -6.34 26.06
C LEU D 207 -13.99 -5.92 25.81
N ASN D 208 -13.07 -6.41 26.63
CA ASN D 208 -11.66 -6.03 26.48
C ASN D 208 -10.91 -6.78 25.40
N HIS D 209 -11.33 -7.99 25.10
CA HIS D 209 -10.62 -8.79 24.12
C HIS D 209 -11.42 -9.17 22.89
N CYS D 210 -10.77 -9.10 21.72
CA CYS D 210 -11.38 -9.47 20.45
C CYS D 210 -10.58 -10.65 19.91
N ASN D 211 -11.16 -11.83 20.00
CA ASN D 211 -10.52 -13.05 19.56
C ASN D 211 -10.01 -13.06 18.12
N PHE D 212 -10.75 -12.43 17.22
CA PHE D 212 -10.32 -12.39 15.83
C PHE D 212 -10.98 -11.26 15.08
N GLY D 213 -10.56 -11.06 13.84
CA GLY D 213 -11.14 -10.01 13.03
C GLY D 213 -11.56 -10.55 11.69
N LEU D 214 -12.66 -10.03 11.16
CA LEU D 214 -13.17 -10.46 9.87
C LEU D 214 -12.73 -9.42 8.84
N LEU D 215 -12.01 -9.87 7.82
CA LEU D 215 -11.54 -8.97 6.78
C LEU D 215 -12.22 -9.27 5.47
N VAL D 216 -12.76 -8.23 4.84
CA VAL D 216 -13.41 -8.36 3.54
C VAL D 216 -12.66 -7.36 2.67
N VAL D 217 -11.83 -7.86 1.77
CA VAL D 217 -11.01 -6.99 0.94
C VAL D 217 -11.07 -7.28 -0.56
N PRO D 218 -11.29 -6.26 -1.39
CA PRO D 218 -11.37 -6.44 -2.84
C PRO D 218 -9.97 -6.63 -3.43
N ILE D 219 -9.66 -7.83 -3.90
CA ILE D 219 -8.36 -8.10 -4.49
C ILE D 219 -8.42 -7.83 -5.98
N SER D 220 -9.59 -8.08 -6.57
CA SER D 220 -9.83 -7.83 -7.99
C SER D 220 -10.96 -6.81 -7.99
N PRO D 221 -10.67 -5.57 -8.41
CA PRO D 221 -11.66 -4.49 -8.45
C PRO D 221 -12.99 -4.78 -9.12
N LEU D 222 -14.04 -4.21 -8.54
CA LEU D 222 -15.40 -4.35 -9.06
C LEU D 222 -15.46 -3.56 -10.36
N ASP D 223 -16.16 -4.09 -11.36
CA ASP D 223 -16.27 -3.38 -12.62
C ASP D 223 -17.51 -3.80 -13.38
N PHE D 224 -18.04 -2.89 -14.18
CA PHE D 224 -19.23 -3.13 -14.98
C PHE D 224 -19.43 -1.96 -15.93
N ASP D 225 -20.26 -2.16 -16.95
CA ASP D 225 -20.52 -1.10 -17.92
C ASP D 225 -21.67 -0.22 -17.44
N GLN D 226 -21.61 1.06 -17.81
CA GLN D 226 -22.66 1.99 -17.40
C GLN D 226 -24.03 1.55 -17.88
N GLY D 227 -24.96 1.40 -16.94
CA GLY D 227 -26.30 0.95 -17.27
C GLY D 227 -26.71 -0.18 -16.34
N ALA D 228 -25.72 -0.96 -15.91
CA ALA D 228 -25.95 -2.07 -14.99
C ALA D 228 -26.04 -1.43 -13.61
N THR D 229 -26.92 -1.94 -12.76
CA THR D 229 -27.06 -1.35 -11.43
C THR D 229 -25.69 -1.14 -10.78
N PRO D 230 -25.39 0.11 -10.38
CA PRO D 230 -24.13 0.53 -9.76
C PRO D 230 -24.00 0.30 -8.26
N VAL D 231 -25.10 0.00 -7.59
CA VAL D 231 -25.06 -0.23 -6.14
C VAL D 231 -24.94 -1.71 -5.84
N ILE D 232 -23.76 -2.13 -5.41
CA ILE D 232 -23.47 -3.52 -5.08
C ILE D 232 -23.09 -3.62 -3.61
N PRO D 233 -24.07 -3.97 -2.76
CA PRO D 233 -23.85 -4.11 -1.31
C PRO D 233 -23.15 -5.40 -0.89
N ILE D 234 -22.54 -5.34 0.29
CA ILE D 234 -21.85 -6.47 0.89
C ILE D 234 -22.43 -6.53 2.29
N THR D 235 -23.23 -7.57 2.58
CA THR D 235 -23.84 -7.68 3.89
C THR D 235 -23.19 -8.77 4.74
N ILE D 236 -23.04 -8.47 6.04
CA ILE D 236 -22.42 -9.40 6.97
C ILE D 236 -23.44 -9.97 7.95
N THR D 237 -23.60 -11.28 7.94
CA THR D 237 -24.51 -11.96 8.85
C THR D 237 -23.65 -12.94 9.63
N LEU D 238 -23.86 -13.01 10.94
CA LEU D 238 -23.06 -13.90 11.78
C LEU D 238 -23.85 -14.45 12.95
N ALA D 239 -23.53 -15.67 13.35
CA ALA D 239 -24.22 -16.31 14.46
C ALA D 239 -23.27 -16.94 15.47
N PRO D 240 -23.45 -16.64 16.76
CA PRO D 240 -22.58 -17.22 17.76
C PRO D 240 -22.90 -18.72 17.85
N MET D 241 -21.97 -19.50 18.36
CA MET D 241 -22.19 -20.94 18.49
C MET D 241 -21.61 -21.44 19.80
N CYS D 242 -22.37 -22.26 20.53
CA CYS D 242 -21.91 -22.81 21.79
C CYS D 242 -21.51 -21.69 22.75
N SER D 243 -22.33 -20.65 22.84
CA SER D 243 -22.06 -19.53 23.72
C SER D 243 -22.20 -19.93 25.18
N GLU D 244 -21.23 -19.51 25.98
CA GLU D 244 -21.20 -19.77 27.42
C GLU D 244 -20.78 -18.48 28.11
N PHE D 245 -21.42 -18.15 29.22
CA PHE D 245 -21.08 -16.95 29.98
C PHE D 245 -20.98 -17.31 31.46
N ALA D 246 -20.14 -16.58 32.20
CA ALA D 246 -19.96 -16.84 33.63
C ALA D 246 -19.49 -15.57 34.33
N GLY D 247 -19.53 -15.56 35.65
CA GLY D 247 -19.10 -14.39 36.40
C GLY D 247 -20.12 -13.26 36.28
N LEU D 248 -21.33 -13.54 36.75
CA LEU D 248 -22.43 -12.59 36.69
C LEU D 248 -22.29 -11.41 37.63
N ARG D 249 -22.76 -10.25 37.18
CA ARG D 249 -22.72 -9.00 37.93
C ARG D 249 -23.66 -8.01 37.23
N GLN D 250 -23.43 -6.71 37.40
CA GLN D 250 -24.28 -5.72 36.74
C GLN D 250 -23.81 -5.53 35.30
N ALA D 251 -24.63 -4.90 34.48
CA ALA D 251 -24.26 -4.68 33.09
C ALA D 251 -23.15 -3.65 32.95
N VAL D 252 -22.12 -4.01 32.21
CA VAL D 252 -20.97 -3.15 31.98
C VAL D 252 -20.87 -2.94 30.47
N THR D 253 -20.72 -1.69 30.04
CA THR D 253 -20.63 -1.38 28.62
C THR D 253 -19.20 -1.49 28.08
N GLN D 254 -18.23 -1.18 28.94
CA GLN D 254 -16.83 -1.25 28.55
C GLN D 254 -15.91 -1.17 29.77
N GLY E 1 39.70 -37.18 42.52
CA GLY E 1 38.45 -37.35 41.73
C GLY E 1 38.65 -38.25 40.52
N PHE E 2 37.59 -38.41 39.74
CA PHE E 2 37.62 -39.25 38.54
C PHE E 2 38.43 -38.57 37.46
N PRO E 3 39.50 -39.23 36.98
CA PRO E 3 40.38 -38.69 35.93
C PRO E 3 39.66 -38.28 34.64
N THR E 4 39.69 -36.99 34.31
CA THR E 4 39.07 -36.49 33.09
C THR E 4 40.09 -35.70 32.26
N GLU E 5 39.72 -35.37 31.03
CA GLU E 5 40.63 -34.62 30.13
C GLU E 5 39.85 -33.80 29.11
N PRO E 6 39.51 -32.53 29.44
CA PRO E 6 38.77 -31.61 28.57
C PRO E 6 39.37 -31.47 27.16
N LYS E 7 38.51 -31.54 26.14
CA LYS E 7 38.94 -31.45 24.75
C LYS E 7 38.62 -30.09 24.13
N PRO E 8 39.08 -29.85 22.89
CA PRO E 8 38.78 -28.57 22.24
C PRO E 8 37.26 -28.40 22.18
N GLY E 9 36.79 -27.17 22.27
CA GLY E 9 35.36 -26.93 22.25
C GLY E 9 34.90 -26.66 23.66
N THR E 10 35.82 -26.79 24.60
CA THR E 10 35.54 -26.53 26.01
C THR E 10 35.21 -25.04 26.16
N ASN E 11 34.18 -24.75 26.95
CA ASN E 11 33.75 -23.39 27.22
C ASN E 11 33.08 -22.64 26.07
N GLN E 12 33.12 -23.19 24.86
CA GLN E 12 32.51 -22.48 23.73
C GLN E 12 31.00 -22.46 23.85
N PHE E 13 30.39 -21.43 23.26
CA PHE E 13 28.95 -21.29 23.28
C PHE E 13 28.44 -21.43 21.85
N LEU E 14 27.99 -22.63 21.52
CA LEU E 14 27.46 -22.91 20.19
C LEU E 14 25.96 -22.64 20.21
N THR E 15 25.57 -21.65 19.43
CA THR E 15 24.18 -21.23 19.31
C THR E 15 23.16 -22.35 19.14
N THR E 16 23.51 -23.33 18.30
CA THR E 16 22.62 -24.44 18.01
C THR E 16 22.86 -25.72 18.81
N ASP E 17 23.76 -25.66 19.80
CA ASP E 17 24.03 -26.84 20.61
C ASP E 17 22.81 -27.13 21.46
N ASP E 18 22.39 -28.39 21.46
CA ASP E 18 21.21 -28.79 22.23
C ASP E 18 21.60 -29.56 23.49
N GLY E 19 21.95 -28.83 24.54
CA GLY E 19 22.34 -29.48 25.78
C GLY E 19 21.40 -29.20 26.94
N VAL E 20 21.85 -29.58 28.13
CA VAL E 20 21.08 -29.39 29.35
C VAL E 20 21.56 -28.14 30.07
N SER E 21 20.67 -27.48 30.79
CA SER E 21 21.00 -26.25 31.53
C SER E 21 20.31 -26.25 32.88
N ALA E 22 20.98 -25.75 33.91
CA ALA E 22 20.40 -25.73 35.25
C ALA E 22 19.07 -24.98 35.28
N PRO E 23 18.03 -25.61 35.87
CA PRO E 23 16.72 -24.98 35.97
C PRO E 23 16.70 -23.91 37.06
N ILE E 24 16.13 -22.76 36.75
CA ILE E 24 16.09 -21.67 37.71
C ILE E 24 15.01 -21.82 38.78
N LEU E 25 13.92 -22.51 38.46
CA LEU E 25 12.84 -22.67 39.42
C LEU E 25 12.55 -24.12 39.76
N PRO E 26 13.05 -24.59 40.92
CA PRO E 26 12.83 -25.96 41.37
C PRO E 26 11.36 -26.24 41.66
N ASN E 27 10.92 -27.41 41.24
CA ASN E 27 9.55 -27.87 41.45
C ASN E 27 8.47 -26.98 40.85
N PHE E 28 8.84 -26.14 39.90
CA PHE E 28 7.86 -25.26 39.27
C PHE E 28 7.02 -26.08 38.29
N HIS E 29 5.72 -25.85 38.27
CA HIS E 29 4.81 -26.56 37.36
C HIS E 29 4.05 -25.56 36.51
N PRO E 30 4.19 -25.65 35.18
CA PRO E 30 3.53 -24.75 34.22
C PRO E 30 2.00 -24.83 34.17
N THR E 31 1.39 -23.75 33.73
CA THR E 31 -0.05 -23.69 33.59
C THR E 31 -0.46 -24.79 32.62
N PRO E 32 -1.51 -25.56 32.97
CA PRO E 32 -1.98 -26.64 32.10
C PRO E 32 -2.23 -26.13 30.69
N CYS E 33 -2.06 -27.00 29.69
CA CYS E 33 -2.28 -26.56 28.33
C CYS E 33 -3.69 -26.90 27.87
N ILE E 34 -4.50 -25.86 27.70
CA ILE E 34 -5.87 -25.98 27.23
C ILE E 34 -5.79 -26.46 25.79
N HIS E 35 -6.93 -26.75 25.18
CA HIS E 35 -6.93 -27.15 23.79
C HIS E 35 -7.09 -25.89 22.97
N ILE E 36 -6.18 -25.67 22.02
CA ILE E 36 -6.26 -24.49 21.17
C ILE E 36 -6.29 -24.91 19.70
N PRO E 37 -7.22 -24.35 18.93
CA PRO E 37 -7.34 -24.68 17.50
C PRO E 37 -6.15 -24.22 16.67
N GLY E 38 -5.94 -24.89 15.54
CA GLY E 38 -4.87 -24.52 14.63
C GLY E 38 -3.44 -24.75 15.07
N GLU E 39 -3.19 -25.86 15.76
CA GLU E 39 -1.83 -26.15 16.19
C GLU E 39 -0.98 -26.64 15.01
N VAL E 40 0.24 -26.11 14.92
CA VAL E 40 1.18 -26.47 13.87
C VAL E 40 2.22 -27.45 14.42
N ARG E 41 2.53 -28.49 13.63
CA ARG E 41 3.49 -29.50 14.04
C ARG E 41 4.77 -29.44 13.21
N ASN E 42 4.61 -29.05 11.94
CA ASN E 42 5.74 -28.97 11.01
C ASN E 42 5.50 -27.80 10.05
N LEU E 43 6.56 -27.06 9.71
CA LEU E 43 6.42 -25.92 8.80
C LEU E 43 5.94 -26.31 7.40
N LEU E 44 6.17 -27.55 7.01
CA LEU E 44 5.74 -27.99 5.69
C LEU E 44 4.23 -27.91 5.56
N GLU E 45 3.54 -27.88 6.69
CA GLU E 45 2.08 -27.78 6.70
C GLU E 45 1.69 -26.43 6.10
N LEU E 46 2.54 -25.43 6.32
CA LEU E 46 2.28 -24.07 5.83
C LEU E 46 2.71 -23.88 4.37
N CYS E 47 3.71 -24.65 3.95
CA CYS E 47 4.20 -24.55 2.58
C CYS E 47 3.19 -25.08 1.58
N GLN E 48 2.19 -25.80 2.07
CA GLN E 48 1.17 -26.37 1.20
C GLN E 48 -0.09 -25.52 1.09
N VAL E 49 -0.11 -24.43 1.85
CA VAL E 49 -1.25 -23.50 1.84
C VAL E 49 -0.95 -22.43 0.80
N GLU E 50 -1.85 -22.27 -0.16
CA GLU E 50 -1.67 -21.29 -1.22
C GLU E 50 -1.83 -19.87 -0.74
N THR E 51 -0.91 -19.01 -1.16
CA THR E 51 -0.94 -17.59 -0.83
C THR E 51 -0.75 -16.86 -2.15
N ILE E 52 -1.28 -15.64 -2.24
CA ILE E 52 -1.20 -14.86 -3.46
C ILE E 52 0.20 -14.58 -3.98
N LEU E 53 0.43 -14.98 -5.23
CA LEU E 53 1.71 -14.79 -5.90
C LEU E 53 1.66 -13.49 -6.70
N GLU E 54 2.54 -12.56 -6.36
CA GLU E 54 2.60 -11.27 -7.05
C GLU E 54 3.29 -11.34 -8.40
N VAL E 55 2.60 -11.90 -9.39
CA VAL E 55 3.14 -12.01 -10.74
C VAL E 55 3.32 -10.61 -11.32
N ASN E 56 2.38 -9.72 -11.00
CA ASN E 56 2.44 -8.35 -11.49
C ASN E 56 3.22 -7.45 -10.52
N ASN E 57 4.46 -7.81 -10.25
CA ASN E 57 5.30 -7.04 -9.34
C ASN E 57 5.95 -5.87 -10.07
N VAL E 58 5.11 -5.01 -10.63
CA VAL E 58 5.58 -3.85 -11.37
C VAL E 58 5.29 -2.53 -10.63
N PRO E 59 4.02 -2.26 -10.28
CA PRO E 59 3.64 -1.04 -9.56
C PRO E 59 4.34 -0.89 -8.22
N THR E 60 5.00 0.24 -8.00
CA THR E 60 5.68 0.49 -6.73
C THR E 60 5.09 1.74 -6.08
N ASN E 61 4.21 2.40 -6.84
CA ASN E 61 3.52 3.61 -6.40
C ASN E 61 2.88 3.32 -5.05
N ALA E 62 2.65 4.36 -4.26
CA ALA E 62 2.04 4.19 -2.94
C ALA E 62 0.58 3.72 -3.01
N THR E 63 -0.15 4.26 -3.97
CA THR E 63 -1.57 3.95 -4.18
C THR E 63 -1.81 2.70 -5.04
N SER E 64 -0.78 2.25 -5.74
CA SER E 64 -0.92 1.11 -6.63
C SER E 64 -0.35 -0.22 -6.13
N LEU E 65 -0.09 -0.33 -4.84
CA LEU E 65 0.46 -1.58 -4.30
C LEU E 65 -0.51 -2.75 -4.37
N MET E 66 -1.79 -2.48 -4.17
CA MET E 66 -2.78 -3.53 -4.19
C MET E 66 -2.98 -4.18 -5.55
N GLU E 67 -2.42 -3.57 -6.60
CA GLU E 67 -2.60 -4.17 -7.92
C GLU E 67 -1.47 -5.09 -8.35
N ARG E 68 -0.57 -5.43 -7.43
CA ARG E 68 0.50 -6.34 -7.77
C ARG E 68 -0.07 -7.72 -7.51
N LEU E 69 -1.18 -7.76 -6.80
CA LEU E 69 -1.85 -9.01 -6.45
C LEU E 69 -2.63 -9.68 -7.58
N ARG E 70 -2.75 -9.00 -8.72
CA ARG E 70 -3.47 -9.58 -9.84
C ARG E 70 -3.02 -8.98 -11.17
N PHE E 71 -3.05 -9.77 -12.24
CA PHE E 71 -2.64 -9.28 -13.55
C PHE E 71 -3.80 -9.35 -14.56
N PRO E 72 -3.84 -8.40 -15.49
CA PRO E 72 -4.86 -8.27 -16.53
C PRO E 72 -4.83 -9.23 -17.69
N VAL E 73 -6.00 -9.42 -18.28
CA VAL E 73 -6.22 -10.24 -19.45
C VAL E 73 -7.35 -9.52 -20.19
N SER E 74 -7.29 -9.45 -21.51
CA SER E 74 -8.31 -8.74 -22.27
C SER E 74 -8.38 -9.16 -23.73
N ALA E 75 -9.40 -8.67 -24.43
CA ALA E 75 -9.58 -8.99 -25.85
C ALA E 75 -8.35 -8.59 -26.65
N GLN E 76 -7.82 -9.53 -27.43
CA GLN E 76 -6.62 -9.30 -28.23
C GLN E 76 -6.87 -9.29 -29.73
N ALA E 77 -5.81 -9.55 -30.49
CA ALA E 77 -5.84 -9.58 -31.95
C ALA E 77 -5.77 -11.02 -32.51
N GLY E 78 -5.73 -12.01 -31.62
CA GLY E 78 -5.72 -13.41 -32.02
C GLY E 78 -4.45 -14.02 -32.62
N LYS E 79 -3.29 -13.64 -32.11
CA LYS E 79 -2.05 -14.18 -32.64
C LYS E 79 -1.24 -14.84 -31.52
N GLY E 80 -1.93 -15.45 -30.57
CA GLY E 80 -1.26 -16.10 -29.46
C GLY E 80 -0.33 -15.16 -28.71
N GLU E 81 -0.86 -14.00 -28.33
CA GLU E 81 -0.09 -12.99 -27.63
C GLU E 81 0.36 -13.43 -26.24
N LEU E 82 1.48 -12.89 -25.79
CA LEU E 82 2.00 -13.21 -24.47
C LEU E 82 1.22 -12.40 -23.44
N CYS E 83 0.92 -13.04 -22.32
CA CYS E 83 0.18 -12.38 -21.25
C CYS E 83 1.10 -11.96 -20.10
N ALA E 84 1.76 -12.94 -19.48
CA ALA E 84 2.67 -12.67 -18.37
C ALA E 84 3.78 -13.70 -18.33
N VAL E 85 4.84 -13.38 -17.59
CA VAL E 85 6.00 -14.25 -17.47
C VAL E 85 6.63 -14.10 -16.09
N PHE E 86 7.24 -15.17 -15.59
CA PHE E 86 7.92 -15.12 -14.31
C PHE E 86 8.73 -16.37 -14.04
N ARG E 87 9.81 -16.25 -13.25
CA ARG E 87 10.65 -17.40 -12.92
C ARG E 87 9.92 -18.27 -11.92
N ALA E 88 10.13 -19.58 -12.01
CA ALA E 88 9.47 -20.50 -11.11
C ALA E 88 10.23 -20.65 -9.79
N ASP E 89 11.41 -20.04 -9.71
CA ASP E 89 12.25 -20.12 -8.51
C ASP E 89 11.58 -19.54 -7.26
N PRO E 90 11.29 -20.41 -6.26
CA PRO E 90 10.64 -20.07 -4.97
C PRO E 90 11.42 -19.14 -4.04
N GLY E 91 12.70 -19.43 -3.83
CA GLY E 91 13.48 -18.61 -2.92
C GLY E 91 14.32 -17.54 -3.60
N ARG E 92 13.82 -17.04 -4.72
CA ARG E 92 14.52 -16.02 -5.48
C ARG E 92 13.74 -14.72 -5.48
N ASP E 93 14.45 -13.60 -5.58
CA ASP E 93 13.80 -12.29 -5.60
C ASP E 93 12.84 -12.25 -6.80
N GLY E 94 11.60 -11.85 -6.55
CA GLY E 94 10.63 -11.78 -7.60
C GLY E 94 9.21 -11.97 -7.07
N PRO E 95 8.31 -12.53 -7.88
CA PRO E 95 6.92 -12.79 -7.52
C PRO E 95 6.71 -13.68 -6.30
N TRP E 96 7.49 -14.74 -6.18
CA TRP E 96 7.35 -15.67 -5.07
C TRP E 96 7.61 -15.08 -3.69
N GLN E 97 8.20 -13.90 -3.63
CA GLN E 97 8.49 -13.27 -2.35
C GLN E 97 7.24 -12.88 -1.58
N SER E 98 6.11 -12.79 -2.27
CA SER E 98 4.87 -12.41 -1.63
C SER E 98 4.14 -13.59 -1.03
N THR E 99 4.61 -14.80 -1.34
CA THR E 99 4.00 -16.03 -0.83
C THR E 99 4.60 -16.54 0.47
N MET E 100 3.80 -17.28 1.22
CA MET E 100 4.24 -17.87 2.48
C MET E 100 5.34 -18.88 2.21
N LEU E 101 5.21 -19.59 1.10
CA LEU E 101 6.21 -20.57 0.71
C LEU E 101 7.55 -19.88 0.50
N GLY E 102 7.51 -18.80 -0.27
CA GLY E 102 8.73 -18.05 -0.55
C GLY E 102 9.36 -17.50 0.72
N GLN E 103 8.53 -17.13 1.67
CA GLN E 103 9.02 -16.59 2.93
C GLN E 103 9.65 -17.66 3.81
N LEU E 104 9.03 -18.83 3.87
CA LEU E 104 9.56 -19.93 4.68
C LEU E 104 10.85 -20.47 4.06
N CYS E 105 10.91 -20.43 2.73
CA CYS E 105 12.11 -20.88 2.02
C CYS E 105 13.30 -20.05 2.48
N GLY E 106 13.09 -18.74 2.62
CA GLY E 106 14.15 -17.85 3.06
C GLY E 106 14.87 -18.34 4.29
N TYR E 107 14.21 -19.17 5.09
CA TYR E 107 14.80 -19.70 6.31
C TYR E 107 15.55 -21.02 6.11
N TYR E 108 15.57 -21.54 4.89
CA TYR E 108 16.26 -22.78 4.59
C TYR E 108 17.16 -22.64 3.39
N THR E 109 18.34 -23.23 3.44
CA THR E 109 19.29 -23.15 2.35
C THR E 109 18.88 -23.95 1.12
N GLN E 110 18.28 -25.12 1.33
CA GLN E 110 17.89 -25.99 0.24
C GLN E 110 16.46 -26.49 0.29
N TRP E 111 15.90 -26.77 -0.88
CA TRP E 111 14.54 -27.28 -0.98
C TRP E 111 14.48 -28.30 -2.09
N SER E 112 13.40 -29.09 -2.10
CA SER E 112 13.20 -30.11 -3.11
C SER E 112 11.72 -30.42 -3.22
N GLY E 113 11.24 -30.72 -4.42
CA GLY E 113 9.84 -31.03 -4.57
C GLY E 113 9.13 -30.26 -5.66
N SER E 114 7.92 -30.71 -5.99
CA SER E 114 7.12 -30.06 -7.01
C SER E 114 6.40 -28.86 -6.42
N LEU E 115 6.12 -27.87 -7.26
CA LEU E 115 5.42 -26.68 -6.82
C LEU E 115 4.16 -26.63 -7.64
N GLU E 116 3.21 -25.80 -7.21
CA GLU E 116 1.97 -25.67 -7.94
C GLU E 116 1.49 -24.22 -7.89
N VAL E 117 0.90 -23.77 -8.99
CA VAL E 117 0.38 -22.43 -9.07
C VAL E 117 -1.04 -22.51 -9.60
N THR E 118 -1.98 -21.98 -8.83
CA THR E 118 -3.38 -21.99 -9.21
C THR E 118 -3.78 -20.60 -9.68
N PHE E 119 -4.36 -20.52 -10.87
CA PHE E 119 -4.79 -19.24 -11.43
C PHE E 119 -6.30 -19.14 -11.36
N MET E 120 -6.80 -18.08 -10.73
CA MET E 120 -8.23 -17.86 -10.63
C MET E 120 -8.65 -16.70 -11.51
N PHE E 121 -9.59 -16.94 -12.43
CA PHE E 121 -10.09 -15.92 -13.32
C PHE E 121 -11.21 -15.15 -12.63
N THR E 122 -11.06 -13.84 -12.52
CA THR E 122 -12.08 -13.03 -11.85
C THR E 122 -12.84 -12.12 -12.81
N GLY E 123 -13.02 -12.58 -14.05
CA GLY E 123 -13.75 -11.80 -15.02
C GLY E 123 -15.23 -11.99 -14.74
N SER E 124 -16.09 -11.67 -15.71
CA SER E 124 -17.53 -11.83 -15.53
C SER E 124 -17.97 -13.20 -16.01
N PHE E 125 -19.19 -13.58 -15.66
CA PHE E 125 -19.72 -14.88 -16.06
C PHE E 125 -19.81 -15.02 -17.58
N MET E 126 -20.06 -13.91 -18.26
CA MET E 126 -20.19 -13.93 -19.72
C MET E 126 -18.88 -13.97 -20.48
N ALA E 127 -17.77 -13.75 -19.78
CA ALA E 127 -16.45 -13.77 -20.41
C ALA E 127 -15.95 -15.20 -20.61
N THR E 128 -15.40 -15.46 -21.80
CA THR E 128 -14.88 -16.78 -22.12
C THR E 128 -13.42 -16.64 -22.55
N GLY E 129 -12.72 -17.76 -22.69
CA GLY E 129 -11.34 -17.70 -23.10
C GLY E 129 -10.56 -18.94 -22.76
N LYS E 130 -9.44 -19.14 -23.46
CA LYS E 130 -8.56 -20.28 -23.23
C LYS E 130 -7.14 -19.74 -23.19
N MET E 131 -6.39 -20.12 -22.15
CA MET E 131 -5.02 -19.68 -22.00
C MET E 131 -4.12 -20.89 -22.03
N LEU E 132 -2.83 -20.67 -22.26
CA LEU E 132 -1.87 -21.76 -22.26
C LEU E 132 -0.77 -21.37 -21.28
N ILE E 133 -0.75 -22.04 -20.13
CA ILE E 133 0.26 -21.78 -19.10
C ILE E 133 1.37 -22.79 -19.36
N ALA E 134 2.59 -22.31 -19.59
CA ALA E 134 3.68 -23.24 -19.87
C ALA E 134 4.83 -23.10 -18.89
N TYR E 135 5.47 -24.23 -18.59
CA TYR E 135 6.60 -24.28 -17.69
C TYR E 135 7.81 -24.77 -18.49
N THR E 136 8.83 -23.94 -18.59
CA THR E 136 10.03 -24.28 -19.34
C THR E 136 11.19 -24.67 -18.44
N PRO E 137 11.53 -25.97 -18.41
CA PRO E 137 12.63 -26.46 -17.58
C PRO E 137 13.93 -25.70 -17.86
N PRO E 138 14.93 -25.86 -16.98
CA PRO E 138 16.23 -25.18 -17.12
C PRO E 138 16.87 -25.27 -18.50
N GLY E 139 17.63 -24.23 -18.85
CA GLY E 139 18.29 -24.21 -20.13
C GLY E 139 17.46 -23.56 -21.22
N GLY E 140 16.15 -23.72 -21.13
CA GLY E 140 15.27 -23.14 -22.12
C GLY E 140 15.12 -21.64 -21.93
N PRO E 141 15.61 -20.83 -22.89
CA PRO E 141 15.48 -19.38 -22.75
C PRO E 141 14.00 -18.99 -22.81
N LEU E 142 13.69 -17.80 -22.32
CA LEU E 142 12.31 -17.33 -22.32
C LEU E 142 11.72 -17.52 -23.71
N PRO E 143 10.75 -18.44 -23.86
CA PRO E 143 10.12 -18.69 -25.16
C PRO E 143 9.66 -17.41 -25.85
N LYS E 144 10.11 -17.23 -27.09
CA LYS E 144 9.79 -16.05 -27.87
C LYS E 144 8.33 -15.98 -28.33
N ASP E 145 7.73 -17.15 -28.53
CA ASP E 145 6.33 -17.23 -28.95
C ASP E 145 5.64 -18.46 -28.37
N ARG E 146 4.32 -18.54 -28.53
CA ARG E 146 3.56 -19.66 -28.00
C ARG E 146 3.99 -21.00 -28.57
N ALA E 147 4.33 -21.01 -29.86
CA ALA E 147 4.75 -22.22 -30.54
C ALA E 147 6.02 -22.82 -29.94
N THR E 148 6.76 -22.00 -29.20
CA THR E 148 7.99 -22.44 -28.55
C THR E 148 7.70 -22.83 -27.11
N ALA E 149 6.81 -22.07 -26.46
CA ALA E 149 6.46 -22.32 -25.08
C ALA E 149 5.70 -23.64 -24.93
N MET E 150 4.88 -23.97 -25.91
CA MET E 150 4.10 -25.19 -25.85
C MET E 150 4.92 -26.46 -25.94
N LEU E 151 6.21 -26.34 -26.21
CA LEU E 151 7.08 -27.51 -26.31
C LEU E 151 7.50 -28.04 -24.94
N GLY E 152 7.20 -27.29 -23.89
CA GLY E 152 7.55 -27.71 -22.55
C GLY E 152 6.32 -28.16 -21.80
N THR E 153 6.44 -28.31 -20.48
CA THR E 153 5.30 -28.75 -19.68
C THR E 153 4.26 -27.64 -19.70
N HIS E 154 3.02 -27.99 -20.01
CA HIS E 154 1.99 -26.96 -20.05
C HIS E 154 0.58 -27.49 -19.82
N VAL E 155 -0.36 -26.54 -19.76
CA VAL E 155 -1.76 -26.87 -19.55
C VAL E 155 -2.63 -25.81 -20.24
N ILE E 156 -3.59 -26.25 -21.05
CA ILE E 156 -4.50 -25.33 -21.72
C ILE E 156 -5.67 -25.13 -20.76
N TRP E 157 -5.87 -23.90 -20.33
CA TRP E 157 -6.93 -23.54 -19.38
C TRP E 157 -8.17 -22.97 -20.06
N ASP E 158 -9.33 -23.57 -19.77
CA ASP E 158 -10.58 -23.10 -20.35
C ASP E 158 -11.43 -22.45 -19.25
N PHE E 159 -11.77 -21.17 -19.43
CA PHE E 159 -12.60 -20.46 -18.45
C PHE E 159 -14.01 -21.03 -18.43
N GLY E 160 -14.55 -21.24 -17.23
CA GLY E 160 -15.89 -21.79 -17.13
C GLY E 160 -16.37 -21.75 -15.69
N LEU E 161 -17.37 -22.58 -15.36
CA LEU E 161 -17.91 -22.63 -14.01
C LEU E 161 -16.77 -22.77 -13.00
N GLN E 162 -15.83 -23.65 -13.27
CA GLN E 162 -14.67 -23.85 -12.39
C GLN E 162 -13.74 -22.70 -12.74
N SER E 163 -13.74 -21.69 -11.89
CA SER E 163 -12.93 -20.48 -12.10
C SER E 163 -11.42 -20.65 -12.19
N SER E 164 -10.87 -21.63 -11.46
CA SER E 164 -9.43 -21.81 -11.45
C SER E 164 -8.88 -23.03 -12.16
N VAL E 165 -7.57 -23.02 -12.37
CA VAL E 165 -6.85 -24.12 -13.00
C VAL E 165 -5.51 -24.19 -12.29
N THR E 166 -4.94 -25.38 -12.19
CA THR E 166 -3.67 -25.54 -11.50
C THR E 166 -2.54 -25.97 -12.41
N LEU E 167 -1.47 -25.18 -12.43
CA LEU E 167 -0.31 -25.53 -13.22
C LEU E 167 0.63 -26.19 -12.23
N VAL E 168 0.97 -27.45 -12.47
CA VAL E 168 1.89 -28.11 -11.57
C VAL E 168 3.28 -27.99 -12.17
N ILE E 169 4.21 -27.43 -11.39
CA ILE E 169 5.59 -27.27 -11.81
C ILE E 169 6.29 -28.49 -11.23
N PRO E 170 6.29 -29.60 -11.98
CA PRO E 170 6.93 -30.83 -11.52
C PRO E 170 8.38 -30.66 -11.16
N TRP E 171 8.85 -31.43 -10.18
CA TRP E 171 10.22 -31.37 -9.77
C TRP E 171 11.09 -32.00 -10.85
N ILE E 172 11.68 -31.16 -11.68
CA ILE E 172 12.55 -31.63 -12.75
C ILE E 172 13.92 -31.00 -12.49
N SER E 173 14.75 -31.72 -11.75
CA SER E 173 16.07 -31.23 -11.39
C SER E 173 17.14 -32.27 -11.62
N ASN E 174 18.39 -31.84 -11.69
CA ASN E 174 19.50 -32.77 -11.88
C ASN E 174 19.96 -33.20 -10.49
N THR E 175 19.91 -32.28 -9.54
CA THR E 175 20.31 -32.54 -8.16
C THR E 175 19.09 -32.90 -7.30
N HIS E 176 19.30 -33.61 -6.20
CA HIS E 176 18.20 -33.98 -5.31
C HIS E 176 17.60 -32.78 -4.61
N TYR E 177 18.43 -31.78 -4.36
CA TYR E 177 18.00 -30.54 -3.72
C TYR E 177 18.52 -29.34 -4.50
N ARG E 178 17.87 -28.21 -4.31
CA ARG E 178 18.25 -26.97 -4.97
C ARG E 178 18.52 -25.94 -3.89
N ALA E 179 19.61 -25.19 -4.04
CA ALA E 179 19.90 -24.14 -3.09
C ALA E 179 19.21 -22.94 -3.73
N HIS E 180 19.06 -21.84 -3.02
CA HIS E 180 18.39 -20.69 -3.62
C HIS E 180 19.13 -20.16 -4.83
N ALA E 181 18.38 -19.95 -5.91
CA ALA E 181 18.95 -19.43 -7.15
C ALA E 181 19.05 -17.91 -7.13
N ARG E 182 20.19 -17.40 -7.57
CA ARG E 182 20.45 -15.96 -7.63
C ARG E 182 21.10 -15.75 -9.00
N ASP E 183 21.33 -14.49 -9.36
CA ASP E 183 21.97 -14.19 -10.63
C ASP E 183 23.42 -14.66 -10.56
N GLY E 184 23.97 -15.07 -11.70
CA GLY E 184 25.34 -15.53 -11.71
C GLY E 184 25.49 -17.03 -11.59
N VAL E 185 26.49 -17.45 -10.85
CA VAL E 185 26.78 -18.87 -10.66
C VAL E 185 25.65 -19.71 -10.08
N PHE E 186 24.94 -19.18 -9.08
CA PHE E 186 23.85 -19.94 -8.47
C PHE E 186 22.61 -20.04 -9.33
N ASP E 187 22.70 -19.58 -10.57
CA ASP E 187 21.58 -19.66 -11.50
C ASP E 187 21.56 -21.12 -11.97
N TYR E 188 22.50 -21.88 -11.43
CA TYR E 188 22.65 -23.31 -11.70
C TYR E 188 21.43 -24.04 -11.14
N TYR E 189 20.87 -23.47 -10.08
CA TYR E 189 19.73 -24.05 -9.40
C TYR E 189 18.40 -23.46 -9.84
N THR E 190 18.37 -22.81 -11.00
CA THR E 190 17.12 -22.23 -11.46
C THR E 190 16.13 -23.36 -11.74
N THR E 191 14.86 -23.07 -11.51
CA THR E 191 13.79 -24.04 -11.72
C THR E 191 13.27 -23.98 -13.14
N GLY E 192 13.27 -22.79 -13.71
CA GLY E 192 12.77 -22.62 -15.06
C GLY E 192 11.93 -21.36 -15.18
N LEU E 193 11.05 -21.32 -16.18
CA LEU E 193 10.21 -20.16 -16.41
C LEU E 193 8.76 -20.53 -16.65
N VAL E 194 7.86 -19.66 -16.22
CA VAL E 194 6.43 -19.88 -16.43
C VAL E 194 5.97 -18.73 -17.33
N SER E 195 5.07 -19.02 -18.27
CA SER E 195 4.57 -18.01 -19.18
C SER E 195 3.14 -18.28 -19.60
N ILE E 196 2.28 -17.27 -19.49
CA ILE E 196 0.88 -17.42 -19.87
C ILE E 196 0.66 -16.84 -21.27
N TRP E 197 0.04 -17.61 -22.15
CA TRP E 197 -0.25 -17.16 -23.51
C TRP E 197 -1.72 -17.30 -23.81
N TYR E 198 -2.21 -16.60 -24.84
CA TYR E 198 -3.61 -16.71 -25.20
C TYR E 198 -3.73 -17.91 -26.14
N GLN E 199 -4.47 -18.93 -25.73
CA GLN E 199 -4.63 -20.08 -26.60
C GLN E 199 -5.53 -19.64 -27.73
N THR E 200 -6.64 -19.01 -27.38
CA THR E 200 -7.57 -18.48 -28.38
C THR E 200 -7.70 -16.99 -28.16
N ASN E 201 -8.64 -16.57 -27.32
CA ASN E 201 -8.84 -15.15 -27.05
C ASN E 201 -9.88 -14.92 -25.96
N TYR E 202 -9.80 -13.76 -25.34
CA TYR E 202 -10.74 -13.36 -24.29
C TYR E 202 -11.94 -12.80 -25.04
N VAL E 203 -13.04 -13.55 -25.06
CA VAL E 203 -14.25 -13.12 -25.76
C VAL E 203 -15.34 -12.68 -24.79
N VAL E 204 -16.08 -11.63 -25.17
CA VAL E 204 -17.11 -11.10 -24.30
C VAL E 204 -18.22 -10.44 -25.13
N PRO E 205 -19.48 -10.40 -24.62
CA PRO E 205 -20.61 -9.80 -25.31
C PRO E 205 -20.64 -8.29 -25.12
N ILE E 206 -21.67 -7.63 -25.64
CA ILE E 206 -21.77 -6.19 -25.45
C ILE E 206 -22.35 -6.03 -24.04
N GLY E 207 -21.81 -5.08 -23.28
CA GLY E 207 -22.31 -4.87 -21.93
C GLY E 207 -21.43 -5.42 -20.84
N ALA E 208 -20.44 -6.21 -21.23
CA ALA E 208 -19.51 -6.79 -20.27
C ALA E 208 -18.13 -6.17 -20.44
N PRO E 209 -17.41 -5.95 -19.33
CA PRO E 209 -16.06 -5.35 -19.30
C PRO E 209 -15.07 -5.99 -20.27
N ASN E 210 -14.26 -5.16 -20.93
CA ASN E 210 -13.28 -5.66 -21.89
C ASN E 210 -11.96 -6.07 -21.25
N THR E 211 -11.85 -5.86 -19.94
CA THR E 211 -10.65 -6.21 -19.20
C THR E 211 -11.02 -6.89 -17.88
N ALA E 212 -10.42 -8.04 -17.63
CA ALA E 212 -10.65 -8.80 -16.40
C ALA E 212 -9.29 -9.14 -15.81
N TYR E 213 -9.26 -9.58 -14.56
CA TYR E 213 -8.00 -9.92 -13.93
C TYR E 213 -7.89 -11.36 -13.49
N ILE E 214 -6.66 -11.83 -13.34
CA ILE E 214 -6.38 -13.18 -12.90
C ILE E 214 -5.56 -13.08 -11.63
N ILE E 215 -5.86 -13.95 -10.66
CA ILE E 215 -5.12 -13.95 -9.40
C ILE E 215 -4.39 -15.28 -9.29
N ALA E 216 -3.08 -15.22 -9.11
CA ALA E 216 -2.29 -16.44 -9.00
C ALA E 216 -2.00 -16.76 -7.55
N LEU E 217 -2.24 -18.01 -7.16
CA LEU E 217 -1.98 -18.46 -5.80
C LEU E 217 -0.97 -19.59 -5.90
N ALA E 218 0.08 -19.55 -5.09
CA ALA E 218 1.11 -20.58 -5.16
C ALA E 218 1.42 -21.27 -3.84
N ALA E 219 1.83 -22.53 -3.96
CA ALA E 219 2.19 -23.36 -2.82
C ALA E 219 3.04 -24.53 -3.27
N ALA E 220 3.34 -25.44 -2.34
CA ALA E 220 4.15 -26.61 -2.63
C ALA E 220 3.31 -27.89 -2.65
N GLN E 221 3.87 -28.95 -3.21
CA GLN E 221 3.19 -30.23 -3.29
C GLN E 221 3.54 -31.08 -2.07
N LYS E 222 2.98 -32.27 -2.00
CA LYS E 222 3.23 -33.18 -0.88
C LYS E 222 4.65 -33.71 -0.81
N ASN E 223 5.39 -33.64 -1.92
CA ASN E 223 6.76 -34.14 -1.95
C ASN E 223 7.79 -33.06 -1.70
N PHE E 224 7.33 -31.88 -1.31
CA PHE E 224 8.21 -30.75 -1.04
C PHE E 224 8.87 -30.89 0.33
N THR E 225 10.16 -30.60 0.38
CA THR E 225 10.97 -30.70 1.58
C THR E 225 12.03 -29.61 1.60
N MET E 226 12.46 -29.20 2.78
CA MET E 226 13.50 -28.18 2.92
C MET E 226 14.53 -28.62 3.94
N LYS E 227 15.78 -28.16 3.79
CA LYS E 227 16.81 -28.52 4.75
C LYS E 227 17.89 -27.46 4.92
N LEU E 228 18.60 -27.54 6.05
CA LEU E 228 19.69 -26.62 6.38
C LEU E 228 19.22 -25.20 6.69
N CYS E 229 18.78 -25.00 7.93
CA CYS E 229 18.30 -23.70 8.41
C CYS E 229 19.33 -22.60 8.32
N LYS E 230 18.86 -21.40 7.96
CA LYS E 230 19.70 -20.22 7.86
C LYS E 230 18.78 -19.04 8.12
N ASP E 231 19.33 -17.82 8.13
CA ASP E 231 18.51 -16.64 8.36
C ASP E 231 18.01 -16.06 7.03
N THR E 232 16.82 -15.46 7.03
CA THR E 232 16.28 -14.88 5.81
C THR E 232 17.24 -13.81 5.32
N SER E 233 17.24 -13.58 4.01
CA SER E 233 18.11 -12.59 3.42
C SER E 233 17.89 -11.18 3.95
N HIS E 234 16.68 -10.89 4.43
CA HIS E 234 16.37 -9.55 4.94
C HIS E 234 16.07 -9.46 6.43
N ILE E 235 16.49 -8.35 7.03
CA ILE E 235 16.26 -8.08 8.45
C ILE E 235 15.45 -6.79 8.53
N LEU E 236 14.19 -6.92 8.93
CA LEU E 236 13.26 -5.80 9.02
C LEU E 236 13.53 -4.87 10.20
N GLN E 237 14.62 -4.12 10.09
CA GLN E 237 15.05 -3.20 11.14
C GLN E 237 16.18 -2.37 10.56
N THR E 238 16.23 -1.08 10.90
CA THR E 238 17.28 -0.20 10.41
C THR E 238 18.08 0.31 11.61
N ALA E 239 17.38 0.89 12.57
CA ALA E 239 18.01 1.39 13.77
C ALA E 239 17.47 0.53 14.90
N SER E 240 17.89 0.80 16.14
CA SER E 240 17.40 0.03 17.26
C SER E 240 15.89 0.17 17.32
N ILE E 241 15.20 -0.89 17.73
CA ILE E 241 13.75 -0.86 17.86
C ILE E 241 13.46 -0.33 19.26
N GLN E 242 12.71 0.76 19.33
CA GLN E 242 12.39 1.40 20.62
C GLN E 242 11.18 0.85 21.36
N HIS F 13 10.88 -40.16 41.35
CA HIS F 13 11.29 -40.27 39.93
C HIS F 13 11.81 -38.94 39.38
N GLU F 14 10.91 -38.13 38.83
CA GLU F 14 11.26 -36.84 38.26
C GLU F 14 10.02 -35.97 38.03
N ASN F 15 10.18 -34.66 38.13
CA ASN F 15 9.08 -33.71 37.93
C ASN F 15 8.64 -33.65 36.46
N SER F 16 7.33 -33.63 36.24
CA SER F 16 6.77 -33.56 34.89
C SER F 16 6.33 -32.12 34.63
N ASN F 17 7.30 -31.22 34.48
CA ASN F 17 7.01 -29.81 34.26
C ASN F 17 7.55 -29.19 32.97
N SER F 18 7.64 -29.97 31.90
CA SER F 18 8.11 -29.41 30.64
C SER F 18 6.90 -28.82 29.92
N ALA F 19 7.14 -27.93 28.98
CA ALA F 19 6.06 -27.28 28.24
C ALA F 19 5.26 -28.23 27.35
N THR F 20 5.82 -29.39 27.06
CA THR F 20 5.16 -30.37 26.21
C THR F 20 4.55 -31.53 26.97
N GLU F 21 4.28 -31.34 28.25
CA GLU F 21 3.69 -32.39 29.07
C GLU F 21 2.24 -32.58 28.65
N GLY F 22 1.85 -33.83 28.41
CA GLY F 22 0.49 -34.14 28.00
C GLY F 22 0.22 -33.83 26.54
N SER F 23 1.25 -33.99 25.71
CA SER F 23 1.13 -33.73 24.29
C SER F 23 1.07 -35.05 23.52
N THR F 24 0.26 -35.09 22.47
CA THR F 24 0.12 -36.28 21.65
C THR F 24 1.31 -36.44 20.71
N ILE F 25 2.51 -36.25 21.27
CA ILE F 25 3.76 -36.36 20.53
C ILE F 25 4.86 -36.89 21.46
N ASN F 26 5.64 -37.86 20.98
CA ASN F 26 6.71 -38.47 21.76
C ASN F 26 8.07 -37.80 21.58
N TYR F 27 8.81 -37.67 22.69
CA TYR F 27 10.13 -37.04 22.70
C TYR F 27 11.22 -37.92 23.32
N THR F 28 12.42 -37.85 22.76
CA THR F 28 13.58 -38.60 23.26
C THR F 28 14.58 -37.55 23.73
N THR F 29 14.58 -37.28 25.03
CA THR F 29 15.46 -36.26 25.60
C THR F 29 16.41 -36.77 26.67
N ILE F 30 17.39 -35.95 27.01
CA ILE F 30 18.38 -36.26 28.04
C ILE F 30 18.26 -35.19 29.14
N ASN F 31 18.47 -35.58 30.38
CA ASN F 31 18.36 -34.64 31.50
C ASN F 31 19.23 -35.11 32.68
N TYR F 32 19.65 -34.17 33.53
CA TYR F 32 20.47 -34.49 34.70
C TYR F 32 19.89 -33.85 35.96
N TYR F 33 18.79 -33.12 35.82
CA TYR F 33 18.16 -32.46 36.95
C TYR F 33 16.77 -33.04 37.20
N LYS F 34 16.17 -32.72 38.34
CA LYS F 34 14.86 -33.25 38.66
C LYS F 34 13.72 -32.56 37.93
N ASP F 35 13.97 -31.37 37.39
CA ASP F 35 12.94 -30.64 36.65
C ASP F 35 13.08 -30.96 35.16
N SER F 36 12.06 -31.56 34.57
CA SER F 36 12.13 -31.95 33.17
C SER F 36 12.17 -30.85 32.12
N TYR F 37 11.92 -29.60 32.52
CA TYR F 37 11.96 -28.53 31.53
C TYR F 37 13.41 -28.17 31.24
N ALA F 38 14.33 -28.81 31.94
CA ALA F 38 15.76 -28.59 31.78
C ALA F 38 16.35 -29.55 30.76
N ALA F 39 15.55 -30.54 30.37
CA ALA F 39 15.97 -31.56 29.41
C ALA F 39 16.31 -30.97 28.05
N THR F 40 17.02 -31.74 27.24
CA THR F 40 17.39 -31.28 25.90
C THR F 40 16.12 -31.21 25.06
N ALA F 41 16.21 -30.55 23.90
CA ALA F 41 15.05 -30.45 23.02
C ALA F 41 14.72 -31.84 22.51
N GLY F 42 15.77 -32.62 22.23
CA GLY F 42 15.59 -33.97 21.76
C GLY F 42 15.02 -34.10 20.36
N LYS F 43 14.70 -35.34 20.00
CA LYS F 43 14.14 -35.68 18.70
C LYS F 43 12.63 -35.76 18.92
N GLN F 44 11.83 -35.69 17.86
CA GLN F 44 10.39 -35.77 18.02
C GLN F 44 9.68 -36.58 16.94
N SER F 45 8.38 -36.80 17.15
CA SER F 45 7.56 -37.55 16.21
C SER F 45 7.22 -36.68 15.01
N LEU F 46 7.33 -37.25 13.81
CA LEU F 46 7.07 -36.52 12.59
C LEU F 46 5.67 -36.69 12.01
N LYS F 47 4.66 -36.22 12.72
CA LYS F 47 3.29 -36.30 12.24
C LYS F 47 2.95 -34.96 11.62
N GLN F 48 2.04 -34.95 10.66
CA GLN F 48 1.62 -33.72 9.99
C GLN F 48 0.15 -33.74 9.65
N ASP F 49 -0.46 -32.56 9.64
CA ASP F 49 -1.88 -32.43 9.32
C ASP F 49 -2.05 -31.26 8.35
N PRO F 50 -1.72 -31.47 7.07
CA PRO F 50 -1.85 -30.41 6.06
C PRO F 50 -3.28 -29.89 5.92
N ASP F 51 -4.23 -30.81 5.80
CA ASP F 51 -5.65 -30.48 5.62
C ASP F 51 -6.19 -29.42 6.58
N LYS F 52 -5.63 -29.38 7.78
CA LYS F 52 -6.07 -28.41 8.78
C LYS F 52 -6.02 -26.97 8.25
N PHE F 53 -5.02 -26.68 7.41
CA PHE F 53 -4.87 -25.33 6.86
C PHE F 53 -5.07 -25.27 5.35
N ALA F 54 -4.74 -26.36 4.67
CA ALA F 54 -4.84 -26.42 3.22
C ALA F 54 -6.17 -26.92 2.66
N ASN F 55 -6.92 -27.67 3.45
CA ASN F 55 -8.20 -28.20 2.97
C ASN F 55 -9.21 -28.32 4.12
N PRO F 56 -9.47 -27.22 4.84
CA PRO F 56 -10.42 -27.21 5.97
C PRO F 56 -11.89 -27.16 5.53
N VAL F 57 -12.20 -27.80 4.42
CA VAL F 57 -13.56 -27.83 3.89
C VAL F 57 -14.45 -28.78 4.68
N LYS F 58 -15.73 -28.44 4.81
CA LYS F 58 -16.67 -29.28 5.53
C LYS F 58 -16.95 -30.56 4.76
N ASP F 59 -17.36 -30.42 3.50
CA ASP F 59 -17.65 -31.55 2.63
C ASP F 59 -16.50 -31.76 1.65
N ILE F 60 -15.55 -32.61 2.02
CA ILE F 60 -14.38 -32.89 1.19
C ILE F 60 -14.76 -33.38 -0.21
N PHE F 61 -13.94 -33.02 -1.19
CA PHE F 61 -14.16 -33.42 -2.58
C PHE F 61 -12.88 -34.04 -3.15
N THR F 62 -13.04 -34.89 -4.17
CA THR F 62 -11.91 -35.55 -4.80
C THR F 62 -11.20 -34.59 -5.74
N GLU F 63 -10.00 -34.97 -6.20
CA GLU F 63 -9.26 -34.12 -7.11
C GLU F 63 -9.77 -34.34 -8.54
N MET F 64 -10.35 -35.52 -8.77
CA MET F 64 -10.88 -35.89 -10.07
C MET F 64 -12.21 -35.20 -10.34
N ALA F 65 -12.87 -34.77 -9.28
CA ALA F 65 -14.17 -34.12 -9.39
C ALA F 65 -14.06 -32.62 -9.67
N ALA F 66 -15.17 -32.05 -10.14
CA ALA F 66 -15.25 -30.63 -10.39
C ALA F 66 -15.73 -30.04 -9.07
N PRO F 67 -14.84 -29.33 -8.35
CA PRO F 67 -15.14 -28.72 -7.05
C PRO F 67 -16.57 -28.22 -6.86
N LEU F 68 -17.08 -27.44 -7.81
CA LEU F 68 -18.42 -26.91 -7.71
C LEU F 68 -19.42 -27.67 -8.58
N LYS F 69 -20.25 -28.48 -7.93
CA LYS F 69 -21.26 -29.27 -8.61
C LYS F 69 -22.64 -28.66 -8.36
C1 SPH G . 6.50 -9.25 24.70
O1 SPH G . 5.34 -8.54 24.25
C2 SPH G . 6.16 -10.75 24.78
N2 SPH G . 5.72 -11.20 23.47
C3 SPH G . 7.39 -11.58 25.27
O3 SPH G . 7.82 -11.12 26.56
C4 SPH G . 6.98 -13.06 25.33
C5 SPH G . 7.69 -14.07 25.86
C6 SPH G . 9.02 -13.89 26.52
C7 SPH G . 9.14 -14.91 27.67
C8 SPH G . 10.47 -14.66 28.35
C9 SPH G . 10.71 -15.57 29.56
C10 SPH G . 12.05 -15.06 30.10
C11 SPH G . 12.55 -15.78 31.35
C12 SPH G . 13.88 -15.10 31.70
C13 SPH G . 14.51 -15.71 32.93
C14 SPH G . 15.84 -15.00 33.22
C15 SPH G . 16.45 -15.66 34.46
C16 SPH G . 17.78 -15.02 34.83
C17 SPH G . 18.31 -15.74 36.08
C18 SPH G . 19.65 -15.14 36.49
NA NA H . 8.58 -41.20 1.14
NA NA I . -1.32 -29.31 -3.97
NA NA J . -10.46 -31.04 -9.64
NA NA K . 17.55 0.38 46.45
NA NA L . -13.72 -27.89 23.96
NA NA M . 24.61 -25.78 30.03
CL CL N . 15.07 -21.01 -5.72
#